data_2FII
# 
_entry.id   2FII 
# 
_audit_conform.dict_name       mmcif_pdbx.dic 
_audit_conform.dict_version    5.377 
_audit_conform.dict_location   http://mmcif.pdb.org/dictionaries/ascii/mmcif_pdbx.dic 
# 
loop_
_database_2.database_id 
_database_2.database_code 
_database_2.pdbx_database_accession 
_database_2.pdbx_DOI 
PDB   2FII         pdb_00002fii 10.2210/pdb2fii/pdb 
NDB   BD0092       ?            ?                   
RCSB  RCSB035917   ?            ?                   
WWPDB D_1000035917 ?            ?                   
# 
loop_
_pdbx_database_related.db_name 
_pdbx_database_related.db_id 
_pdbx_database_related.details 
_pdbx_database_related.content_type 
PDB 2FIH . unspecified 
PDB 2FIJ . unspecified 
PDB 2FIL . unspecified 
# 
_pdbx_database_status.status_code                     REL 
_pdbx_database_status.entry_id                        2FII 
_pdbx_database_status.recvd_initial_deposition_date   2005-12-29 
_pdbx_database_status.deposit_site                    RCSB 
_pdbx_database_status.process_site                    RCSB 
_pdbx_database_status.status_code_sf                  REL 
_pdbx_database_status.status_code_mr                  ? 
_pdbx_database_status.SG_entry                        ? 
_pdbx_database_status.status_code_cs                  ? 
_pdbx_database_status.pdb_format_compatible           Y 
_pdbx_database_status.status_code_nmr_data            ? 
_pdbx_database_status.methods_development_category    ? 
# 
loop_
_audit_author.name 
_audit_author.pdbx_ordinal 
'Egli, M.' 1 
'Li, F.'   2 
# 
_citation.id                        primary 
_citation.title                     
;2'-Fluoroarabino- and arabinonucleic acid show different conformations, resulting in deviating RNA affinities and processing of their heteroduplexes with RNA by RNase H.
;
_citation.journal_abbrev            Biochemistry 
_citation.journal_volume            45 
_citation.page_first                4141 
_citation.page_last                 4152 
_citation.year                      2006 
_citation.journal_id_ASTM           BICHAW 
_citation.country                   US 
_citation.journal_id_ISSN           0006-2960 
_citation.journal_id_CSD            0033 
_citation.book_publisher            ? 
_citation.pdbx_database_id_PubMed   16566588 
_citation.pdbx_database_id_DOI      10.1021/bi052322r 
# 
loop_
_citation_author.citation_id 
_citation_author.name 
_citation_author.ordinal 
_citation_author.identifier_ORCID 
primary 'Li, F.'        1 ? 
primary 'Sarkhel, S.'   2 ? 
primary 'Wilds, C.J.'   3 ? 
primary 'Wawrzak, Z.'   4 ? 
primary 'Prakash, T.P.' 5 ? 
primary 'Manoharan, M.' 6 ? 
primary 'Egli, M.'      7 ? 
# 
_cell.entry_id           2FII 
_cell.length_a           25.699 
_cell.length_b           39.915 
_cell.length_c           65.564 
_cell.angle_alpha        90.00 
_cell.angle_beta         90.00 
_cell.angle_gamma        90.00 
_cell.Z_PDB              8 
_cell.pdbx_unique_axis   ? 
_cell.length_a_esd       ? 
_cell.length_b_esd       ? 
_cell.length_c_esd       ? 
_cell.angle_alpha_esd    ? 
_cell.angle_beta_esd     ? 
_cell.angle_gamma_esd    ? 
# 
_symmetry.entry_id                         2FII 
_symmetry.space_group_name_H-M             'P 21 21 21' 
_symmetry.pdbx_full_space_group_name_H-M   ? 
_symmetry.cell_setting                     ? 
_symmetry.Int_Tables_number                19 
_symmetry.space_group_name_Hall            ? 
# 
loop_
_entity.id 
_entity.type 
_entity.src_method 
_entity.pdbx_description 
_entity.formula_weight 
_entity.pdbx_number_of_molecules 
_entity.pdbx_ec 
_entity.pdbx_mutation 
_entity.pdbx_fragment 
_entity.details 
1 polymer     syn "5'-D(*CP*GP*CP*GP*AP*AP*TP*(UAR)P*CP*GP*CP*G)-3'" 3665.365 2   ? 'Incorperated arabino-U at position 8' ? ? 
2 non-polymer syn 'MAGNESIUM ION'                                    24.305   1   ? ?                                      ? ? 
3 water       nat water                                              18.015   131 ? ?                                      ? ? 
# 
_entity_poly.entity_id                      1 
_entity_poly.type                           polydeoxyribonucleotide 
_entity_poly.nstd_linkage                   no 
_entity_poly.nstd_monomer                   yes 
_entity_poly.pdbx_seq_one_letter_code       '(DC)(DG)(DC)(DG)(DA)(DA)(DT)(UAR)(DC)(DG)(DC)(DG)' 
_entity_poly.pdbx_seq_one_letter_code_can   CGCGAATUCGCG 
_entity_poly.pdbx_strand_id                 A,B 
_entity_poly.pdbx_target_identifier         ? 
# 
loop_
_entity_poly_seq.entity_id 
_entity_poly_seq.num 
_entity_poly_seq.mon_id 
_entity_poly_seq.hetero 
1 1  DC  n 
1 2  DG  n 
1 3  DC  n 
1 4  DG  n 
1 5  DA  n 
1 6  DA  n 
1 7  DT  n 
1 8  UAR n 
1 9  DC  n 
1 10 DG  n 
1 11 DC  n 
1 12 DG  n 
# 
_struct_ref.id                         1 
_struct_ref.entity_id                  1 
_struct_ref.db_name                    PDB 
_struct_ref.db_code                    2FII 
_struct_ref.pdbx_db_accession          2FII 
_struct_ref.pdbx_align_begin           ? 
_struct_ref.pdbx_seq_one_letter_code   ? 
_struct_ref.pdbx_db_isoform            ? 
# 
loop_
_struct_ref_seq.align_id 
_struct_ref_seq.ref_id 
_struct_ref_seq.pdbx_PDB_id_code 
_struct_ref_seq.pdbx_strand_id 
_struct_ref_seq.seq_align_beg 
_struct_ref_seq.pdbx_seq_align_beg_ins_code 
_struct_ref_seq.seq_align_end 
_struct_ref_seq.pdbx_seq_align_end_ins_code 
_struct_ref_seq.pdbx_db_accession 
_struct_ref_seq.db_align_beg 
_struct_ref_seq.pdbx_db_align_beg_ins_code 
_struct_ref_seq.db_align_end 
_struct_ref_seq.pdbx_db_align_end_ins_code 
_struct_ref_seq.pdbx_auth_seq_align_beg 
_struct_ref_seq.pdbx_auth_seq_align_end 
1 1 2FII A 1 ? 12 ? 2FII 1   ? 12  ? 1   12  
2 1 2FII B 1 ? 12 ? 2FII 113 ? 124 ? 113 124 
# 
loop_
_chem_comp.id 
_chem_comp.type 
_chem_comp.mon_nstd_flag 
_chem_comp.name 
_chem_comp.pdbx_synonyms 
_chem_comp.formula 
_chem_comp.formula_weight 
DA  'DNA linking' y "2'-DEOXYADENOSINE-5'-MONOPHOSPHATE" ? 'C10 H14 N5 O6 P' 331.222 
DC  'DNA linking' y "2'-DEOXYCYTIDINE-5'-MONOPHOSPHATE"  ? 'C9 H14 N3 O7 P'  307.197 
DG  'DNA linking' y "2'-DEOXYGUANOSINE-5'-MONOPHOSPHATE" ? 'C10 H14 N5 O7 P' 347.221 
DT  'DNA linking' y "THYMIDINE-5'-MONOPHOSPHATE"         ? 'C10 H15 N2 O8 P' 322.208 
HOH non-polymer   . WATER                                ? 'H2 O'            18.015  
MG  non-polymer   . 'MAGNESIUM ION'                      ? 'Mg 2'            24.305  
UAR 'RNA linking' n 
;URACIL ARABINOSE-5'-PHOSPHATE
;
? 'C9 H13 N2 O9 P'  324.181 
# 
_exptl.entry_id          2FII 
_exptl.method            'X-RAY DIFFRACTION' 
_exptl.crystals_number   1 
# 
_exptl_crystal.id                    1 
_exptl_crystal.density_meas          ? 
_exptl_crystal.density_Matthews      2.20 
_exptl_crystal.density_percent_sol   44.03 
_exptl_crystal.description           ? 
_exptl_crystal.F_000                 ? 
_exptl_crystal.preparation           ? 
# 
_exptl_crystal_grow.crystal_id      1 
_exptl_crystal_grow.method          ? 
_exptl_crystal_grow.temp            291 
_exptl_crystal_grow.temp_details    ? 
_exptl_crystal_grow.pH              7.00 
_exptl_crystal_grow.pdbx_details    
;Final droplet composition: 0.6 mM oligonucleotide, 20mM sodium cacodylate, 6.3 mM Mg(OAc)2, and 3 mM spermine tetrahydrochloride., pH 7.0, VAPOR DIFFUSION, HANGING DROP, temperature 291K, pH 7.00
;
_exptl_crystal_grow.pdbx_pH_range   . 
# 
loop_
_exptl_crystal_grow_comp.crystal_id 
_exptl_crystal_grow_comp.id 
_exptl_crystal_grow_comp.sol_id 
_exptl_crystal_grow_comp.name 
_exptl_crystal_grow_comp.volume 
_exptl_crystal_grow_comp.conc 
_exptl_crystal_grow_comp.details 
1 1 1 'sodium cacodylate' ? ? ? 
1 2 1 'Mg(OAc)2'          ? ? ? 
1 3 1 spermine            ? ? ? 
1 4 1 tetrahydrochloride  ? ? ? 
1 5 1 H2O                 ? ? ? 
1 6 2 'sodium cacodylate' ? ? ? 
1 7 2 'Mg(OAc)2'          ? ? ? 
1 8 2 H2O                 ? ? ? 
# 
_diffrn.id                     1 
_diffrn.ambient_temp           103.0 
_diffrn.ambient_temp_details   ? 
_diffrn.crystal_id             1 
# 
_diffrn_detector.diffrn_id              1 
_diffrn_detector.detector               CCD 
_diffrn_detector.type                   MARRESEARCH 
_diffrn_detector.pdbx_collection_date   2002-07-06 
_diffrn_detector.details                ? 
# 
_diffrn_radiation.diffrn_id                        1 
_diffrn_radiation.wavelength_id                    1 
_diffrn_radiation.pdbx_monochromatic_or_laue_m_l   M 
_diffrn_radiation.monochromator                    ? 
_diffrn_radiation.pdbx_diffrn_protocol             'SINGLE WAVELENGTH' 
_diffrn_radiation.pdbx_scattering_type             x-ray 
# 
_diffrn_radiation_wavelength.id           1 
_diffrn_radiation_wavelength.wavelength   1.0 
_diffrn_radiation_wavelength.wt           1.0 
# 
_diffrn_source.diffrn_id                   1 
_diffrn_source.source                      SYNCHROTRON 
_diffrn_source.type                        'APS BEAMLINE 5ID-B' 
_diffrn_source.pdbx_synchrotron_site       APS 
_diffrn_source.pdbx_synchrotron_beamline   5ID-B 
_diffrn_source.pdbx_wavelength             1.0 
_diffrn_source.pdbx_wavelength_list        ? 
# 
_reflns.entry_id                     2FII 
_reflns.observed_criterion_sigma_I   0.000 
_reflns.observed_criterion_sigma_F   ? 
_reflns.d_resolution_low             30.000 
_reflns.d_resolution_high            1.240 
_reflns.number_obs                   19780 
_reflns.number_all                   ? 
_reflns.percent_possible_obs         99.8 
_reflns.pdbx_Rmerge_I_obs            0.077 
_reflns.pdbx_Rsym_value              ? 
_reflns.pdbx_netI_over_sigmaI        ? 
_reflns.B_iso_Wilson_estimate        ? 
_reflns.pdbx_redundancy              ? 
_reflns.R_free_details               ? 
_reflns.pdbx_chi_squared             ? 
_reflns.pdbx_scaling_rejects         ? 
_reflns.pdbx_ordinal                 1 
_reflns.pdbx_diffrn_id               1 
# 
_reflns_shell.d_res_high             1.24 
_reflns_shell.d_res_low              1.34 
_reflns_shell.percent_possible_all   99.5 
_reflns_shell.Rmerge_I_obs           0.168 
_reflns_shell.pdbx_Rsym_value        ? 
_reflns_shell.meanI_over_sigI_obs    ? 
_reflns_shell.pdbx_redundancy        ? 
_reflns_shell.percent_possible_obs   ? 
_reflns_shell.number_unique_all      ? 
_reflns_shell.number_measured_all    ? 
_reflns_shell.number_measured_obs    ? 
_reflns_shell.number_unique_obs      ? 
_reflns_shell.pdbx_chi_squared       ? 
_reflns_shell.pdbx_ordinal           1 
_reflns_shell.pdbx_diffrn_id         1 
# 
_refine.entry_id                                 2FII 
_refine.ls_number_reflns_obs                     ? 
_refine.ls_number_reflns_all                     19728 
_refine.pdbx_ls_sigma_I                          ? 
_refine.pdbx_ls_sigma_F                          0.000 
_refine.pdbx_data_cutoff_high_absF               ? 
_refine.pdbx_data_cutoff_low_absF                ? 
_refine.pdbx_data_cutoff_high_rms_absF           ? 
_refine.ls_d_res_low                             30.00 
_refine.ls_d_res_high                            1.24 
_refine.ls_percent_reflns_obs                    ? 
_refine.ls_R_factor_obs                          0.155 
_refine.ls_R_factor_all                          0.158 
_refine.ls_R_factor_R_work                       ? 
_refine.ls_R_factor_R_free                       0.212 
_refine.ls_R_factor_R_free_error                 ? 
_refine.ls_R_factor_R_free_error_details         ? 
_refine.ls_percent_reflns_R_free                 5.0 
_refine.ls_number_reflns_R_free                  985 
_refine.ls_number_parameters                     ? 
_refine.ls_number_restraints                     15316 
_refine.occupancy_min                            ? 
_refine.occupancy_max                            ? 
_refine.correlation_coeff_Fo_to_Fc               ? 
_refine.correlation_coeff_Fo_to_Fc_free          ? 
_refine.B_iso_mean                               ? 
_refine.aniso_B[1][1]                            ? 
_refine.aniso_B[2][2]                            ? 
_refine.aniso_B[3][3]                            ? 
_refine.aniso_B[1][2]                            ? 
_refine.aniso_B[1][3]                            ? 
_refine.aniso_B[2][3]                            ? 
_refine.solvent_model_details                    ? 
_refine.solvent_model_param_ksol                 ? 
_refine.solvent_model_param_bsol                 ? 
_refine.pdbx_solvent_vdw_probe_radii             ? 
_refine.pdbx_solvent_ion_probe_radii             ? 
_refine.pdbx_solvent_shrinkage_radii             ? 
_refine.pdbx_ls_cross_valid_method               ? 
_refine.details                                  ? 
_refine.pdbx_starting_model                      'NDB entry BDL084/PDB entry 355D' 
_refine.pdbx_method_to_determine_struct          'MOLECULAR REPLACEMENT' 
_refine.pdbx_isotropic_thermal_model             ? 
_refine.pdbx_stereochemistry_target_values       ? 
_refine.pdbx_stereochem_target_val_spec_case     ? 
_refine.pdbx_R_Free_selection_details            RANDOM 
_refine.pdbx_overall_ESU_R                       ? 
_refine.pdbx_overall_ESU_R_Free                  ? 
_refine.overall_SU_ML                            ? 
_refine.overall_SU_B                             ? 
_refine.ls_redundancy_reflns_obs                 ? 
_refine.overall_SU_R_Cruickshank_DPI             ? 
_refine.overall_SU_R_free                        ? 
_refine.ls_wR_factor_R_free                      ? 
_refine.ls_wR_factor_R_work                      ? 
_refine.overall_FOM_free_R_set                   ? 
_refine.overall_FOM_work_R_set                   ? 
_refine.pdbx_refine_id                           'X-RAY DIFFRACTION' 
_refine.pdbx_overall_phase_error                 ? 
_refine.pdbx_diffrn_id                           1 
_refine.pdbx_TLS_residual_ADP_flag               ? 
_refine.pdbx_overall_SU_R_free_Cruickshank_DPI   ? 
_refine.pdbx_overall_SU_R_Blow_DPI               ? 
_refine.pdbx_overall_SU_R_free_Blow_DPI          ? 
# 
_refine_hist.pdbx_refine_id                   'X-RAY DIFFRACTION' 
_refine_hist.cycle_id                         LAST 
_refine_hist.pdbx_number_atoms_protein        0 
_refine_hist.pdbx_number_atoms_nucleic_acid   486 
_refine_hist.pdbx_number_atoms_ligand         1 
_refine_hist.number_atoms_solvent             131 
_refine_hist.number_atoms_total               618 
_refine_hist.d_res_high                       1.24 
_refine_hist.d_res_low                        30.00 
# 
_pdbx_refine.entry_id                                    2FII 
_pdbx_refine.R_factor_all_no_cutoff                      0.158 
_pdbx_refine.R_factor_obs_no_cutoff                      0.155 
_pdbx_refine.free_R_factor_no_cutoff                     0.212 
_pdbx_refine.free_R_val_test_set_size_perc_no_cutoff     5.0 
_pdbx_refine.free_R_val_test_set_ct_no_cutoff            985 
_pdbx_refine.R_factor_all_4sig_cutoff                    0.156 
_pdbx_refine.R_factor_obs_4sig_cutoff                    0.208 
_pdbx_refine.free_R_factor_4sig_cutoff                   0.153 
_pdbx_refine.free_R_val_test_set_size_perc_4sig_cutoff   5.0 
_pdbx_refine.free_R_val_test_set_ct_4sig_cutoff          934 
_pdbx_refine.number_reflns_obs_4sig_cutoff               18604 
_pdbx_refine.pdbx_refine_id                              'X-RAY DIFFRACTION' 
_pdbx_refine.free_R_error_no_cutoff                      ? 
# 
_struct.entry_id                  2FII 
_struct.title                     
'Crystal Structure Analysis of the B-DNA Dodecamer CGCGAAT-aU-CGCG, with Incorporated Arabino-Uridin (aU)' 
_struct.pdbx_model_details        ? 
_struct.pdbx_CASP_flag            ? 
_struct.pdbx_model_type_details   ? 
# 
_struct_keywords.entry_id        2FII 
_struct_keywords.pdbx_keywords   DNA 
_struct_keywords.text            'Arabinonucleic Acid, Sugar Modifications, B-form DNA, DNA' 
# 
loop_
_struct_asym.id 
_struct_asym.pdbx_blank_PDB_chainid_flag 
_struct_asym.pdbx_modified 
_struct_asym.entity_id 
_struct_asym.details 
A N N 1 ? 
B N N 1 ? 
C N N 2 ? 
D N N 3 ? 
E N N 3 ? 
# 
_struct_biol.id   1 
# 
loop_
_struct_conn.id 
_struct_conn.conn_type_id 
_struct_conn.pdbx_leaving_atom_flag 
_struct_conn.pdbx_PDB_id 
_struct_conn.ptnr1_label_asym_id 
_struct_conn.ptnr1_label_comp_id 
_struct_conn.ptnr1_label_seq_id 
_struct_conn.ptnr1_label_atom_id 
_struct_conn.pdbx_ptnr1_label_alt_id 
_struct_conn.pdbx_ptnr1_PDB_ins_code 
_struct_conn.pdbx_ptnr1_standard_comp_id 
_struct_conn.ptnr1_symmetry 
_struct_conn.ptnr2_label_asym_id 
_struct_conn.ptnr2_label_comp_id 
_struct_conn.ptnr2_label_seq_id 
_struct_conn.ptnr2_label_atom_id 
_struct_conn.pdbx_ptnr2_label_alt_id 
_struct_conn.pdbx_ptnr2_PDB_ins_code 
_struct_conn.ptnr1_auth_asym_id 
_struct_conn.ptnr1_auth_comp_id 
_struct_conn.ptnr1_auth_seq_id 
_struct_conn.ptnr2_auth_asym_id 
_struct_conn.ptnr2_auth_comp_id 
_struct_conn.ptnr2_auth_seq_id 
_struct_conn.ptnr2_symmetry 
_struct_conn.pdbx_ptnr3_label_atom_id 
_struct_conn.pdbx_ptnr3_label_seq_id 
_struct_conn.pdbx_ptnr3_label_comp_id 
_struct_conn.pdbx_ptnr3_label_asym_id 
_struct_conn.pdbx_ptnr3_label_alt_id 
_struct_conn.pdbx_ptnr3_PDB_ins_code 
_struct_conn.details 
_struct_conn.pdbx_dist_value 
_struct_conn.pdbx_value_order 
_struct_conn.pdbx_role 
covale1  covale both ? A DT  7  "O3'" ? ? ? 1_555 A UAR 8  P  ? ? A DT  7   A UAR 8   1_555 ? ? ? ? ? ? ?            1.578 ? ? 
covale2  covale both ? A UAR 8  "O3'" ? ? ? 1_555 A DC  9  P  ? ? A UAR 8   A DC  9   1_555 ? ? ? ? ? ? ?            1.613 ? ? 
covale3  covale both ? B DT  7  "O3'" ? ? ? 1_555 B UAR 8  P  ? ? B DT  119 B UAR 120 1_555 ? ? ? ? ? ? ?            1.585 ? ? 
covale4  covale both ? B UAR 8  "O3'" ? ? ? 1_555 B DC  9  P  ? ? B UAR 120 B DC  121 1_555 ? ? ? ? ? ? ?            1.578 ? ? 
metalc1  metalc ?    ? D HOH .  O     ? ? ? 1_555 C MG  .  MG ? ? A HOH 204 A MG  310 1_555 ? ? ? ? ? ? ?            2.085 ? ? 
metalc2  metalc ?    ? D HOH .  O     ? ? ? 1_555 C MG  .  MG ? ? A HOH 205 A MG  310 1_555 ? ? ? ? ? ? ?            2.056 ? ? 
metalc3  metalc ?    ? D HOH .  O     ? ? ? 3_546 C MG  .  MG ? ? A HOH 220 A MG  310 1_555 ? ? ? ? ? ? ?            2.061 ? ? 
metalc4  metalc ?    ? D HOH .  O     ? ? ? 3_546 C MG  .  MG ? ? A HOH 229 A MG  310 1_555 ? ? ? ? ? ? ?            2.084 ? ? 
metalc5  metalc ?    ? D HOH .  O     ? ? ? 3_546 C MG  .  MG ? ? A HOH 230 A MG  310 1_555 ? ? ? ? ? ? ?            2.069 ? ? 
metalc6  metalc ?    ? C MG  .  MG    ? ? ? 1_555 E HOH .  O  ? ? A MG  310 B HOH 206 1_555 ? ? ? ? ? ? ?            2.066 ? ? 
hydrog1  hydrog ?    ? A DC  1  N3    ? ? ? 1_555 B DG  12 N1 ? ? A DC  1   B DG  124 1_555 ? ? ? ? ? ? WATSON-CRICK ?     ? ? 
hydrog2  hydrog ?    ? A DC  1  N4    ? ? ? 1_555 B DG  12 O6 ? ? A DC  1   B DG  124 1_555 ? ? ? ? ? ? WATSON-CRICK ?     ? ? 
hydrog3  hydrog ?    ? A DC  1  O2    ? ? ? 1_555 B DG  12 N2 ? ? A DC  1   B DG  124 1_555 ? ? ? ? ? ? WATSON-CRICK ?     ? ? 
hydrog4  hydrog ?    ? A DG  2  N1    ? ? ? 1_555 B DC  11 N3 ? ? A DG  2   B DC  123 1_555 ? ? ? ? ? ? WATSON-CRICK ?     ? ? 
hydrog5  hydrog ?    ? A DG  2  N2    ? ? ? 1_555 B DC  11 O2 ? ? A DG  2   B DC  123 1_555 ? ? ? ? ? ? WATSON-CRICK ?     ? ? 
hydrog6  hydrog ?    ? A DG  2  O6    ? ? ? 1_555 B DC  11 N4 ? ? A DG  2   B DC  123 1_555 ? ? ? ? ? ? WATSON-CRICK ?     ? ? 
hydrog7  hydrog ?    ? A DC  3  N3    ? ? ? 1_555 B DG  10 N1 ? ? A DC  3   B DG  122 1_555 ? ? ? ? ? ? WATSON-CRICK ?     ? ? 
hydrog8  hydrog ?    ? A DC  3  N4    ? ? ? 1_555 B DG  10 O6 ? ? A DC  3   B DG  122 1_555 ? ? ? ? ? ? WATSON-CRICK ?     ? ? 
hydrog9  hydrog ?    ? A DC  3  O2    ? ? ? 1_555 B DG  10 N2 ? ? A DC  3   B DG  122 1_555 ? ? ? ? ? ? WATSON-CRICK ?     ? ? 
hydrog10 hydrog ?    ? A DG  4  N1    ? ? ? 1_555 B DC  9  N3 ? ? A DG  4   B DC  121 1_555 ? ? ? ? ? ? WATSON-CRICK ?     ? ? 
hydrog11 hydrog ?    ? A DG  4  N2    ? ? ? 1_555 B DC  9  O2 ? ? A DG  4   B DC  121 1_555 ? ? ? ? ? ? WATSON-CRICK ?     ? ? 
hydrog12 hydrog ?    ? A DG  4  O6    ? ? ? 1_555 B DC  9  N4 ? ? A DG  4   B DC  121 1_555 ? ? ? ? ? ? WATSON-CRICK ?     ? ? 
hydrog13 hydrog ?    ? A DA  5  N1    ? ? ? 1_555 B UAR 8  N3 ? ? A DA  5   B UAR 120 1_555 ? ? ? ? ? ? WATSON-CRICK ?     ? ? 
hydrog14 hydrog ?    ? A DA  5  N6    ? ? ? 1_555 B UAR 8  O4 ? ? A DA  5   B UAR 120 1_555 ? ? ? ? ? ? WATSON-CRICK ?     ? ? 
hydrog15 hydrog ?    ? A DA  6  N1    ? ? ? 1_555 B DT  7  N3 ? ? A DA  6   B DT  119 1_555 ? ? ? ? ? ? WATSON-CRICK ?     ? ? 
hydrog16 hydrog ?    ? A DA  6  N6    ? ? ? 1_555 B DT  7  O4 ? ? A DA  6   B DT  119 1_555 ? ? ? ? ? ? WATSON-CRICK ?     ? ? 
hydrog17 hydrog ?    ? A DT  7  N3    ? ? ? 1_555 B DA  6  N1 ? ? A DT  7   B DA  118 1_555 ? ? ? ? ? ? WATSON-CRICK ?     ? ? 
hydrog18 hydrog ?    ? A DT  7  O4    ? ? ? 1_555 B DA  6  N6 ? ? A DT  7   B DA  118 1_555 ? ? ? ? ? ? WATSON-CRICK ?     ? ? 
hydrog19 hydrog ?    ? A UAR 8  N3    ? ? ? 1_555 B DA  5  N1 ? ? A UAR 8   B DA  117 1_555 ? ? ? ? ? ? WATSON-CRICK ?     ? ? 
hydrog20 hydrog ?    ? A UAR 8  O4    ? ? ? 1_555 B DA  5  N6 ? ? A UAR 8   B DA  117 1_555 ? ? ? ? ? ? WATSON-CRICK ?     ? ? 
hydrog21 hydrog ?    ? A DC  9  N3    ? ? ? 1_555 B DG  4  N1 ? ? A DC  9   B DG  116 1_555 ? ? ? ? ? ? WATSON-CRICK ?     ? ? 
hydrog22 hydrog ?    ? A DC  9  N4    ? ? ? 1_555 B DG  4  O6 ? ? A DC  9   B DG  116 1_555 ? ? ? ? ? ? WATSON-CRICK ?     ? ? 
hydrog23 hydrog ?    ? A DC  9  O2    ? ? ? 1_555 B DG  4  N2 ? ? A DC  9   B DG  116 1_555 ? ? ? ? ? ? WATSON-CRICK ?     ? ? 
hydrog24 hydrog ?    ? A DG  10 N1    ? ? ? 1_555 B DC  3  N3 ? ? A DG  10  B DC  115 1_555 ? ? ? ? ? ? WATSON-CRICK ?     ? ? 
hydrog25 hydrog ?    ? A DG  10 N2    ? ? ? 1_555 B DC  3  O2 ? ? A DG  10  B DC  115 1_555 ? ? ? ? ? ? WATSON-CRICK ?     ? ? 
hydrog26 hydrog ?    ? A DG  10 O6    ? ? ? 1_555 B DC  3  N4 ? ? A DG  10  B DC  115 1_555 ? ? ? ? ? ? WATSON-CRICK ?     ? ? 
hydrog27 hydrog ?    ? A DC  11 N3    ? ? ? 1_555 B DG  2  N1 ? ? A DC  11  B DG  114 1_555 ? ? ? ? ? ? WATSON-CRICK ?     ? ? 
hydrog28 hydrog ?    ? A DC  11 N4    ? ? ? 1_555 B DG  2  O6 ? ? A DC  11  B DG  114 1_555 ? ? ? ? ? ? WATSON-CRICK ?     ? ? 
hydrog29 hydrog ?    ? A DC  11 O2    ? ? ? 1_555 B DG  2  N2 ? ? A DC  11  B DG  114 1_555 ? ? ? ? ? ? WATSON-CRICK ?     ? ? 
hydrog30 hydrog ?    ? A DG  12 N1    ? ? ? 1_555 B DC  1  N3 ? ? A DG  12  B DC  113 1_555 ? ? ? ? ? ? WATSON-CRICK ?     ? ? 
hydrog31 hydrog ?    ? A DG  12 N2    ? ? ? 1_555 B DC  1  O2 ? ? A DG  12  B DC  113 1_555 ? ? ? ? ? ? WATSON-CRICK ?     ? ? 
hydrog32 hydrog ?    ? A DG  12 O6    ? ? ? 1_555 B DC  1  N4 ? ? A DG  12  B DC  113 1_555 ? ? ? ? ? ? WATSON-CRICK ?     ? ? 
# 
loop_
_struct_conn_type.id 
_struct_conn_type.criteria 
_struct_conn_type.reference 
covale ? ? 
metalc ? ? 
hydrog ? ? 
# 
_struct_site.id                   AC1 
_struct_site.pdbx_evidence_code   Software 
_struct_site.pdbx_auth_asym_id    A 
_struct_site.pdbx_auth_comp_id    MG 
_struct_site.pdbx_auth_seq_id     310 
_struct_site.pdbx_auth_ins_code   ? 
_struct_site.pdbx_num_residues    6 
_struct_site.details              'BINDING SITE FOR RESIDUE MG A 310' 
# 
loop_
_struct_site_gen.id 
_struct_site_gen.site_id 
_struct_site_gen.pdbx_num_res 
_struct_site_gen.label_comp_id 
_struct_site_gen.label_asym_id 
_struct_site_gen.label_seq_id 
_struct_site_gen.pdbx_auth_ins_code 
_struct_site_gen.auth_comp_id 
_struct_site_gen.auth_asym_id 
_struct_site_gen.auth_seq_id 
_struct_site_gen.label_atom_id 
_struct_site_gen.label_alt_id 
_struct_site_gen.symmetry 
_struct_site_gen.details 
1 AC1 6 HOH D . ? HOH A 204 . ? 1_555 ? 
2 AC1 6 HOH D . ? HOH A 205 . ? 1_555 ? 
3 AC1 6 HOH D . ? HOH A 220 . ? 3_546 ? 
4 AC1 6 HOH D . ? HOH A 229 . ? 3_546 ? 
5 AC1 6 HOH D . ? HOH A 230 . ? 3_546 ? 
6 AC1 6 HOH E . ? HOH B 206 . ? 1_555 ? 
# 
_atom_sites.entry_id                    2FII 
_atom_sites.fract_transf_matrix[1][1]   0.01838862 
_atom_sites.fract_transf_matrix[1][2]   0.02718952 
_atom_sites.fract_transf_matrix[1][3]   0.02089815 
_atom_sites.fract_transf_matrix[2][1]   0.01573869 
_atom_sites.fract_transf_matrix[2][2]   0.00401619 
_atom_sites.fract_transf_matrix[2][3]   -0.01907398 
_atom_sites.fract_transf_matrix[3][1]   -0.00942696 
_atom_sites.fract_transf_matrix[3][2]   0.01063337 
_atom_sites.fract_transf_matrix[3][3]   -0.00553961 
_atom_sites.fract_transf_vector[1]      -0.087408 
_atom_sites.fract_transf_vector[2]      -0.519163 
_atom_sites.fract_transf_vector[3]      0.636779 
# 
loop_
_atom_type.symbol 
C  
MG 
N  
O  
P  
# 
loop_
_atom_site.group_PDB 
_atom_site.id 
_atom_site.type_symbol 
_atom_site.label_atom_id 
_atom_site.label_alt_id 
_atom_site.label_comp_id 
_atom_site.label_asym_id 
_atom_site.label_entity_id 
_atom_site.label_seq_id 
_atom_site.pdbx_PDB_ins_code 
_atom_site.Cartn_x 
_atom_site.Cartn_y 
_atom_site.Cartn_z 
_atom_site.occupancy 
_atom_site.B_iso_or_equiv 
_atom_site.pdbx_formal_charge 
_atom_site.auth_seq_id 
_atom_site.auth_comp_id 
_atom_site.auth_asym_id 
_atom_site.auth_atom_id 
_atom_site.pdbx_PDB_model_num 
ATOM   1   O  "O5'" . DC  A 1 1  ? -20.267 4.066   2.080   1.00 35.70 ? 1   DC  A "O5'" 1 
ATOM   2   C  "C5'" . DC  A 1 1  ? -19.308 5.006   1.603   1.00 26.88 ? 1   DC  A "C5'" 1 
ATOM   3   C  "C4'" . DC  A 1 1  ? -18.963 4.622   0.189   1.00 24.70 ? 1   DC  A "C4'" 1 
ATOM   4   O  "O4'" . DC  A 1 1  ? -18.337 5.710   -0.508  1.00 23.46 ? 1   DC  A "O4'" 1 
ATOM   5   C  "C3'" . DC  A 1 1  ? -17.964 3.456   0.069   1.00 24.83 ? 1   DC  A "C3'" 1 
ATOM   6   O  "O3'" . DC  A 1 1  ? -18.427 2.638   -1.018  1.00 30.41 ? 1   DC  A "O3'" 1 
ATOM   7   C  "C2'" . DC  A 1 1  ? -16.661 4.096   -0.144  1.00 24.56 ? 1   DC  A "C2'" 1 
ATOM   8   C  "C1'" . DC  A 1 1  ? -16.990 5.251   -1.000  1.00 22.31 ? 1   DC  A "C1'" 1 
ATOM   9   N  N1    . DC  A 1 1  ? -16.203 6.460   -0.939  1.00 20.60 ? 1   DC  A N1    1 
ATOM   10  C  C2    . DC  A 1 1  ? -15.918 7.159   -2.124  1.00 20.65 ? 1   DC  A C2    1 
ATOM   11  O  O2    . DC  A 1 1  ? -16.371 6.686   -3.185  1.00 23.73 ? 1   DC  A O2    1 
ATOM   12  N  N3    . DC  A 1 1  ? -15.179 8.276   -2.084  1.00 20.00 ? 1   DC  A N3    1 
ATOM   13  C  C4    . DC  A 1 1  ? -14.724 8.732   -0.899  1.00 20.73 ? 1   DC  A C4    1 
ATOM   14  N  N4    . DC  A 1 1  ? -14.002 9.847   -0.898  1.00 21.36 ? 1   DC  A N4    1 
ATOM   15  C  C5    . DC  A 1 1  ? -14.989 8.046   0.312   1.00 21.46 ? 1   DC  A C5    1 
ATOM   16  C  C6    . DC  A 1 1  ? -15.718 6.949   0.254   1.00 20.98 ? 1   DC  A C6    1 
ATOM   17  P  P     . DG  A 1 2  ? -17.798 1.183   -1.355  1.00 33.85 ? 2   DG  A P     1 
ATOM   18  O  OP1   . DG  A 1 2  ? -18.864 0.385   -1.990  1.00 41.66 ? 2   DG  A OP1   1 
ATOM   19  O  OP2   . DG  A 1 2  ? -17.020 0.807   -0.157  1.00 37.21 ? 2   DG  A OP2   1 
ATOM   20  O  "O5'" . DG  A 1 2  ? -16.652 1.483   -2.437  1.00 31.76 ? 2   DG  A "O5'" 1 
ATOM   21  C  "C5'" . DG  A 1 2  ? -17.179 1.832   -3.715  1.00 30.69 ? 2   DG  A "C5'" 1 
ATOM   22  C  "C4'" . DG  A 1 2  ? -16.020 1.881   -4.674  1.00 25.56 ? 2   DG  A "C4'" 1 
ATOM   23  O  "O4'" . DG  A 1 2  ? -15.312 3.104   -4.451  1.00 29.04 ? 2   DG  A "O4'" 1 
ATOM   24  C  "C3'" . DG  A 1 2  ? -14.972 0.766   -4.535  1.00 25.20 ? 2   DG  A "C3'" 1 
ATOM   25  O  "O3'" . DG  A 1 2  ? -14.751 0.286   -5.880  1.00 29.12 ? 2   DG  A "O3'" 1 
ATOM   26  C  "C2'" . DG  A 1 2  ? -13.822 1.386   -3.899  1.00 24.81 ? 2   DG  A "C2'" 1 
ATOM   27  C  "C1'" . DG  A 1 2  ? -13.834 2.761   -4.324  1.00 24.08 ? 2   DG  A "C1'" 1 
ATOM   28  N  N9    . DG  A 1 2  ? -13.382 3.832   -3.443  1.00 21.56 ? 2   DG  A N9    1 
ATOM   29  C  C8    . DG  A 1 2  ? -13.438 3.823   -2.080  1.00 21.64 ? 2   DG  A C8    1 
ATOM   30  N  N7    . DG  A 1 2  ? -12.957 4.932   -1.541  1.00 19.54 ? 2   DG  A N7    1 
ATOM   31  C  C5    . DG  A 1 2  ? -12.573 5.686   -2.645  1.00 18.50 ? 2   DG  A C5    1 
ATOM   32  C  C6    . DG  A 1 2  ? -11.991 6.967   -2.723  1.00 18.48 ? 2   DG  A C6    1 
ATOM   33  O  O6    . DG  A 1 2  ? -11.675 7.749   -1.803  1.00 19.97 ? 2   DG  A O6    1 
ATOM   34  N  N1    . DG  A 1 2  ? -11.772 7.350   -4.041  1.00 18.31 ? 2   DG  A N1    1 
ATOM   35  C  C2    . DG  A 1 2  ? -12.060 6.620   -5.164  1.00 18.58 ? 2   DG  A C2    1 
ATOM   36  N  N2    . DG  A 1 2  ? -11.778 7.145   -6.361  1.00 19.74 ? 2   DG  A N2    1 
ATOM   37  N  N3    . DG  A 1 2  ? -12.604 5.423   -5.090  1.00 19.20 ? 2   DG  A N3    1 
ATOM   38  C  C4    . DG  A 1 2  ? -12.830 5.026   -3.814  1.00 19.09 ? 2   DG  A C4    1 
ATOM   39  P  P     . DC  A 1 3  ? -13.843 -0.961  -6.203  1.00 27.64 ? 3   DC  A P     1 
ATOM   40  O  OP1   . DC  A 1 3  ? -14.603 -1.764  -7.190  1.00 33.46 ? 3   DC  A OP1   1 
ATOM   41  O  OP2   . DC  A 1 3  ? -13.319 -1.596  -4.974  1.00 36.22 ? 3   DC  A OP2   1 
ATOM   42  O  "O5'" . DC  A 1 3  ? -12.565 -0.296  -6.901  1.00 28.00 ? 3   DC  A "O5'" 1 
ATOM   43  C  "C5'" . DC  A 1 3  ? -12.791 0.453   -8.091  1.00 25.93 ? 3   DC  A "C5'" 1 
ATOM   44  C  "C4'" . DC  A 1 3  ? -11.610 1.400   -8.242  1.00 22.26 ? 3   DC  A "C4'" 1 
ATOM   45  O  "O4'" . DC  A 1 3  ? -11.623 2.302   -7.166  1.00 22.36 ? 3   DC  A "O4'" 1 
ATOM   46  C  "C3'" . DC  A 1 3  ? -10.204 0.784   -8.170  1.00 24.67 ? 3   DC  A "C3'" 1 
ATOM   47  O  "O3'" . DC  A 1 3  ? -9.825  0.345   -9.462  1.00 30.96 ? 3   DC  A "O3'" 1 
ATOM   48  C  "C2'" . DC  A 1 3  ? -9.327  1.863   -7.706  1.00 29.52 ? 3   DC  A "C2'" 1 
ATOM   49  C  "C1'" . DC  A 1 3  ? -10.173 2.814   -7.036  1.00 24.61 ? 3   DC  A "C1'" 1 
ATOM   50  N  N1    . DC  A 1 3  ? -10.087 3.004   -5.594  1.00 22.20 ? 3   DC  A N1    1 
ATOM   51  C  C2    . DC  A 1 3  ? -9.528  4.211   -5.169  1.00 20.32 ? 3   DC  A C2    1 
ATOM   52  O  O2    . DC  A 1 3  ? -9.190  5.020   -6.049  1.00 21.09 ? 3   DC  A O2    1 
ATOM   53  N  N3    . DC  A 1 3  ? -9.420  4.468   -3.855  1.00 19.43 ? 3   DC  A N3    1 
ATOM   54  C  C4    . DC  A 1 3  ? -9.797  3.562   -2.960  1.00 20.86 ? 3   DC  A C4    1 
ATOM   55  N  N4    . DC  A 1 3  ? -9.667  3.842   -1.674  1.00 20.60 ? 3   DC  A N4    1 
ATOM   56  C  C5    . DC  A 1 3  ? -10.351 2.308   -3.355  1.00 23.74 ? 3   DC  A C5    1 
ATOM   57  C  C6    . DC  A 1 3  ? -10.466 2.076   -4.673  1.00 23.50 ? 3   DC  A C6    1 
ATOM   58  P  P     . DG  A 1 4  ? -8.450  -0.398  -9.753  1.00 32.11 ? 4   DG  A P     1 
ATOM   59  O  OP1   . DG  A 1 4  ? -8.593  -1.012  -11.088 1.00 41.78 ? 4   DG  A OP1   1 
ATOM   60  O  OP2   . DG  A 1 4  ? -8.112  -1.236  -8.562  1.00 39.03 ? 4   DG  A OP2   1 
ATOM   61  O  "O5'" . DG  A 1 4  ? -7.379  0.771   -9.822  1.00 28.17 ? 4   DG  A "O5'" 1 
ATOM   62  C  "C5'" . DG  A 1 4  ? -7.507  1.813   -10.792 1.00 29.82 ? 4   DG  A "C5'" 1 
ATOM   63  C  "C4'" . DG  A 1 4  ? -6.259  2.652   -10.606 1.00 27.33 ? 4   DG  A "C4'" 1 
ATOM   64  O  "O4'" . DG  A 1 4  ? -6.355  3.282   -9.322  1.00 27.13 ? 4   DG  A "O4'" 1 
ATOM   65  C  "C3'" . DG  A 1 4  ? -4.920  1.925   -10.576 1.00 31.27 ? 4   DG  A "C3'" 1 
ATOM   66  O  "O3'" . DG  A 1 4  ? -3.982  2.751   -11.303 1.00 38.40 ? 4   DG  A "O3'" 1 
ATOM   67  C  "C2'" . DG  A 1 4  ? -4.568  1.745   -9.156  1.00 30.73 ? 4   DG  A "C2'" 1 
ATOM   68  C  "C1'" . DG  A 1 4  ? -5.206  2.918   -8.493  1.00 26.71 ? 4   DG  A "C1'" 1 
ATOM   69  N  N9    . DG  A 1 4  ? -5.666  2.641   -7.143  1.00 24.30 ? 4   DG  A N9    1 
ATOM   70  C  C8    . DG  A 1 4  ? -6.226  1.508   -6.652  1.00 25.28 ? 4   DG  A C8    1 
ATOM   71  N  N7    . DG  A 1 4  ? -6.540  1.559   -5.386  1.00 24.81 ? 4   DG  A N7    1 
ATOM   72  C  C5    . DG  A 1 4  ? -6.151  2.840   -5.002  1.00 22.65 ? 4   DG  A C5    1 
ATOM   73  C  C6    . DG  A 1 4  ? -6.221  3.503   -3.754  1.00 22.42 ? 4   DG  A C6    1 
ATOM   74  O  O6    . DG  A 1 4  ? -6.660  3.099   -2.675  1.00 22.77 ? 4   DG  A O6    1 
ATOM   75  N  N1    . DG  A 1 4  ? -5.718  4.794   -3.794  1.00 21.31 ? 4   DG  A N1    1 
ATOM   76  C  C2    . DG  A 1 4  ? -5.187  5.392   -4.951  1.00 21.37 ? 4   DG  A C2    1 
ATOM   77  N  N2    . DG  A 1 4  ? -4.751  6.652   -4.779  1.00 21.95 ? 4   DG  A N2    1 
ATOM   78  N  N3    . DG  A 1 4  ? -5.119  4.789   -6.112  1.00 22.91 ? 4   DG  A N3    1 
ATOM   79  C  C4    . DG  A 1 4  ? -5.609  3.521   -6.082  1.00 22.72 ? 4   DG  A C4    1 
ATOM   80  P  P     . DA  A 1 5  ? -2.418  2.538   -11.447 1.00 41.64 ? 5   DA  A P     1 
ATOM   81  O  OP1   . DA  A 1 5  ? -1.996  2.984   -12.791 1.00 54.16 ? 5   DA  A OP1   1 
ATOM   82  O  OP2   . DA  A 1 5  ? -2.086  1.179   -10.959 1.00 54.58 ? 5   DA  A OP2   1 
ATOM   83  O  "O5'" . DA  A 1 5  ? -1.758  3.554   -10.393 1.00 33.82 ? 5   DA  A "O5'" 1 
ATOM   84  C  "C5'" . DA  A 1 5  ? -2.016  4.968   -10.402 1.00 30.93 ? 5   DA  A "C5'" 1 
ATOM   85  C  "C4'" . DA  A 1 5  ? -1.322  5.574   -9.195  1.00 28.20 ? 5   DA  A "C4'" 1 
ATOM   86  O  "O4'" . DA  A 1 5  ? -1.995  5.128   -8.013  1.00 28.29 ? 5   DA  A "O4'" 1 
ATOM   87  C  "C3'" . DA  A 1 5  ? 0.144   5.185   -8.997  1.00 28.44 ? 5   DA  A "C3'" 1 
ATOM   88  O  "O3'" . DA  A 1 5  ? 0.874   6.427   -8.895  1.00 26.14 ? 5   DA  A "O3'" 1 
ATOM   89  C  "C2'" . DA  A 1 5  ? 0.187   4.363   -7.781  1.00 27.06 ? 5   DA  A "C2'" 1 
ATOM   90  C  "C1'" . DA  A 1 5  ? -0.947  4.753   -6.970  1.00 26.11 ? 5   DA  A "C1'" 1 
ATOM   91  N  N9    . DA  A 1 5  ? -1.621  3.785   -6.142  1.00 25.20 ? 5   DA  A N9    1 
ATOM   92  C  C8    . DA  A 1 5  ? -2.059  2.532   -6.503  1.00 25.65 ? 5   DA  A C8    1 
ATOM   93  N  N7    . DA  A 1 5  ? -2.647  1.842   -5.568  1.00 23.96 ? 5   DA  A N7    1 
ATOM   94  C  C5    . DA  A 1 5  ? -2.616  2.702   -4.482  1.00 22.12 ? 5   DA  A C5    1 
ATOM   95  C  C6    . DA  A 1 5  ? -3.082  2.558   -3.172  1.00 22.39 ? 5   DA  A C6    1 
ATOM   96  N  N6    . DA  A 1 5  ? -3.700  1.523   -2.631  1.00 22.72 ? 5   DA  A N6    1 
ATOM   97  N  N1    . DA  A 1 5  ? -2.886  3.593   -2.328  1.00 21.61 ? 5   DA  A N1    1 
ATOM   98  C  C2    . DA  A 1 5  ? -2.275  4.687   -2.783  1.00 22.97 ? 5   DA  A C2    1 
ATOM   99  N  N3    . DA  A 1 5  ? -1.797  4.927   -3.995  1.00 22.66 ? 5   DA  A N3    1 
ATOM   100 C  C4    . DA  A 1 5  ? -1.993  3.905   -4.818  1.00 22.24 ? 5   DA  A C4    1 
ATOM   101 P  P     . DA  A 1 6  ? 2.384   6.696   -8.595  1.00 24.67 ? 6   DA  A P     1 
ATOM   102 O  OP1   . DA  A 1 6  ? 2.762   8.025   -9.139  1.00 26.41 ? 6   DA  A OP1   1 
ATOM   103 O  OP2   . DA  A 1 6  ? 3.135   5.500   -9.076  1.00 26.32 ? 6   DA  A OP2   1 
ATOM   104 O  "O5'" . DA  A 1 6  ? 2.473   6.613   -7.019  1.00 23.22 ? 6   DA  A "O5'" 1 
ATOM   105 C  "C5'" . DA  A 1 6  ? 1.974   7.706   -6.267  1.00 22.67 ? 6   DA  A "C5'" 1 
ATOM   106 C  "C4'" . DA  A 1 6  ? 2.271   7.432   -4.837  1.00 21.52 ? 6   DA  A "C4'" 1 
ATOM   107 O  "O4'" . DA  A 1 6  ? 1.486   6.322   -4.374  1.00 21.64 ? 6   DA  A "O4'" 1 
ATOM   108 C  "C3'" . DA  A 1 6  ? 3.738   7.039   -4.565  1.00 20.63 ? 6   DA  A "C3'" 1 
ATOM   109 O  "O3'" . DA  A 1 6  ? 4.230   8.050   -3.699  1.00 21.83 ? 6   DA  A "O3'" 1 
ATOM   110 C  "C2'" . DA  A 1 6  ? 3.663   5.678   -4.001  1.00 20.60 ? 6   DA  A "C2'" 1 
ATOM   111 C  "C1'" . DA  A 1 6  ? 2.345   5.521   -3.438  1.00 20.41 ? 6   DA  A "C1'" 1 
ATOM   112 N  N9    . DA  A 1 6  ? 1.716   4.227   -3.464  1.00 19.53 ? 6   DA  A N9    1 
ATOM   113 C  C8    . DA  A 1 6  ? 1.628   3.357   -4.510  1.00 19.93 ? 6   DA  A C8    1 
ATOM   114 N  N7    . DA  A 1 6  ? 1.007   2.251   -4.283  1.00 19.31 ? 6   DA  A N7    1 
ATOM   115 C  C5    . DA  A 1 6  ? 0.610   2.344   -2.949  1.00 18.23 ? 6   DA  A C5    1 
ATOM   116 C  C6    . DA  A 1 6  ? -0.094  1.494   -2.081  1.00 18.07 ? 6   DA  A C6    1 
ATOM   117 N  N6    . DA  A 1 6  ? -0.592  0.274   -2.389  1.00 19.45 ? 6   DA  A N6    1 
ATOM   118 N  N1    . DA  A 1 6  ? -0.273  1.924   -0.835  1.00 19.01 ? 6   DA  A N1    1 
ATOM   119 C  C2    . DA  A 1 6  ? 0.192   3.128   -0.467  1.00 19.15 ? 6   DA  A C2    1 
ATOM   120 N  N3    . DA  A 1 6  ? 0.870   4.014   -1.216  1.00 18.99 ? 6   DA  A N3    1 
ATOM   121 C  C4    . DA  A 1 6  ? 1.055   3.570   -2.443  1.00 18.15 ? 6   DA  A C4    1 
ATOM   122 P  P     . DT  A 1 7  ? 5.716   8.017   -3.107  1.00 21.11 ? 7   DT  A P     1 
ATOM   123 O  OP1   . DT  A 1 7  ? 6.035   9.450   -2.813  1.00 23.89 ? 7   DT  A OP1   1 
ATOM   124 O  OP2   . DT  A 1 7  ? 6.644   7.212   -3.961  1.00 21.34 ? 7   DT  A OP2   1 
ATOM   125 O  "O5'" . DT  A 1 7  ? 5.519   7.236   -1.735  1.00 21.01 ? 7   DT  A "O5'" 1 
ATOM   126 C  "C5'" . DT  A 1 7  ? 4.609   7.699   -0.767  1.00 21.65 ? 7   DT  A "C5'" 1 
ATOM   127 C  "C4'" . DT  A 1 7  ? 4.449   6.692   0.313   1.00 20.74 ? 7   DT  A "C4'" 1 
ATOM   128 O  "O4'" . DT  A 1 7  ? 3.851   5.500   -0.228  1.00 20.35 ? 7   DT  A "O4'" 1 
ATOM   129 C  "C3'" . DT  A 1 7  ? 5.761   6.213   0.984   1.00 21.45 ? 7   DT  A "C3'" 1 
ATOM   130 O  "O3'" . DT  A 1 7  ? 5.762   6.806   2.301   1.00 22.99 ? 7   DT  A "O3'" 1 
ATOM   131 C  "C2'" . DT  A 1 7  ? 5.732   4.739   0.926   1.00 20.49 ? 7   DT  A "C2'" 1 
ATOM   132 C  "C1'" . DT  A 1 7  ? 4.378   4.369   0.662   1.00 20.06 ? 7   DT  A "C1'" 1 
ATOM   133 N  N1    . DT  A 1 7  ? 4.029   3.167   -0.123  1.00 18.80 ? 7   DT  A N1    1 
ATOM   134 C  C2    . DT  A 1 7  ? 3.254   2.192   0.482   1.00 18.17 ? 7   DT  A C2    1 
ATOM   135 O  O2    . DT  A 1 7  ? 2.837   2.292   1.626   1.00 19.68 ? 7   DT  A O2    1 
ATOM   136 N  N3    . DT  A 1 7  ? 2.989   1.130   -0.307  1.00 17.42 ? 7   DT  A N3    1 
ATOM   137 C  C4    . DT  A 1 7  ? 3.376   0.901   -1.597  1.00 17.50 ? 7   DT  A C4    1 
ATOM   138 O  O4    . DT  A 1 7  ? 3.054   -0.124  -2.192  1.00 18.99 ? 7   DT  A O4    1 
ATOM   139 C  C5    . DT  A 1 7  ? 4.196   1.934   -2.175  1.00 18.55 ? 7   DT  A C5    1 
ATOM   140 C  C7    . DT  A 1 7  ? 4.688   1.795   -3.567  1.00 20.39 ? 7   DT  A C7    1 
ATOM   141 C  C6    . DT  A 1 7  ? 4.492   3.025   -1.425  1.00 18.35 ? 7   DT  A C6    1 
HETATM 142 P  P     . UAR A 1 8  ? 6.976   6.630   3.294   1.00 24.82 ? 8   UAR A P     1 
HETATM 143 O  OP1   . UAR A 1 8  ? 6.930   7.781   4.235   1.00 28.74 ? 8   UAR A OP1   1 
HETATM 144 O  OP2   . UAR A 1 8  ? 8.189   6.329   2.525   1.00 28.26 ? 8   UAR A OP2   1 
HETATM 145 O  "O5'" . UAR A 1 8  ? 6.608   5.267   4.080   1.00 23.16 ? 8   UAR A "O5'" 1 
HETATM 146 C  "C5'" . UAR A 1 8  ? 5.393   5.190   4.834   1.00 25.54 ? 8   UAR A "C5'" 1 
HETATM 147 C  "C4'" . UAR A 1 8  ? 5.160   3.772   5.226   1.00 23.81 ? 8   UAR A "C4'" 1 
HETATM 148 O  "O4'" . UAR A 1 8  ? 5.025   2.983   4.038   1.00 22.23 ? 8   UAR A "O4'" 1 
HETATM 149 C  "C3'" . UAR A 1 8  ? 6.301   3.102   6.021   1.00 24.71 ? 8   UAR A "C3'" 1 
HETATM 150 O  "O3'" . UAR A 1 8  ? 5.814   2.948   7.338   1.00 28.01 ? 8   UAR A "O3'" 1 
HETATM 151 C  "C2'" . UAR A 1 8  ? 6.601   1.815   5.364   1.00 24.00 ? 8   UAR A "C2'" 1 
HETATM 152 O  "O2'" . UAR A 1 8  ? 7.766   1.787   4.613   1.00 27.01 ? 8   UAR A "O2'" 1 
HETATM 153 C  "C1'" . UAR A 1 8  ? 5.464   1.599   4.505   1.00 21.47 ? 8   UAR A "C1'" 1 
HETATM 154 N  N1    . UAR A 1 8  ? 5.584   0.928   3.201   1.00 19.40 ? 8   UAR A N1    1 
HETATM 155 C  C2    . UAR A 1 8  ? 4.917   -0.259  3.033   1.00 19.00 ? 8   UAR A C2    1 
HETATM 156 O  O2    . UAR A 1 8  ? 4.267   -0.741  3.926   1.00 20.46 ? 8   UAR A O2    1 
HETATM 157 N  N3    . UAR A 1 8  ? 5.047   -0.868  1.814   1.00 17.91 ? 8   UAR A N3    1 
HETATM 158 C  C4    . UAR A 1 8  ? 5.778   -0.387  0.743   1.00 18.33 ? 8   UAR A C4    1 
HETATM 159 O  O4    . UAR A 1 8  ? 5.805   -1.013  -0.310  1.00 19.68 ? 8   UAR A O4    1 
HETATM 160 C  C5    . UAR A 1 8  ? 6.441   0.873   1.005   1.00 20.15 ? 8   UAR A C5    1 
HETATM 161 C  C6    . UAR A 1 8  ? 6.336   1.483   2.173   1.00 19.66 ? 8   UAR A C6    1 
ATOM   162 P  P     . DC  A 1 9  ? 6.593   2.183   8.526   1.00 30.21 ? 9   DC  A P     1 
ATOM   163 O  OP1   . DC  A 1 9  ? 6.075   2.771   9.775   1.00 36.40 ? 9   DC  A OP1   1 
ATOM   164 O  OP2   . DC  A 1 9  ? 8.050   2.131   8.232   1.00 37.02 ? 9   DC  A OP2   1 
ATOM   165 O  "O5'" . DC  A 1 9  ? 6.010   0.698   8.356   1.00 25.82 ? 9   DC  A "O5'" 1 
ATOM   166 C  "C5'" . DC  A 1 9  ? 4.590   0.425   8.479   1.00 24.66 ? 9   DC  A "C5'" 1 
ATOM   167 C  "C4'" . DC  A 1 9  ? 4.401   -1.063  8.318   1.00 23.67 ? 9   DC  A "C4'" 1 
ATOM   168 O  "O4'" . DC  A 1 9  ? 4.792   -1.471  7.001   1.00 23.39 ? 9   DC  A "O4'" 1 
ATOM   169 C  "C3'" . DC  A 1 9  ? 5.245   -1.905  9.269   1.00 25.32 ? 9   DC  A "C3'" 1 
ATOM   170 O  "O3'" . DC  A 1 9  ? 4.313   -2.699  10.022  1.00 27.71 ? 9   DC  A "O3'" 1 
ATOM   171 C  "C2'" . DC  A 1 9  ? 6.152   -2.721  8.447   1.00 22.84 ? 9   DC  A "C2'" 1 
ATOM   172 C  "C1'" . DC  A 1 9  ? 5.573   -2.841  7.157   1.00 21.89 ? 9   DC  A "C1'" 1 
ATOM   173 N  N1    . DC  A 1 9  ? 6.262   -2.801  5.847   1.00 20.27 ? 9   DC  A N1    1 
ATOM   174 C  C2    . DC  A 1 9  ? 6.040   -3.812  4.908   1.00 18.19 ? 9   DC  A C2    1 
ATOM   175 O  O2    . DC  A 1 9  ? 5.273   -4.759  5.166   1.00 20.36 ? 9   DC  A O2    1 
ATOM   176 N  N3    . DC  A 1 9  ? 6.656   -3.771  3.713   1.00 19.24 ? 9   DC  A N3    1 
ATOM   177 C  C4    . DC  A 1 9  ? 7.487   -2.764  3.414   1.00 19.03 ? 9   DC  A C4    1 
ATOM   178 N  N4    . DC  A 1 9  ? 8.067   -2.771  2.206   1.00 20.20 ? 9   DC  A N4    1 
ATOM   179 C  C5    . DC  A 1 9  ? 7.733   -1.722  4.353   1.00 20.89 ? 9   DC  A C5    1 
ATOM   180 C  C6    . DC  A 1 9  ? 7.102   -1.760  5.547   1.00 20.80 ? 9   DC  A C6    1 
ATOM   181 P  P     . DG  A 1 10 ? 4.613   -3.472  11.351  1.00 32.41 ? 10  DG  A P     1 
ATOM   182 O  OP1   . DG  A 1 10 ? 3.357   -3.716  12.066  1.00 40.70 ? 10  DG  A OP1   1 
ATOM   183 O  OP2   . DG  A 1 10 ? 5.768   -2.696  11.932  1.00 39.98 ? 10  DG  A OP2   1 
ATOM   184 O  "O5'" . DG  A 1 10 ? 5.321   -4.843  10.903  1.00 29.57 ? 10  DG  A "O5'" 1 
ATOM   185 C  "C5'" . DG  A 1 10 ? 4.500   -5.785  10.249  1.00 27.26 ? 10  DG  A "C5'" 1 
ATOM   186 C  "C4'" . DG  A 1 10 ? 5.407   -6.846  9.695   1.00 26.72 ? 10  DG  A "C4'" 1 
ATOM   187 O  "O4'" . DG  A 1 10 ? 6.011   -6.221  8.544   1.00 24.46 ? 10  DG  A "O4'" 1 
ATOM   188 C  "C3'" . DG  A 1 10 ? 6.589   -7.351  10.515  1.00 28.13 ? 10  DG  A "C3'" 1 
ATOM   189 O  "O3'" . DG  A 1 10 ? 6.734   -8.785  10.410  1.00 29.95 ? 10  DG  A "O3'" 1 
ATOM   190 C  "C2'" . DG  A 1 10 ? 7.795   -6.659  9.957   1.00 26.93 ? 10  DG  A "C2'" 1 
ATOM   191 C  "C1'" . DG  A 1 10 ? 7.412   -6.735  8.537   1.00 23.74 ? 10  DG  A "C1'" 1 
ATOM   192 N  N9    . DG  A 1 10 ? 8.196   -5.939  7.627   1.00 22.16 ? 10  DG  A N9    1 
ATOM   193 C  C8    . DG  A 1 10 ? 8.902   -4.791  7.841   1.00 22.97 ? 10  DG  A C8    1 
ATOM   194 N  N7    . DG  A 1 10 ? 9.492   -4.351  6.793   1.00 23.27 ? 10  DG  A N7    1 
ATOM   195 C  C5    . DG  A 1 10 ? 9.172   -5.254  5.787   1.00 21.23 ? 10  DG  A C5    1 
ATOM   196 C  C6    . DG  A 1 10 ? 9.511   -5.323  4.422   1.00 20.13 ? 10  DG  A C6    1 
ATOM   197 O  O6    . DG  A 1 10 ? 10.212  -4.564  3.724   1.00 21.92 ? 10  DG  A O6    1 
ATOM   198 N  N1    . DG  A 1 10 ? 8.959   -6.430  3.773   1.00 19.68 ? 10  DG  A N1    1 
ATOM   199 C  C2    . DG  A 1 10 ? 8.159   -7.379  4.377   1.00 19.83 ? 10  DG  A C2    1 
ATOM   200 N  N2    . DG  A 1 10 ? 7.720   -8.363  3.608   1.00 19.97 ? 10  DG  A N2    1 
ATOM   201 N  N3    . DG  A 1 10 ? 7.844   -7.300  5.658   1.00 19.64 ? 10  DG  A N3    1 
ATOM   202 C  C4    . DG  A 1 10 ? 8.366   -6.250  6.295   1.00 20.68 ? 10  DG  A C4    1 
ATOM   203 P  P     . DC  A 1 11 ? 6.034   -9.829  11.382  1.00 34.68 ? 11  DC  A P     1 
ATOM   204 O  OP1   . DC  A 1 11 ? 4.794   -9.232  11.900  1.00 40.94 ? 11  DC  A OP1   1 
ATOM   205 O  OP2   . DC  A 1 11 ? 7.056   -10.447 12.287  1.00 39.47 ? 11  DC  A OP2   1 
ATOM   206 O  "O5'" . DC  A 1 11 ? 5.664   -11.001 10.365  1.00 32.76 ? 11  DC  A "O5'" 1 
ATOM   207 C  "C5'" . DC  A 1 11 ? 4.677   -10.792 9.385   1.00 33.17 ? 11  DC  A "C5'" 1 
ATOM   208 C  "C4'" . DC  A 1 11 ? 4.959   -11.609 8.157   1.00 28.12 ? 11  DC  A "C4'" 1 
ATOM   209 O  "O4'" . DC  A 1 11 ? 6.052   -10.943 7.486   1.00 27.47 ? 11  DC  A "O4'" 1 
ATOM   210 C  "C3'" . DC  A 1 11 ? 5.443   -13.057 8.290   1.00 29.65 ? 11  DC  A "C3'" 1 
ATOM   211 O  "O3'" . DC  A 1 11 ? 4.761   -13.790 7.270   1.00 29.65 ? 11  DC  A "O3'" 1 
ATOM   212 C  "C2'" . DC  A 1 11 ? 6.917   -12.960 8.152   1.00 26.23 ? 11  DC  A "C2'" 1 
ATOM   213 C  "C1'" . DC  A 1 11 ? 7.159   -11.981 7.164   1.00 24.42 ? 11  DC  A "C1'" 1 
ATOM   214 N  N1    . DC  A 1 11 ? 8.261   -11.019 7.167   1.00 22.58 ? 11  DC  A N1    1 
ATOM   215 C  C2    . DC  A 1 11 ? 8.883   -10.685 5.967   1.00 21.43 ? 11  DC  A C2    1 
ATOM   216 O  O2    . DC  A 1 11 ? 8.488   -11.220 4.928   1.00 22.38 ? 11  DC  A O2    1 
ATOM   217 N  N3    . DC  A 1 11 ? 9.900   -9.799  5.929   1.00 21.31 ? 11  DC  A N3    1 
ATOM   218 C  C4    . DC  A 1 11 ? 10.279  -9.228  7.083   1.00 23.46 ? 11  DC  A C4    1 
ATOM   219 N  N4    . DC  A 1 11 ? 11.281  -8.355  7.027   1.00 25.95 ? 11  DC  A N4    1 
ATOM   220 C  C5    . DC  A 1 11 ? 9.677   -9.541  8.312   1.00 25.05 ? 11  DC  A C5    1 
ATOM   221 C  C6    . DC  A 1 11 ? 8.692   -10.419 8.306   1.00 24.51 ? 11  DC  A C6    1 
ATOM   222 P  P     . DG  A 1 12 ? 4.707   -15.386 7.315   1.00 33.12 ? 12  DG  A P     1 
ATOM   223 O  OP1   . DG  A 1 12 ? 3.630   -15.891 6.436   1.00 42.75 ? 12  DG  A OP1   1 
ATOM   224 O  OP2   . DG  A 1 12 ? 4.835   -15.861 8.714   1.00 43.61 ? 12  DG  A OP2   1 
ATOM   225 O  "O5'" . DG  A 1 12 ? 6.089   -15.862 6.651   1.00 30.63 ? 12  DG  A "O5'" 1 
ATOM   226 C  "C5'" . DG  A 1 12 ? 6.228   -15.865 5.234   1.00 26.74 ? 12  DG  A "C5'" 1 
ATOM   227 C  "C4'" . DG  A 1 12 ? 7.649   -16.232 4.923   1.00 24.23 ? 12  DG  A "C4'" 1 
ATOM   228 O  "O4'" . DG  A 1 12 ? 8.477   -15.132 5.295   1.00 25.02 ? 12  DG  A "O4'" 1 
ATOM   229 C  "C3'" . DG  A 1 12 ? 8.269   -17.383 5.709   1.00 22.92 ? 12  DG  A "C3'" 1 
ATOM   230 O  "O3'" . DG  A 1 12 ? 8.222   -18.540 4.850   1.00 24.58 ? 12  DG  A "O3'" 1 
ATOM   231 C  "C2'" . DG  A 1 12 ? 9.636   -16.955 6.073   1.00 23.29 ? 12  DG  A "C2'" 1 
ATOM   232 C  "C1'" . DG  A 1 12 ? 9.893   -15.674 5.464   1.00 22.78 ? 12  DG  A "C1'" 1 
ATOM   233 N  N9    . DG  A 1 12 ? 10.482  -14.589 6.175   1.00 22.13 ? 12  DG  A N9    1 
ATOM   234 C  C8    . DG  A 1 12 ? 10.271  -14.239 7.494   1.00 24.25 ? 12  DG  A C8    1 
ATOM   235 N  N7    . DG  A 1 12 ? 10.945  -13.185 7.889   1.00 24.80 ? 12  DG  A N7    1 
ATOM   236 C  C5    . DG  A 1 12 ? 11.650  -12.811 6.763   1.00 22.20 ? 12  DG  A C5    1 
ATOM   237 C  C6    . DG  A 1 12 ? 12.554  -11.737 6.580   1.00 24.01 ? 12  DG  A C6    1 
ATOM   238 O  O6    . DG  A 1 12 ? 12.909  -10.890 7.422   1.00 25.84 ? 12  DG  A O6    1 
ATOM   239 N  N1    . DG  A 1 12 ? 13.057  -11.700 5.286   1.00 22.88 ? 12  DG  A N1    1 
ATOM   240 C  C2    . DG  A 1 12 ? 12.706  -12.615 4.297   1.00 21.16 ? 12  DG  A C2    1 
ATOM   241 N  N2    . DG  A 1 12 ? 13.278  -12.434 3.119   1.00 22.97 ? 12  DG  A N2    1 
ATOM   242 N  N3    . DG  A 1 12 ? 11.870  -13.613 4.458   1.00 20.90 ? 12  DG  A N3    1 
ATOM   243 C  C4    . DG  A 1 12 ? 11.375  -13.658 5.707   1.00 20.85 ? 12  DG  A C4    1 
ATOM   244 O  "O5'" . DC  B 1 1  ? 19.904  -6.599  2.953   1.00 41.55 ? 113 DC  B "O5'" 1 
ATOM   245 C  "C5'" . DC  B 1 1  ? 20.563  -7.709  2.293   1.00 38.06 ? 113 DC  B "C5'" 1 
ATOM   246 C  "C4'" . DC  B 1 1  ? 19.469  -8.320  1.468   1.00 33.42 ? 113 DC  B "C4'" 1 
ATOM   247 O  "O4'" . DC  B 1 1  ? 18.539  -8.965  2.360   1.00 29.46 ? 113 DC  B "O4'" 1 
ATOM   248 C  "C3'" . DC  B 1 1  ? 18.651  -7.329  0.653   1.00 35.72 ? 113 DC  B "C3'" 1 
ATOM   249 O  "O3'" . DC  B 1 1  ? 18.527  -7.887  -0.658  1.00 45.15 ? 113 DC  B "O3'" 1 
ATOM   250 C  "C2'" . DC  B 1 1  ? 17.347  -7.220  1.296   1.00 38.03 ? 113 DC  B "C2'" 1 
ATOM   251 C  "C1'" . DC  B 1 1  ? 17.149  -8.491  1.975   1.00 29.13 ? 113 DC  B "C1'" 1 
ATOM   252 N  N1    . DC  B 1 1  ? 16.420  -8.528  3.245   1.00 30.18 ? 113 DC  B N1    1 
ATOM   253 C  C2    . DC  B 1 1  ? 15.466  -9.505  3.540   1.00 25.83 ? 113 DC  B C2    1 
ATOM   254 O  O2    . DC  B 1 1  ? 15.202  -10.362 2.712   1.00 25.64 ? 113 DC  B O2    1 
ATOM   255 N  N3    . DC  B 1 1  ? 14.798  -9.503  4.733   1.00 26.28 ? 113 DC  B N3    1 
ATOM   256 C  C4    . DC  B 1 1  ? 15.108  -8.542  5.615   1.00 31.98 ? 113 DC  B C4    1 
ATOM   257 N  N4    . DC  B 1 1  ? 14.464  -8.536  6.788   1.00 34.36 ? 113 DC  B N4    1 
ATOM   258 C  C5    . DC  B 1 1  ? 16.066  -7.551  5.348   1.00 36.75 ? 113 DC  B C5    1 
ATOM   259 C  C6    . DC  B 1 1  ? 16.710  -7.554  4.177   1.00 35.90 ? 113 DC  B C6    1 
ATOM   260 P  P     . DG  B 1 2  ? 18.016  -7.051  -1.895  1.00 50.30 ? 114 DG  B P     1 
ATOM   261 O  OP1   . DG  B 1 2  ? 18.991  -7.368  -2.977  1.00 62.70 ? 114 DG  B OP1   1 
ATOM   262 O  OP2   . DG  B 1 2  ? 17.651  -5.658  -1.585  1.00 67.07 ? 114 DG  B OP2   1 
ATOM   263 O  "O5'" . DG  B 1 2  ? 16.674  -7.777  -2.359  1.00 36.94 ? 114 DG  B "O5'" 1 
ATOM   264 C  "C5'" . DG  B 1 2  ? 16.721  -9.182  -2.569  1.00 29.24 ? 114 DG  B "C5'" 1 
ATOM   265 C  "C4'" . DG  B 1 2  ? 15.310  -9.643  -2.438  1.00 23.36 ? 114 DG  B "C4'" 1 
ATOM   266 O  "O4'" . DG  B 1 2  ? 14.917  -9.550  -1.064  1.00 24.43 ? 114 DG  B "O4'" 1 
ATOM   267 C  "C3'" . DG  B 1 2  ? 14.301  -8.791  -3.235  1.00 25.33 ? 114 DG  B "C3'" 1 
ATOM   268 O  "O3'" . DG  B 1 2  ? 13.770  -9.656  -4.254  1.00 25.96 ? 114 DG  B "O3'" 1 
ATOM   269 C  "C2'" . DG  B 1 2  ? 13.315  -8.297  -2.267  1.00 25.58 ? 114 DG  B "C2'" 1 
ATOM   270 C  "C1'" . DG  B 1 2  ? 13.465  -9.123  -1.099  1.00 23.75 ? 114 DG  B "C1'" 1 
ATOM   271 N  N9    . DG  B 1 2  ? 13.276  -8.486  0.184   1.00 22.96 ? 114 DG  B N9    1 
ATOM   272 C  C8    . DG  B 1 2  ? 13.901  -7.295  0.558   1.00 23.99 ? 114 DG  B C8    1 
ATOM   273 N  N7    . DG  B 1 2  ? 13.533  -6.976  1.764   1.00 22.17 ? 114 DG  B N7    1 
ATOM   274 C  C5    . DG  B 1 2  ? 12.661  -7.949  2.195   1.00 21.00 ? 114 DG  B C5    1 
ATOM   275 C  C6    . DG  B 1 2  ? 11.977  -8.063  3.440   1.00 20.80 ? 114 DG  B C6    1 
ATOM   276 O  O6    . DG  B 1 2  ? 12.009  -7.317  4.417   1.00 22.35 ? 114 DG  B O6    1 
ATOM   277 N  N1    . DG  B 1 2  ? 11.185  -9.201  3.470   1.00 19.81 ? 114 DG  B N1    1 
ATOM   278 C  C2    . DG  B 1 2  ? 11.066  -10.101 2.461   1.00 19.80 ? 114 DG  B C2    1 
ATOM   279 N  N2    . DG  B 1 2  ? 10.262  -11.128 2.672   1.00 20.73 ? 114 DG  B N2    1 
ATOM   280 N  N3    . DG  B 1 2  ? 11.715  -9.992  1.288   1.00 19.93 ? 114 DG  B N3    1 
ATOM   281 C  C4    . DG  B 1 2  ? 12.488  -8.893  1.228   1.00 20.08 ? 114 DG  B C4    1 
ATOM   282 P  P     . DC  B 1 3  ? 12.674  -9.153  -5.302  1.00 25.07 ? 115 DC  B P     1 
ATOM   283 O  OP1   . DC  B 1 3  ? 12.789  -9.994  -6.505  1.00 28.29 ? 115 DC  B OP1   1 
ATOM   284 O  OP2   . DC  B 1 3  ? 12.762  -7.673  -5.468  1.00 29.60 ? 115 DC  B OP2   1 
ATOM   285 O  "O5'" . DC  B 1 3  ? 11.285  -9.444  -4.581  1.00 23.60 ? 115 DC  B "O5'" 1 
ATOM   286 C  "C5'" . DC  B 1 3  ? 10.953  -10.837 -4.328  1.00 24.74 ? 115 DC  B "C5'" 1 
ATOM   287 C  "C4'" . DC  B 1 3  ? 9.855   -10.839 -3.296  1.00 22.45 ? 115 DC  B "C4'" 1 
ATOM   288 O  "O4'" . DC  B 1 3  ? 10.347  -10.155 -2.127  1.00 22.55 ? 115 DC  B "O4'" 1 
ATOM   289 C  "C3'" . DC  B 1 3  ? 8.547   -10.093 -3.579  1.00 22.03 ? 115 DC  B "C3'" 1 
ATOM   290 O  "O3'" . DC  B 1 3  ? 7.728   -10.954 -4.377  1.00 23.82 ? 115 DC  B "O3'" 1 
ATOM   291 C  "C2'" . DC  B 1 3  ? 7.953   -9.790  -2.261  1.00 24.66 ? 115 DC  B "C2'" 1 
ATOM   292 C  "C1'" . DC  B 1 3  ? 9.072   -9.704  -1.373  1.00 23.09 ? 115 DC  B "C1'" 1 
ATOM   293 N  N1    . DC  B 1 3  ? 9.512   -8.396  -0.856  1.00 20.63 ? 115 DC  B N1    1 
ATOM   294 C  C2    . DC  B 1 3  ? 9.111   -8.063  0.448   1.00 18.88 ? 115 DC  B C2    1 
ATOM   295 O  O2    . DC  B 1 3  ? 8.436   -8.902  1.071   1.00 20.43 ? 115 DC  B O2    1 
ATOM   296 N  N3    . DC  B 1 3  ? 9.514   -6.872  0.919   1.00 19.99 ? 115 DC  B N3    1 
ATOM   297 C  C4    . DC  B 1 3  ? 10.224  -6.003  0.228   1.00 21.20 ? 115 DC  B C4    1 
ATOM   298 N  N4    . DC  B 1 3  ? 10.559  -4.859  0.776   1.00 23.42 ? 115 DC  B N4    1 
ATOM   299 C  C5    . DC  B 1 3  ? 10.618  -6.322  -1.113  1.00 24.06 ? 115 DC  B C5    1 
ATOM   300 C  C6    . DC  B 1 3  ? 10.235  -7.487  -1.594  1.00 24.85 ? 115 DC  B C6    1 
ATOM   301 P  P     . DG  B 1 4  ? 6.410   -10.447 -5.084  1.00 25.74 ? 116 DG  B P     1 
ATOM   302 O  OP1   . DG  B 1 4  ? 6.084   -11.401 -6.154  1.00 29.27 ? 116 DG  B OP1   1 
ATOM   303 O  OP2   . DG  B 1 4  ? 6.537   -9.003  -5.405  1.00 27.98 ? 116 DG  B OP2   1 
ATOM   304 O  "O5'" . DG  B 1 4  ? 5.292   -10.552 -3.948  1.00 24.21 ? 116 DG  B "O5'" 1 
ATOM   305 C  "C5'" . DG  B 1 4  ? 5.020   -11.839 -3.302  1.00 23.53 ? 116 DG  B "C5'" 1 
ATOM   306 C  "C4'" . DG  B 1 4  ? 4.059   -11.579 -2.186  1.00 24.21 ? 116 DG  B "C4'" 1 
ATOM   307 O  "O4'" . DG  B 1 4  ? 4.661   -10.679 -1.209  1.00 22.23 ? 116 DG  B "O4'" 1 
ATOM   308 C  "C3'" . DG  B 1 4  ? 2.743   -10.873 -2.533  1.00 25.99 ? 116 DG  B "C3'" 1 
ATOM   309 O  "O3'" . DG  B 1 4  ? 1.709   -11.405 -1.707  1.00 29.09 ? 116 DG  B "O3'" 1 
ATOM   310 C  "C2'" . DG  B 1 4  ? 3.017   -9.428  -2.293  1.00 23.53 ? 116 DG  B "C2'" 1 
ATOM   311 C  "C1'" . DG  B 1 4  ? 3.927   -9.466  -1.101  1.00 21.86 ? 116 DG  B "C1'" 1 
ATOM   312 N  N9    . DG  B 1 4  ? 4.784   -8.285  -1.122  1.00 20.19 ? 116 DG  B N9    1 
ATOM   313 C  C8    . DG  B 1 4  ? 5.393   -7.677  -2.198  1.00 21.04 ? 116 DG  B C8    1 
ATOM   314 N  N7    . DG  B 1 4  ? 6.089   -6.631  -1.855  1.00 21.47 ? 116 DG  B N7    1 
ATOM   315 C  C5    . DG  B 1 4  ? 5.919   -6.558  -0.460  1.00 19.99 ? 116 DG  B C5    1 
ATOM   316 C  C6    . DG  B 1 4  ? 6.441   -5.620  0.458   1.00 18.40 ? 116 DG  B C6    1 
ATOM   317 O  O6    . DG  B 1 4  ? 7.182   -4.637  0.243   1.00 19.31 ? 116 DG  B O6    1 
ATOM   318 N  N1    . DG  B 1 4  ? 6.030   -5.885  1.753   1.00 18.30 ? 116 DG  B N1    1 
ATOM   319 C  C2    . DG  B 1 4  ? 5.233   -6.925  2.096   1.00 18.96 ? 116 DG  B C2    1 
ATOM   320 N  N2    . DG  B 1 4  ? 4.917   -7.065  3.389   1.00 19.51 ? 116 DG  B N2    1 
ATOM   321 N  N3    . DG  B 1 4  ? 4.746   -7.814  1.226   1.00 20.24 ? 116 DG  B N3    1 
ATOM   322 C  C4    . DG  B 1 4  ? 5.118   -7.574  -0.023  1.00 19.68 ? 116 DG  B C4    1 
ATOM   323 P  P     . DA  B 1 5  ? 0.278   -10.778 -1.375  1.00 28.32 ? 117 DA  B P     1 
ATOM   324 O  OP1   . DA  B 1 5  ? -0.646  -11.909 -1.181  1.00 29.68 ? 117 DA  B OP1   1 
ATOM   325 O  OP2   . DA  B 1 5  ? -0.085  -9.759  -2.406  1.00 29.71 ? 117 DA  B OP2   1 
ATOM   326 O  "O5'" . DA  B 1 5  ? 0.544   -10.012 0.006   1.00 27.00 ? 117 DA  B "O5'" 1 
ATOM   327 C  "C5'" . DA  B 1 5  ? 1.057   -10.719 1.121   1.00 26.59 ? 117 DA  B "C5'" 1 
ATOM   328 C  "C4'" . DA  B 1 5  ? 0.881   -9.879  2.359   1.00 25.73 ? 117 DA  B "C4'" 1 
ATOM   329 O  "O4'" . DA  B 1 5  ? 1.739   -8.726  2.288   1.00 23.73 ? 117 DA  B "O4'" 1 
ATOM   330 C  "C3'" . DA  B 1 5  ? -0.533  -9.322  2.573   1.00 26.69 ? 117 DA  B "C3'" 1 
ATOM   331 O  "O3'" . DA  B 1 5  ? -0.818  -9.409  3.977   1.00 33.37 ? 117 DA  B "O3'" 1 
ATOM   332 C  "C2'" . DA  B 1 5  ? -0.492  -7.944  2.074   1.00 26.27 ? 117 DA  B "C2'" 1 
ATOM   333 C  "C1'" . DA  B 1 5  ? 0.855   -7.472  2.307   1.00 22.67 ? 117 DA  B "C1'" 1 
ATOM   334 N  N9    . DA  B 1 5  ? 1.524   -6.664  1.334   1.00 21.52 ? 117 DA  B N9    1 
ATOM   335 C  C8    . DA  B 1 5  ? 1.576   -6.872  -0.009  1.00 21.27 ? 117 DA  B C8    1 
ATOM   336 N  N7    . DA  B 1 5  ? 2.276   -5.964  -0.623  1.00 20.62 ? 117 DA  B N7    1 
ATOM   337 C  C5    . DA  B 1 5  ? 2.727   -5.099  0.351   1.00 18.62 ? 117 DA  B C5    1 
ATOM   338 C  C6    . DA  B 1 5  ? 3.513   -3.923  0.342   1.00 18.42 ? 117 DA  B C6    1 
ATOM   339 N  N6    . DA  B 1 5  ? 4.045   -3.381  -0.787  1.00 19.27 ? 117 DA  B N6    1 
ATOM   340 N  N1    . DA  B 1 5  ? 3.753   -3.342  1.523   1.00 17.83 ? 117 DA  B N1    1 
ATOM   341 C  C2    . DA  B 1 5  ? 3.235   -3.874  2.652   1.00 18.18 ? 117 DA  B C2    1 
ATOM   342 N  N3    . DA  B 1 5  ? 2.487   -4.955  2.805   1.00 19.04 ? 117 DA  B N3    1 
ATOM   343 C  C4    . DA  B 1 5  ? 2.263   -5.534  1.599   1.00 19.60 ? 117 DA  B C4    1 
ATOM   344 P  P     . DA  B 1 6  ? -2.169  -8.879  4.622   1.00 39.15 ? 118 DA  B P     1 
ATOM   345 O  OP1   . DA  B 1 6  ? -2.318  -9.597  5.924   1.00 48.24 ? 118 DA  B OP1   1 
ATOM   346 O  OP2   . DA  B 1 6  ? -3.262  -8.923  3.621   1.00 49.62 ? 118 DA  B OP2   1 
ATOM   347 O  "O5'" . DA  B 1 6  ? -1.916  -7.367  4.949   1.00 32.70 ? 118 DA  B "O5'" 1 
ATOM   348 C  "C5'" . DA  B 1 6  ? -0.900  -7.056  5.873   1.00 29.11 ? 118 DA  B "C5'" 1 
ATOM   349 C  "C4'" . DA  B 1 6  ? -0.860  -5.579  6.048   1.00 25.26 ? 118 DA  B "C4'" 1 
ATOM   350 O  "O4'" . DA  B 1 6  ? -0.248  -5.062  4.840   1.00 24.19 ? 118 DA  B "O4'" 1 
ATOM   351 C  "C3'" . DA  B 1 6  ? -2.193  -4.839  6.190   1.00 26.09 ? 118 DA  B "C3'" 1 
ATOM   352 O  "O3'" . DA  B 1 6  ? -2.186  -4.197  7.470   1.00 28.55 ? 118 DA  B "O3'" 1 
ATOM   353 C  "C2'" . DA  B 1 6  ? -2.225  -3.893  5.061   1.00 24.99 ? 118 DA  B "C2'" 1 
ATOM   354 C  "C1'" . DA  B 1 6  ? -0.885  -3.709  4.594   1.00 22.74 ? 118 DA  B "C1'" 1 
ATOM   355 N  N9    . DA  B 1 6  ? -0.617  -3.538  3.193   1.00 21.02 ? 118 DA  B N9    1 
ATOM   356 C  C8    . DA  B 1 6  ? -1.059  -4.311  2.139   1.00 21.61 ? 118 DA  B C8    1 
ATOM   357 N  N7    . DA  B 1 6  ? -0.655  -3.916  0.969   1.00 19.93 ? 118 DA  B N7    1 
ATOM   358 C  C5    . DA  B 1 6  ? 0.124   -2.808  1.235   1.00 18.43 ? 118 DA  B C5    1 
ATOM   359 C  C6    . DA  B 1 6  ? 0.854   -1.927  0.414   1.00 17.93 ? 118 DA  B C6    1 
ATOM   360 N  N6    . DA  B 1 6  ? 0.919   -2.032  -0.907  1.00 19.33 ? 118 DA  B N6    1 
ATOM   361 N  N1    . DA  B 1 6  ? 1.518   -0.914  1.020   1.00 18.12 ? 118 DA  B N1    1 
ATOM   362 C  C2    . DA  B 1 6  ? 1.451   -0.818  2.321   1.00 18.49 ? 118 DA  B C2    1 
ATOM   363 N  N3    . DA  B 1 6  ? 0.818   -1.578  3.192   1.00 18.76 ? 118 DA  B N3    1 
ATOM   364 C  C4    . DA  B 1 6  ? 0.164   -2.558  2.583   1.00 19.08 ? 118 DA  B C4    1 
ATOM   365 P  P     . DT  B 1 7  ? -3.297  -3.167  8.021   1.00 29.92 ? 119 DT  B P     1 
ATOM   366 O  OP1   . DT  B 1 7  ? -3.270  -3.142  9.510   1.00 37.32 ? 119 DT  B OP1   1 
ATOM   367 O  OP2   . DT  B 1 7  ? -4.597  -3.549  7.380   1.00 35.62 ? 119 DT  B OP2   1 
ATOM   368 O  "O5'" . DT  B 1 7  ? -2.808  -1.788  7.452   1.00 27.38 ? 119 DT  B "O5'" 1 
ATOM   369 C  "C5'" . DT  B 1 7  ? -1.545  -1.279  7.844   1.00 25.43 ? 119 DT  B "C5'" 1 
ATOM   370 C  "C4'" . DT  B 1 7  ? -1.338  0.006   7.072   1.00 24.62 ? 119 DT  B "C4'" 1 
ATOM   371 O  "O4'" . DT  B 1 7  ? -1.207  -0.279  5.652   1.00 23.06 ? 119 DT  B "O4'" 1 
ATOM   372 C  "C3'" . DT  B 1 7  ? -2.467  1.029   7.144   1.00 25.10 ? 119 DT  B "C3'" 1 
ATOM   373 O  "O3'" . DT  B 1 7  ? -1.943  2.103   7.947   1.00 29.79 ? 119 DT  B "O3'" 1 
ATOM   374 C  "C2'" . DT  B 1 7  ? -2.813  1.404   5.747   1.00 24.96 ? 119 DT  B "C2'" 1 
ATOM   375 C  "C1'" . DT  B 1 7  ? -1.731  0.958   4.919   1.00 21.91 ? 119 DT  B "C1'" 1 
ATOM   376 N  N1    . DT  B 1 7  ? -1.965  0.433   3.584   1.00 20.45 ? 119 DT  B N1    1 
ATOM   377 C  C2    . DT  B 1 7  ? -1.283  1.058   2.556   1.00 19.97 ? 119 DT  B C2    1 
ATOM   378 O  O2    . DT  B 1 7  ? -0.522  1.976   2.710   1.00 21.02 ? 119 DT  B O2    1 
ATOM   379 N  N3    . DT  B 1 7  ? -1.547  0.519   1.323   1.00 19.34 ? 119 DT  B N3    1 
ATOM   380 C  C4    . DT  B 1 7  ? -2.361  -0.519  0.980   1.00 20.40 ? 119 DT  B C4    1 
ATOM   381 O  O4    . DT  B 1 7  ? -2.445  -0.833  -0.206  1.00 20.46 ? 119 DT  B O4    1 
ATOM   382 C  C5    . DT  B 1 7  ? -3.065  -1.135  2.087   1.00 22.15 ? 119 DT  B C5    1 
ATOM   383 C  C7    . DT  B 1 7  ? -3.985  -2.266  1.783   1.00 24.35 ? 119 DT  B C7    1 
ATOM   384 C  C6    . DT  B 1 7  ? -2.822  -0.620  3.309   1.00 22.31 ? 119 DT  B C6    1 
HETATM 385 P  P     . UAR B 1 8  ? -2.791  3.401   8.274   1.00 29.14 ? 120 UAR B P     1 
HETATM 386 O  OP1   . UAR B 1 8  ? -2.310  3.956   9.552   1.00 34.99 ? 120 UAR B OP1   1 
HETATM 387 O  OP2   . UAR B 1 8  ? -4.278  3.098   8.169   1.00 32.00 ? 120 UAR B OP2   1 
HETATM 388 O  "O5'" . UAR B 1 8  ? -2.439  4.371   7.060   1.00 27.80 ? 120 UAR B "O5'" 1 
HETATM 389 C  "C5'" . UAR B 1 8  ? -1.086  4.729   6.772   1.00 26.52 ? 120 UAR B "C5'" 1 
HETATM 390 C  "C4'" . UAR B 1 8  ? -1.035  5.418   5.432   1.00 25.76 ? 120 UAR B "C4'" 1 
HETATM 391 O  "O4'" . UAR B 1 8  ? -1.549  4.511   4.435   1.00 23.91 ? 120 UAR B "O4'" 1 
HETATM 392 C  "C3'" . UAR B 1 8  ? -1.869  6.696   5.257   1.00 24.13 ? 120 UAR B "C3'" 1 
HETATM 393 O  "O3'" . UAR B 1 8  ? -0.909  7.751   5.046   1.00 25.78 ? 120 UAR B "O3'" 1 
HETATM 394 C  "C2'" . UAR B 1 8  ? -2.785  6.479   4.123   1.00 23.14 ? 120 UAR B "C2'" 1 
HETATM 395 O  "O2'" . UAR B 1 8  ? -4.038  6.008   4.454   1.00 25.07 ? 120 UAR B "O2'" 1 
HETATM 396 C  "C1'" . UAR B 1 8  ? -2.169  5.458   3.344   1.00 22.53 ? 120 UAR B "C1'" 1 
HETATM 397 N  N1    . UAR B 1 8  ? -2.866  4.447   2.553   1.00 21.42 ? 120 UAR B N1    1 
HETATM 398 C  C2    . UAR B 1 8  ? -2.658  4.498   1.171   1.00 20.33 ? 120 UAR B C2    1 
HETATM 399 O  O2    . UAR B 1 8  ? -1.939  5.322   0.650   1.00 22.46 ? 120 UAR B O2    1 
HETATM 400 N  N3    . UAR B 1 8  ? -3.314  3.538   0.449   1.00 20.76 ? 120 UAR B N3    1 
HETATM 401 C  C4    . UAR B 1 8  ? -4.143  2.570   0.952   1.00 21.19 ? 120 UAR B C4    1 
HETATM 402 O  O4    . UAR B 1 8  ? -4.676  1.770   0.187   1.00 23.66 ? 120 UAR B O4    1 
HETATM 403 C  C5    . UAR B 1 8  ? -4.335  2.580   2.374   1.00 22.54 ? 120 UAR B C5    1 
HETATM 404 C  C6    . UAR B 1 8  ? -3.690  3.510   3.099   1.00 22.28 ? 120 UAR B C6    1 
ATOM   405 P  P     . DC  B 1 9  ? -1.283  9.282   5.114   1.00 27.66 ? 121 DC  B P     1 
ATOM   406 O  OP1   . DC  B 1 9  ? -0.013  10.029  5.238   1.00 33.42 ? 121 DC  B OP1   1 
ATOM   407 O  OP2   . DC  B 1 9  ? -2.403  9.443   6.043   1.00 31.43 ? 121 DC  B OP2   1 
ATOM   408 O  "O5'" . DC  B 1 9  ? -1.799  9.565   3.616   1.00 25.95 ? 121 DC  B "O5'" 1 
ATOM   409 C  "C5'" . DC  B 1 9  ? -0.818  9.623   2.578   1.00 25.57 ? 121 DC  B "C5'" 1 
ATOM   410 C  "C4'" . DC  B 1 9  ? -1.565  9.705   1.271   1.00 24.40 ? 121 DC  B "C4'" 1 
ATOM   411 O  "O4'" . DC  B 1 9  ? -2.315  8.510   1.025   1.00 23.12 ? 121 DC  B "O4'" 1 
ATOM   412 C  "C3'" . DC  B 1 9  ? -2.602  10.817  1.225   1.00 26.16 ? 121 DC  B "C3'" 1 
ATOM   413 O  "O3'" . DC  B 1 9  ? -2.021  11.877  0.432   1.00 30.84 ? 121 DC  B "O3'" 1 
ATOM   414 C  "C2'" . DC  B 1 9  ? -3.833  10.248  0.632   1.00 23.88 ? 121 DC  B "C2'" 1 
ATOM   415 C  "C1'" . DC  B 1 9  ? -3.430  9.007   0.052   1.00 23.50 ? 121 DC  B "C1'" 1 
ATOM   416 N  N1    . DC  B 1 9  ? -4.267  7.817   0.000   1.00 22.49 ? 121 DC  B N1    1 
ATOM   417 C  C2    . DC  B 1 9  ? -4.546  7.179   -1.211  1.00 21.20 ? 121 DC  B C2    1 
ATOM   418 O  O2    . DC  B 1 9  ? -4.077  7.622   -2.275  1.00 23.12 ? 121 DC  B O2    1 
ATOM   419 N  N3    . DC  B 1 9  ? -5.330  6.079   -1.209  1.00 20.76 ? 121 DC  B N3    1 
ATOM   420 C  C4    . DC  B 1 9  ? -5.838  5.593   -0.084  1.00 20.93 ? 121 DC  B C4    1 
ATOM   421 N  N4    . DC  B 1 9  ? -6.585  4.515   -0.191  1.00 22.13 ? 121 DC  B N4    1 
ATOM   422 C  C5    . DC  B 1 9  ? -5.587  6.206   1.157   1.00 22.45 ? 121 DC  B C5    1 
ATOM   423 C  C6    . DC  B 1 9  ? -4.818  7.295   1.134   1.00 23.07 ? 121 DC  B C6    1 
ATOM   424 P  P     . DG  B 1 10 ? -2.697  13.343  0.415   1.00 31.69 ? 122 DG  B P     1 
ATOM   425 O  OP1   . DG  B 1 10 ? -1.604  14.247  0.001   1.00 39.88 ? 122 DG  B OP1   1 
ATOM   426 O  OP2   . DG  B 1 10 ? -3.479  13.476  1.658   1.00 37.22 ? 122 DG  B OP2   1 
ATOM   427 O  "O5'" . DG  B 1 10 ? -3.770  13.240  -0.756  1.00 27.47 ? 122 DG  B "O5'" 1 
ATOM   428 C  "C5'" . DG  B 1 10 ? -3.266  13.010  -2.072  1.00 27.39 ? 122 DG  B "C5'" 1 
ATOM   429 C  "C4'" . DG  B 1 10 ? -4.481  12.843  -2.960  1.00 25.58 ? 122 DG  B "C4'" 1 
ATOM   430 O  "O4'" . DG  B 1 10 ? -5.027  11.520  -2.693  1.00 23.60 ? 122 DG  B "O4'" 1 
ATOM   431 C  "C3'" . DG  B 1 10 ? -5.650  13.779  -2.755  1.00 24.82 ? 122 DG  B "C3'" 1 
ATOM   432 O  "O3'" . DG  B 1 10 ? -6.253  14.141  -3.982  1.00 24.60 ? 122 DG  B "O3'" 1 
ATOM   433 C  "C2'" . DG  B 1 10 ? -6.644  12.996  -1.948  1.00 24.10 ? 122 DG  B "C2'" 1 
ATOM   434 C  "C1'" . DG  B 1 10 ? -6.483  11.656  -2.594  1.00 22.80 ? 122 DG  B "C1'" 1 
ATOM   435 N  N9    . DG  B 1 10 ? -7.024  10.545  -1.846  1.00 20.89 ? 122 DG  B N9    1 
ATOM   436 C  C8    . DG  B 1 10 ? -7.217  10.414  -0.488  1.00 22.55 ? 122 DG  B C8    1 
ATOM   437 N  N7    . DG  B 1 10 ? -7.733  9.263   -0.168  1.00 21.77 ? 122 DG  B N7    1 
ATOM   438 C  C5    . DG  B 1 10 ? -7.889  8.613   -1.379  1.00 19.76 ? 122 DG  B C5    1 
ATOM   439 C  C6    . DG  B 1 10 ? -8.404  7.325   -1.678  1.00 20.28 ? 122 DG  B C6    1 
ATOM   440 O  O6    . DG  B 1 10 ? -8.850  6.441   -0.923  1.00 20.50 ? 122 DG  B O6    1 
ATOM   441 N  N1    . DG  B 1 10 ? -8.375  7.080   -3.051  1.00 19.14 ? 122 DG  B N1    1 
ATOM   442 C  C2    . DG  B 1 10 ? -7.923  7.911   -4.012  1.00 19.38 ? 122 DG  B C2    1 
ATOM   443 N  N2    . DG  B 1 10 ? -7.986  7.464   -5.292  1.00 20.36 ? 122 DG  B N2    1 
ATOM   444 N  N3    . DG  B 1 10 ? -7.437  9.118   -3.764  1.00 19.74 ? 122 DG  B N3    1 
ATOM   445 C  C4    . DG  B 1 10 ? -7.457  9.379   -2.425  1.00 19.94 ? 122 DG  B C4    1 
ATOM   446 P  P     . DC  B 1 11 ? -6.950  15.551  -4.272  1.00 26.53 ? 123 DC  B P     1 
ATOM   447 O  OP1   . DC  B 1 11 ? -5.860  16.488  -4.483  1.00 31.12 ? 123 DC  B OP1   1 
ATOM   448 O  OP2   . DC  B 1 11 ? -8.001  15.832  -3.248  1.00 29.55 ? 123 DC  B OP2   1 
ATOM   449 O  "O5'" . DC  B 1 11 ? -7.673  15.212  -5.665  1.00 24.93 ? 123 DC  B "O5'" 1 
ATOM   450 C  "C5'" . DC  B 1 11 ? -6.950  14.824  -6.811  1.00 25.39 ? 123 DC  B "C5'" 1 
ATOM   451 C  "C4'" . DC  B 1 11 ? -7.573  13.661  -7.518  1.00 24.11 ? 123 DC  B "C4'" 1 
ATOM   452 O  "O4'" . DC  B 1 11 ? -7.604  12.527  -6.636  1.00 23.81 ? 123 DC  B "O4'" 1 
ATOM   453 C  "C3'" . DC  B 1 11 ? -9.044  13.768  -7.913  1.00 22.88 ? 123 DC  B "C3'" 1 
ATOM   454 O  "O3'" . DC  B 1 11 ? -9.135  14.469  -9.163  1.00 24.67 ? 123 DC  B "O3'" 1 
ATOM   455 C  "C2'" . DC  B 1 11 ? -9.505  12.400  -8.047  1.00 24.37 ? 123 DC  B "C2'" 1 
ATOM   456 C  "C1'" . DC  B 1 11 ? -8.896  11.691  -7.022  1.00 25.54 ? 123 DC  B "C1'" 1 
ATOM   457 N  N1    . DC  B 1 11 ? -9.421  11.521  -5.649  1.00 21.14 ? 123 DC  B N1    1 
ATOM   458 C  C2    . DC  B 1 11 ? -10.136 10.315  -5.512  1.00 19.50 ? 123 DC  B C2    1 
ATOM   459 O  O2    . DC  B 1 11 ? -10.256 9.554   -6.492  1.00 20.61 ? 123 DC  B O2    1 
ATOM   460 N  N3    . DC  B 1 11 ? -10.661 10.023  -4.291  1.00 19.64 ? 123 DC  B N3    1 
ATOM   461 C  C4    . DC  B 1 11 ? -10.495 10.858  -3.281  1.00 19.08 ? 123 DC  B C4    1 
ATOM   462 N  N4    . DC  B 1 11 ? -11.017 10.546  -2.113  1.00 20.24 ? 123 DC  B N4    1 
ATOM   463 C  C5    . DC  B 1 11 ? -9.796  12.069  -3.430  1.00 22.13 ? 123 DC  B C5    1 
ATOM   464 C  C6    . DC  B 1 11 ? -9.264  12.355  -4.618  1.00 21.32 ? 123 DC  B C6    1 
ATOM   465 P  P     . DG  B 1 12 ? -10.532 15.169  -9.533  1.00 24.69 ? 124 DG  B P     1 
ATOM   466 O  OP1   . DG  B 1 12 ? -10.190 15.892  -10.784 1.00 27.49 ? 124 DG  B OP1   1 
ATOM   467 O  OP2   . DG  B 1 12 ? -11.210 15.783  -8.362  1.00 27.30 ? 124 DG  B OP2   1 
ATOM   468 O  "O5'" . DG  B 1 12 ? -11.481 13.917  -9.946  1.00 23.69 ? 124 DG  B "O5'" 1 
ATOM   469 C  "C5'" . DG  B 1 12 ? -11.263 13.138  -11.143 1.00 22.37 ? 124 DG  B "C5'" 1 
ATOM   470 C  "C4'" . DG  B 1 12 ? -12.186 11.941  -11.065 1.00 21.10 ? 124 DG  B "C4'" 1 
ATOM   471 O  "O4'" . DG  B 1 12 ? -11.898 11.211  -9.869  1.00 20.76 ? 124 DG  B "O4'" 1 
ATOM   472 C  "C3'" . DG  B 1 12 ? -13.668 12.254  -10.965 1.00 20.77 ? 124 DG  B "C3'" 1 
ATOM   473 O  "O3'" . DG  B 1 12 ? -14.192 12.525  -12.289 1.00 22.53 ? 124 DG  B "O3'" 1 
ATOM   474 C  "C2'" . DG  B 1 12 ? -14.251 11.051  -10.322 1.00 23.09 ? 124 DG  B "C2'" 1 
ATOM   475 C  "C1'" . DG  B 1 12 ? -13.245 10.631  -9.381  1.00 21.00 ? 124 DG  B "C1'" 1 
ATOM   476 N  N9    . DG  B 1 12 ? -13.270 11.094  -8.013  1.00 19.74 ? 124 DG  B N9    1 
ATOM   477 C  C8    . DG  B 1 12 ? -12.842 12.265  -7.497  1.00 20.93 ? 124 DG  B C8    1 
ATOM   478 N  N7    . DG  B 1 12 ? -12.997 12.391  -6.223  1.00 21.63 ? 124 DG  B N7    1 
ATOM   479 C  C5    . DG  B 1 12 ? -13.577 11.198  -5.834  1.00 21.04 ? 124 DG  B C5    1 
ATOM   480 C  C6    . DG  B 1 12 ? -13.979 10.757  -4.553  1.00 19.94 ? 124 DG  B C6    1 
ATOM   481 O  O6    . DG  B 1 12 ? -13.888 11.373  -3.474  1.00 21.43 ? 124 DG  B O6    1 
ATOM   482 N  N1    . DG  B 1 12 ? -14.517 9.488   -4.651  1.00 20.06 ? 124 DG  B N1    1 
ATOM   483 C  C2    . DG  B 1 12 ? -14.667 8.736   -5.773  1.00 18.84 ? 124 DG  B C2    1 
ATOM   484 N  N2    . DG  B 1 12 ? -15.204 7.552   -5.628  1.00 20.12 ? 124 DG  B N2    1 
ATOM   485 N  N3    . DG  B 1 12 ? -14.283 9.164   -6.961  1.00 20.38 ? 124 DG  B N3    1 
ATOM   486 C  C4    . DG  B 1 12 ? -13.757 10.379  -6.936  1.00 19.48 ? 124 DG  B C4    1 
HETATM 487 MG MG    . MG  C 2 .  ? -11.525 6.314   2.361   1.00 20.78 ? 310 MG  A MG    1 
HETATM 488 O  O     . HOH D 3 .  ? -18.991 8.450   -0.172  1.00 34.07 ? 201 HOH A O     1 
HETATM 489 O  O     . HOH D 3 .  ? -17.238 10.753  0.377   1.00 33.18 ? 202 HOH A O     1 
HETATM 490 O  O     . HOH D 3 .  ? -14.395 1.277   -0.120  1.00 30.60 ? 203 HOH A O     1 
HETATM 491 O  O     . HOH D 3 .  ? -12.606 4.936   1.230   1.00 23.19 ? 204 HOH A O     1 
HETATM 492 O  O     . HOH D 3 .  ? -11.595 7.765   0.907   1.00 21.35 ? 205 HOH A O     1 
HETATM 493 O  O     . HOH D 3 .  ? -10.614 1.504   -0.132  1.00 45.90 ? 207 HOH A O     1 
HETATM 494 O  O     . HOH D 3 .  ? -7.472  0.720   -1.901  1.00 40.49 ? 209 HOH A O     1 
HETATM 495 O  O     . HOH D 3 .  ? -11.992 -2.881  -10.397 1.00 81.07 ? 212 HOH A O     1 
HETATM 496 O  O     . HOH D 3 .  ? -4.741  -1.308  -3.658  1.00 50.14 ? 213 HOH A O     1 
HETATM 497 O  O     . HOH D 3 .  ? -3.189  -0.689  -5.740  1.00 39.75 ? 214 HOH A O     1 
HETATM 498 O  O     . HOH D 3 .  ? -14.850 -1.629  -10.137 1.00 73.91 ? 215 HOH A O     1 
HETATM 499 O  O     . HOH D 3 .  ? -17.202 -1.745  -6.901  1.00 45.01 ? 217 HOH A O     1 
HETATM 500 O  O     . HOH D 3 .  ? -2.901  6.247   -13.070 1.00 85.98 ? 218 HOH A O     1 
HETATM 501 O  O     . HOH D 3 .  ? 3.867   3.603   -7.054  1.00 28.18 ? 219 HOH A O     1 
HETATM 502 O  O     . HOH D 3 .  ? 5.934   6.311   -9.334  1.00 23.14 ? 220 HOH A O     1 
HETATM 503 O  O     . HOH D 3 .  ? 3.856   11.228  -2.891  1.00 35.47 ? 221 HOH A O     1 
HETATM 504 O  O     . HOH D 3 .  ? 2.552   11.133  -4.943  1.00 58.94 ? 222 HOH A O     1 
HETATM 505 O  O     . HOH D 3 .  ? 0.652   9.746   -9.125  1.00 67.91 ? 223 HOH A O     1 
HETATM 506 O  O     . HOH D 3 .  ? 1.080   0.106   -5.991  1.00 33.36 ? 224 HOH A O     1 
HETATM 507 O  O     . HOH D 3 .  ? 3.455   -1.433  -4.419  1.00 29.97 ? 225 HOH A O     1 
HETATM 508 O  O     . HOH D 3 .  ? 6.605   6.626   -6.623  1.00 21.10 ? 229 HOH A O     1 
HETATM 509 O  O     . HOH D 3 .  ? 5.195   8.890   -8.000  1.00 23.91 ? 230 HOH A O     1 
HETATM 510 O  O     . HOH D 3 .  ? 7.120   4.582   -3.012  1.00 26.83 ? 231 HOH A O     1 
HETATM 511 O  O     . HOH D 3 .  ? 7.527   -0.928  -2.296  1.00 29.16 ? 232 HOH A O     1 
HETATM 512 O  O     . HOH D 3 .  ? 1.915   1.841   6.205   1.00 31.28 ? 233 HOH A O     1 
HETATM 513 O  O     . HOH D 3 .  ? 2.073   -0.845  5.685   1.00 21.97 ? 234 HOH A O     1 
HETATM 514 O  O     . HOH D 3 .  ? 9.917   -0.551  1.539   1.00 34.06 ? 235 HOH A O     1 
HETATM 515 O  O     . HOH D 3 .  ? 6.995   10.717  -5.074  1.00 26.64 ? 236 HOH A O     1 
HETATM 516 O  O     . HOH D 3 .  ? 1.596   -3.203  7.249   1.00 25.81 ? 238 HOH A O     1 
HETATM 517 O  O     . HOH D 3 .  ? 10.558  -1.862  6.880   1.00 39.68 ? 239 HOH A O     1 
HETATM 518 O  O     . HOH D 3 .  ? 2.707   -5.225  5.640   1.00 22.85 ? 240 HOH A O     1 
HETATM 519 O  O     . HOH D 3 .  ? 0.978   -3.867  9.850   1.00 55.27 ? 241 HOH A O     1 
HETATM 520 O  O     . HOH D 3 .  ? 11.822  -7.045  9.609   1.00 37.44 ? 242 HOH A O     1 
HETATM 521 O  O     . HOH D 3 .  ? 5.384   -8.605  6.259   1.00 24.23 ? 243 HOH A O     1 
HETATM 522 O  O     . HOH D 3 .  ? 2.936   -7.716  6.661   1.00 37.72 ? 244 HOH A O     1 
HETATM 523 O  O     . HOH D 3 .  ? 2.075   -8.755  11.305  1.00 38.14 ? 245 HOH A O     1 
HETATM 524 O  O     . HOH D 3 .  ? 10.328  -12.382 10.729  1.00 72.20 ? 246 HOH A O     1 
HETATM 525 O  O     . HOH D 3 .  ? 6.794   0.173   12.582  1.00 53.54 ? 247 HOH A O     1 
HETATM 526 O  O     . HOH D 3 .  ? 3.133   -17.562 4.949   1.00 60.24 ? 248 HOH A O     1 
HETATM 527 O  O     . HOH D 3 .  ? 8.871   -20.473 6.699   1.00 36.41 ? 249 HOH A O     1 
HETATM 528 O  O     . HOH D 3 .  ? -21.410 0.880   -1.703  1.00 47.62 ? 251 HOH A O     1 
HETATM 529 O  O     . HOH D 3 .  ? -18.586 1.688   3.155   1.00 50.46 ? 252 HOH A O     1 
HETATM 530 O  O     . HOH D 3 .  ? 3.014   4.099   -11.232 1.00 59.25 ? 255 HOH A O     1 
HETATM 531 O  O     . HOH D 3 .  ? 8.960   3.935   1.738   1.00 44.35 ? 271 HOH A O     1 
HETATM 532 O  O     . HOH D 3 .  ? 2.027   -6.100  13.334  1.00 53.37 ? 273 HOH A O     1 
HETATM 533 O  O     . HOH D 3 .  ? 4.758   -7.342  13.963  1.00 92.32 ? 274 HOH A O     1 
HETATM 534 O  O     . HOH D 3 .  ? 2.124   -13.510 10.941  1.00 98.38 ? 276 HOH A O     1 
HETATM 535 O  O     . HOH D 3 .  ? 5.033   9.458   4.082   1.00 60.51 ? 280 HOH A O     1 
HETATM 536 O  O     . HOH D 3 .  ? -1.233  9.092   -11.038 1.00 76.40 ? 287 HOH A O     1 
HETATM 537 O  O     . HOH D 3 .  ? 9.945   -9.685  11.766  1.00 94.36 ? 294 HOH A O     1 
HETATM 538 O  O     . HOH D 3 .  ? 8.237   -16.274 9.543   1.00 42.93 ? 295 HOH A O     1 
HETATM 539 O  O     . HOH D 3 .  ? 7.434   -22.752 5.951   1.00 73.78 ? 297 HOH A O     1 
HETATM 540 O  O     . HOH D 3 .  ? -7.950  -0.526  -4.140  1.00 51.52 ? 313 HOH A O     1 
HETATM 541 O  O     . HOH D 3 .  ? -10.380 -3.265  -7.949  1.00 83.61 ? 314 HOH A O     1 
HETATM 542 O  O     . HOH D 3 .  ? 9.390   1.167   -1.440  1.00 62.30 ? 315 HOH A O     1 
HETATM 543 O  O     . HOH D 3 .  ? 8.991   3.825   -1.109  1.00 34.29 ? 316 HOH A O     1 
HETATM 544 O  O     . HOH D 3 .  ? 7.972   2.889   -4.761  1.00 34.76 ? 317 HOH A O     1 
HETATM 545 O  O     . HOH D 3 .  ? 11.028  0.501   -3.354  1.00 94.35 ? 318 HOH A O     1 
HETATM 546 O  O     . HOH D 3 .  ? 9.576   0.210   7.003   1.00 87.32 ? 319 HOH A O     1 
HETATM 547 O  O     . HOH D 3 .  ? 6.684   3.985   -6.438  1.00 29.96 ? 321 HOH A O     1 
HETATM 548 O  O     . HOH D 3 .  ? 1.592   -7.888  8.516   1.00 90.59 ? 323 HOH A O     1 
HETATM 549 O  O     . HOH D 3 .  ? 3.043   -11.355 13.515  1.00 82.36 ? 324 HOH A O     1 
HETATM 550 O  O     . HOH D 3 .  ? 8.399   -18.826 8.995   1.00 50.02 ? 325 HOH A O     1 
HETATM 551 O  O     . HOH D 3 .  ? 1.724   2.149   9.119   1.00 77.28 ? 332 HOH A O     1 
HETATM 552 O  O     . HOH D 3 .  ? -12.820 -0.296  -0.796  1.00 59.97 ? 335 HOH A O     1 
HETATM 553 O  O     . HOH D 3 .  ? -12.227 10.376  1.447   1.00 31.97 ? 336 HOH A O     1 
HETATM 554 O  O     . HOH D 3 .  ? -13.327 -4.304  -8.019  1.00 75.44 ? 337 HOH A O     1 
HETATM 555 O  O     . HOH D 3 .  ? -11.482 0.367   -12.508 1.00 80.57 ? 338 HOH A O     1 
HETATM 556 O  O     . HOH D 3 .  ? 1.826   -13.105 5.822   1.00 64.30 ? 340 HOH A O     1 
HETATM 557 O  O     . HOH D 3 .  ? 3.474   -0.027  12.418  1.00 59.95 ? 352 HOH A O     1 
HETATM 558 O  O     . HOH D 3 .  ? 5.972   -15.895 10.687  1.00 97.03 ? 353 HOH A O     1 
HETATM 559 O  O     . HOH D 3 .  ? -10.321 -1.473  -4.437  1.00 80.37 ? 356 HOH A O     1 
HETATM 560 O  O     . HOH D 3 .  ? -4.934  -1.859  -7.843  1.00 65.82 ? 362 HOH A O     1 
HETATM 561 O  O     . HOH D 3 .  ? -0.558  -1.623  -4.644  1.00 36.27 ? 366 HOH A O     1 
HETATM 562 O  O     . HOH D 3 .  ? 4.712   11.152  -6.743  1.00 39.70 ? 368 HOH A O     1 
HETATM 563 O  O     . HOH D 3 .  ? -1.206  7.749   -3.974  1.00 44.24 ? 370 HOH A O     1 
HETATM 564 O  O     . HOH D 3 .  ? 5.552   -19.295 5.088   1.00 72.02 ? 374 HOH A O     1 
HETATM 565 O  O     . HOH D 3 .  ? 7.554   7.089   7.033   1.00 60.64 ? 400 HOH A O     1 
HETATM 566 O  O     . HOH E 3 .  ? -9.712  5.734   1.557   1.00 23.16 ? 206 HOH B O     1 
HETATM 567 O  O     . HOH E 3 .  ? -6.688  0.037   0.587   1.00 38.03 ? 208 HOH B O     1 
HETATM 568 O  O     . HOH E 3 .  ? -3.881  -2.686  -1.621  1.00 37.49 ? 216 HOH B O     1 
HETATM 569 O  O     . HOH E 3 .  ? 0.560   6.435   0.256   1.00 23.38 ? 226 HOH B O     1 
HETATM 570 O  O     . HOH E 3 .  ? 1.784   6.123   2.821   1.00 28.03 ? 227 HOH B O     1 
HETATM 571 O  O     . HOH E 3 .  ? 1.499   3.387   3.736   1.00 25.19 ? 228 HOH B O     1 
HETATM 572 O  O     . HOH E 3 .  ? 0.659   8.404   -1.683  1.00 33.70 ? 237 HOH B O     1 
HETATM 573 O  O     . HOH E 3 .  ? -10.366 12.470  0.044   1.00 31.58 ? 253 HOH B O     1 
HETATM 574 O  O     . HOH E 3 .  ? -13.268 13.874  -2.851  1.00 55.14 ? 254 HOH B O     1 
HETATM 575 O  O     . HOH E 3 .  ? -5.642  10.123  -5.671  1.00 40.96 ? 256 HOH B O     1 
HETATM 576 O  O     . HOH E 3 .  ? 2.071   -5.573  -3.419  1.00 31.05 ? 257 HOH B O     1 
HETATM 577 O  O     . HOH E 3 .  ? -0.165  -3.745  -3.015  1.00 33.94 ? 258 HOH B O     1 
HETATM 578 O  O     . HOH E 3 .  ? -1.686  -5.228  -1.267  1.00 31.52 ? 259 HOH B O     1 
HETATM 579 O  O     . HOH E 3 .  ? -1.873  -7.764  -1.584  1.00 38.05 ? 260 HOH B O     1 
HETATM 580 O  O     . HOH E 3 .  ? -3.871  -8.744  0.738   1.00 65.28 ? 261 HOH B O     1 
HETATM 581 O  O     . HOH E 3 .  ? -3.743  -6.232  2.128   1.00 39.91 ? 262 HOH B O     1 
HETATM 582 O  O     . HOH E 3 .  ? -5.127  17.421  0.070   1.00 58.23 ? 264 HOH B O     1 
HETATM 583 O  O     . HOH E 3 .  ? 0.368   13.006  -1.989  1.00 56.76 ? 265 HOH B O     1 
HETATM 584 O  O     . HOH E 3 .  ? -1.849  16.333  -1.702  1.00 56.39 ? 266 HOH B O     1 
HETATM 585 O  O     . HOH E 3 .  ? 7.485   -4.978  -3.879  1.00 50.81 ? 267 HOH B O     1 
HETATM 586 O  O     . HOH E 3 .  ? -5.675  3.437   5.890   1.00 51.15 ? 270 HOH B O     1 
HETATM 587 O  O     . HOH E 3 .  ? 4.814   -7.069  -6.846  1.00 46.09 ? 277 HOH B O     1 
HETATM 588 O  O     . HOH E 3 .  ? 12.892  -9.462  -9.036  1.00 91.10 ? 278 HOH B O     1 
HETATM 589 O  O     . HOH E 3 .  ? 9.586   -11.613 -7.139  1.00 98.16 ? 279 HOH B O     1 
HETATM 590 O  O     . HOH E 3 .  ? -5.606  0.866   9.484   1.00 79.80 ? 281 HOH B O     1 
HETATM 591 O  O     . HOH E 3 .  ? -10.623 15.671  -3.498  1.00 34.40 ? 282 HOH B O     1 
HETATM 592 O  O     . HOH E 3 .  ? -12.019 14.851  -5.760  1.00 34.53 ? 283 HOH B O     1 
HETATM 593 O  O     . HOH E 3 .  ? -10.301 16.174  -13.478 1.00 39.65 ? 285 HOH B O     1 
HETATM 594 O  O     . HOH E 3 .  ? -12.963 12.339  -14.739 1.00 45.33 ? 286 HOH B O     1 
HETATM 595 O  O     . HOH E 3 .  ? 14.385  -4.224  2.489   1.00 54.77 ? 288 HOH B O     1 
HETATM 596 O  O     . HOH E 3 .  ? 13.325  -5.118  5.325   1.00 63.23 ? 289 HOH B O     1 
HETATM 597 O  O     . HOH E 3 .  ? 11.515  -2.701  -1.032  1.00 71.55 ? 290 HOH B O     1 
HETATM 598 O  O     . HOH E 3 .  ? 10.546  -6.310  -4.922  1.00 38.21 ? 298 HOH B O     1 
HETATM 599 O  O     . HOH E 3 .  ? 0.053   -9.366  -4.898  1.00 94.06 ? 301 HOH B O     1 
HETATM 600 O  O     . HOH E 3 .  ? -6.567  9.117   8.174   1.00 87.79 ? 302 HOH B O     1 
HETATM 601 O  O     . HOH E 3 .  ? -5.377  -1.829  5.165   1.00 41.22 ? 303 HOH B O     1 
HETATM 602 O  O     . HOH E 3 .  ? -7.570  16.755  -0.799  1.00 85.72 ? 304 HOH B O     1 
HETATM 603 O  O     . HOH E 3 .  ? -2.989  9.796   -3.675  1.00 42.52 ? 311 HOH B O     1 
HETATM 604 O  O     . HOH E 3 .  ? 4.203   -3.937  -3.770  1.00 35.73 ? 327 HOH B O     1 
HETATM 605 O  O     . HOH E 3 .  ? 8.307   -3.431  -2.011  1.00 31.91 ? 328 HOH B O     1 
HETATM 606 O  O     . HOH E 3 .  ? -6.067  7.984   4.202   1.00 35.62 ? 329 HOH B O     1 
HETATM 607 O  O     . HOH E 3 .  ? -7.923  3.818   2.350   1.00 26.27 ? 330 HOH B O     1 
HETATM 608 O  O     . HOH E 3 .  ? -7.392  5.213   4.922   1.00 42.00 ? 331 HOH B O     1 
HETATM 609 O  O     . HOH E 3 .  ? 2.435   8.223   4.296   1.00 45.47 ? 333 HOH B O     1 
HETATM 610 O  O     . HOH E 3 .  ? 2.385   -7.452  -5.160  1.00 75.71 ? 341 HOH B O     1 
HETATM 611 O  O     . HOH E 3 .  ? -8.247  8.750   2.525   1.00 23.92 ? 349 HOH B O     1 
HETATM 612 O  O     . HOH E 3 .  ? 10.564  -3.787  -4.161  1.00 70.26 ? 354 HOH B O     1 
HETATM 613 O  O     . HOH E 3 .  ? 1.726   10.851  -1.434  1.00 61.35 ? 369 HOH B O     1 
HETATM 614 O  O     . HOH E 3 .  ? 9.620   -13.874 -6.447  1.00 87.25 ? 375 HOH B O     1 
HETATM 615 O  O     . HOH E 3 .  ? 3.402   -11.444 -7.095  1.00 64.56 ? 377 HOH B O     1 
HETATM 616 O  O     . HOH E 3 .  ? 1.330   9.969   7.706   1.00 62.82 ? 379 HOH B O     1 
HETATM 617 O  O     . HOH E 3 .  ? -3.227  8.496   8.253   1.00 73.80 ? 387 HOH B O     1 
HETATM 618 O  O     . HOH E 3 .  ? -5.542  -5.541  5.979   1.00 85.96 ? 393 HOH B O     1 
# 
loop_
_atom_site_anisotrop.id 
_atom_site_anisotrop.type_symbol 
_atom_site_anisotrop.pdbx_label_atom_id 
_atom_site_anisotrop.pdbx_label_alt_id 
_atom_site_anisotrop.pdbx_label_comp_id 
_atom_site_anisotrop.pdbx_label_asym_id 
_atom_site_anisotrop.pdbx_label_seq_id 
_atom_site_anisotrop.pdbx_PDB_ins_code 
_atom_site_anisotrop.U[1][1] 
_atom_site_anisotrop.U[2][2] 
_atom_site_anisotrop.U[3][3] 
_atom_site_anisotrop.U[1][2] 
_atom_site_anisotrop.U[1][3] 
_atom_site_anisotrop.U[2][3] 
_atom_site_anisotrop.pdbx_auth_seq_id 
_atom_site_anisotrop.pdbx_auth_comp_id 
_atom_site_anisotrop.pdbx_auth_asym_id 
_atom_site_anisotrop.pdbx_auth_atom_id 
1   O  "O5'" . DC  A 1  ? 0.4629 0.5569 0.3367 -0.1201 0.1080  -0.0150 1   DC  A "O5'" 
2   C  "C5'" . DC  A 1  ? 0.3628 0.4004 0.2583 -0.0162 0.0412  0.0033  1   DC  A "C5'" 
3   C  "C4'" . DC  A 1  ? 0.2608 0.4033 0.2743 0.0016  0.0277  0.0092  1   DC  A "C4'" 
4   O  "O4'" . DC  A 1  ? 0.2407 0.3877 0.2629 0.0400  0.0160  0.0371  1   DC  A "O4'" 
5   C  "C3'" . DC  A 1  ? 0.2937 0.3702 0.2795 -0.0035 0.0358  0.0423  1   DC  A "C3'" 
6   O  "O3'" . DC  A 1  ? 0.3776 0.4335 0.3443 -0.0346 0.0725  -0.0470 1   DC  A "O3'" 
7   C  "C2'" . DC  A 1  ? 0.2715 0.3437 0.3180 0.0303  0.0329  0.0882  1   DC  A "C2'" 
8   C  "C1'" . DC  A 1  ? 0.2501 0.3394 0.2582 0.0439  0.0206  0.0555  1   DC  A "C1'" 
9   N  N1    . DC  A 1  ? 0.2307 0.3216 0.2305 0.0700  0.0082  0.0712  1   DC  A N1    
10  C  C2    . DC  A 1  ? 0.2299 0.3155 0.2393 0.0647  -0.0058 0.0675  1   DC  A C2    
11  O  O2    . DC  A 1  ? 0.2793 0.3953 0.2271 0.0046  0.0142  0.0525  1   DC  A O2    
12  N  N3    . DC  A 1  ? 0.2380 0.2952 0.2266 0.0690  0.0155  0.0561  1   DC  A N3    
13  C  C4    . DC  A 1  ? 0.2392 0.3245 0.2241 0.0701  0.0151  0.0444  1   DC  A C4    
14  N  N4    . DC  A 1  ? 0.2574 0.3168 0.2374 0.0688  0.0077  0.0403  1   DC  A N4    
15  C  C5    . DC  A 1  ? 0.2532 0.3259 0.2362 0.0728  0.0034  0.0559  1   DC  A C5    
16  C  C6    . DC  A 1  ? 0.2488 0.3117 0.2367 0.0789  -0.0010 0.0638  1   DC  A C6    
17  P  P     . DG  A 2  ? 0.3818 0.4453 0.4592 -0.0358 0.0963  -0.0732 2   DG  A P     
18  O  OP1   . DG  A 2  ? 0.5177 0.5252 0.5400 -0.1638 0.1431  -0.1536 2   DG  A OP1   
19  O  OP2   . DG  A 2  ? 0.5900 0.3838 0.4400 -0.0013 0.0880  0.0089  2   DG  A OP2   
20  O  "O5'" . DG  A 2  ? 0.3494 0.4828 0.3746 -0.0010 0.0471  -0.0595 2   DG  A "O5'" 
21  C  "C5'" . DG  A 2  ? 0.3340 0.4373 0.3950 0.0702  0.0160  -0.1024 2   DG  A "C5'" 
22  C  "C4'" . DG  A 2  ? 0.3136 0.3085 0.3491 0.0307  -0.0160 -0.0630 2   DG  A "C4'" 
23  O  "O4'" . DG  A 2  ? 0.3233 0.3041 0.4759 0.0597  -0.0820 -0.1083 2   DG  A "O4'" 
24  C  "C3'" . DG  A 2  ? 0.3001 0.2901 0.3672 0.0145  0.0389  -0.0082 2   DG  A "C3'" 
25  O  "O3'" . DG  A 2  ? 0.4102 0.3041 0.3923 0.0516  0.0142  -0.0593 2   DG  A "O3'" 
26  C  "C2'" . DG  A 2  ? 0.3033 0.2695 0.3700 0.0261  0.0212  -0.0055 2   DG  A "C2'" 
27  C  "C1'" . DG  A 2  ? 0.3127 0.2744 0.3280 0.0296  -0.0359 -0.0022 2   DG  A "C1'" 
28  N  N9    . DG  A 2  ? 0.2793 0.2577 0.2821 0.0352  -0.0040 0.0175  2   DG  A N9    
29  C  C8    . DG  A 2  ? 0.2668 0.2749 0.2806 0.0208  0.0297  0.0258  2   DG  A C8    
30  N  N7    . DG  A 2  ? 0.2201 0.2591 0.2632 0.0425  0.0218  0.0302  2   DG  A N7    
31  C  C5    . DG  A 2  ? 0.2110 0.2450 0.2470 0.0607  -0.0039 0.0267  2   DG  A C5    
32  C  C6    . DG  A 2  ? 0.1959 0.2439 0.2624 0.0598  0.0001  0.0235  2   DG  A C6    
33  O  O6    . DG  A 2  ? 0.2402 0.2689 0.2495 0.0320  -0.0127 0.0280  2   DG  A O6    
34  N  N1    . DG  A 2  ? 0.1941 0.2464 0.2550 0.0539  -0.0090 0.0205  2   DG  A N1    
35  C  C2    . DG  A 2  ? 0.2031 0.2415 0.2615 0.0601  -0.0212 0.0180  2   DG  A C2    
36  N  N2    . DG  A 2  ? 0.2419 0.2490 0.2593 0.0650  -0.0353 0.0293  2   DG  A N2    
37  N  N3    . DG  A 2  ? 0.2195 0.2553 0.2547 0.0523  -0.0038 0.0065  2   DG  A N3    
38  C  C4    . DG  A 2  ? 0.2339 0.2375 0.2540 0.0685  -0.0193 0.0253  2   DG  A C4    
39  P  P     . DC  A 3  ? 0.4020 0.2602 0.3879 0.0241  0.0588  -0.0107 3   DC  A P     
40  O  OP1   . DC  A 3  ? 0.4456 0.2867 0.5392 -0.0151 0.0705  -0.0938 3   DC  A OP1   
41  O  OP2   . DC  A 3  ? 0.6756 0.2930 0.4075 0.1018  0.0978  0.0764  3   DC  A OP2   
42  O  "O5'" . DC  A 3  ? 0.3402 0.3314 0.3922 0.0398  -0.0103 0.0854  3   DC  A "O5'" 
43  C  "C5'" . DC  A 3  ? 0.3207 0.3147 0.3498 0.0111  -0.0498 0.0418  3   DC  A "C5'" 
44  C  "C4'" . DC  A 3  ? 0.2660 0.2698 0.3099 0.0537  -0.0417 0.0189  3   DC  A "C4'" 
45  O  "O4'" . DC  A 3  ? 0.2399 0.2887 0.3211 0.0672  -0.0119 0.0082  3   DC  A "O4'" 
46  C  "C3'" . DC  A 3  ? 0.3096 0.2936 0.3341 0.1225  -0.0485 0.0127  3   DC  A "C3'" 
47  O  "O3'" . DC  A 3  ? 0.2652 0.5063 0.4047 0.0452  -0.0174 -0.1067 3   DC  A "O3'" 
48  C  "C2'" . DC  A 3  ? 0.2463 0.5116 0.3637 0.0478  0.0161  -0.0942 3   DC  A "C2'" 
49  C  "C1'" . DC  A 3  ? 0.2709 0.3557 0.3086 0.0144  -0.0054 -0.0321 3   DC  A "C1'" 
50  N  N1    . DC  A 3  ? 0.2494 0.2957 0.2984 0.0579  -0.0065 0.0089  3   DC  A N1    
51  C  C2    . DC  A 3  ? 0.2162 0.2873 0.2688 0.0613  0.0195  0.0062  3   DC  A C2    
52  O  O2    . DC  A 3  ? 0.2122 0.3250 0.2640 0.0451  -0.0041 0.0200  3   DC  A O2    
53  N  N3    . DC  A 3  ? 0.1853 0.2859 0.2669 0.0616  -0.0003 0.0330  3   DC  A N3    
54  C  C4    . DC  A 3  ? 0.1991 0.3047 0.2887 0.0489  -0.0168 0.0557  3   DC  A C4    
55  N  N4    . DC  A 3  ? 0.2313 0.2683 0.2831 0.0714  -0.0071 0.0598  3   DC  A N4    
56  C  C5    . DC  A 3  ? 0.3020 0.2746 0.3255 0.0556  -0.0098 0.0416  3   DC  A C5    
57  C  C6    . DC  A 3  ? 0.2809 0.2759 0.3360 0.0593  -0.0182 0.0282  3   DC  A C6    
58  P  P     . DG  A 4  ? 0.3188 0.4120 0.4890 0.0562  0.0288  -0.0901 4   DG  A P     
59  O  OP1   . DG  A 4  ? 0.4657 0.5223 0.5992 0.0328  0.0508  -0.2426 4   DG  A OP1   
60  O  OP2   . DG  A 4  ? 0.4925 0.3271 0.6633 0.0747  -0.0004 0.0000  4   DG  A OP2   
61  O  "O5'" . DG  A 4  ? 0.2600 0.4220 0.3883 0.0755  -0.0127 -0.0316 4   DG  A "O5'" 
62  C  "C5'" . DG  A 4  ? 0.2850 0.5118 0.3364 0.0307  -0.0625 -0.0091 4   DG  A "C5'" 
63  C  "C4'" . DG  A 4  ? 0.2879 0.4435 0.3070 0.0525  -0.0415 -0.0236 4   DG  A "C4'" 
64  O  "O4'" . DG  A 4  ? 0.2879 0.4252 0.3176 0.0953  -0.0534 -0.0219 4   DG  A "O4'" 
65  C  "C3'" . DG  A 4  ? 0.2689 0.5553 0.3638 0.0636  0.0005  -0.0866 4   DG  A "C3'" 
66  O  "O3'" . DG  A 4  ? 0.3375 0.6881 0.4333 -0.0323 0.0499  -0.1013 4   DG  A "O3'" 
67  C  "C2'" . DG  A 4  ? 0.2798 0.4878 0.4000 0.1288  -0.0612 -0.0745 4   DG  A "C2'" 
68  C  "C1'" . DG  A 4  ? 0.2826 0.4010 0.3314 0.0751  -0.0595 -0.0292 4   DG  A "C1'" 
69  N  N9    . DG  A 4  ? 0.2368 0.3487 0.3379 0.0705  -0.0794 -0.0106 4   DG  A N9    
70  C  C8    . DG  A 4  ? 0.2909 0.3004 0.3692 0.1015  -0.1016 0.0064  4   DG  A C8    
71  N  N7    . DG  A 4  ? 0.2427 0.3208 0.3792 0.0640  -0.0850 0.0145  4   DG  A N7    
72  C  C5    . DG  A 4  ? 0.2171 0.2984 0.3451 0.0904  -0.0477 0.0221  4   DG  A C5    
73  C  C6    . DG  A 4  ? 0.1740 0.3308 0.3470 0.0602  -0.0305 0.0161  4   DG  A C6    
74  O  O6    . DG  A 4  ? 0.2198 0.3049 0.3403 0.0693  -0.0428 0.0275  4   DG  A O6    
75  N  N1    . DG  A 4  ? 0.1894 0.3085 0.3115 0.0841  -0.0344 0.0247  4   DG  A N1    
76  C  C2    . DG  A 4  ? 0.2160 0.3014 0.2944 0.1015  -0.0279 0.0186  4   DG  A C2    
77  N  N2    . DG  A 4  ? 0.2386 0.3193 0.2761 0.0720  -0.0360 0.0273  4   DG  A N2    
78  N  N3    . DG  A 4  ? 0.2468 0.3145 0.3090 0.0779  -0.0293 0.0091  4   DG  A N3    
79  C  C4    . DG  A 4  ? 0.2245 0.3235 0.3152 0.0708  -0.0750 0.0152  4   DG  A C4    
80  P  P     . DA  A 5  ? 0.3476 0.7146 0.5198 -0.0382 0.0984  -0.1636 5   DA  A P     
81  O  OP1   . DA  A 5  ? 0.5102 1.0837 0.4639 -0.2071 0.1814  -0.2958 5   DA  A OP1   
82  O  OP2   . DA  A 5  ? 0.4512 0.6439 0.9786 0.0762  0.1465  -0.2344 5   DA  A OP2   
83  O  "O5'" . DA  A 5  ? 0.2893 0.6081 0.3874 0.0547  0.0365  -0.0527 5   DA  A "O5'" 
84  C  "C5'" . DA  A 5  ? 0.2620 0.6099 0.3032 0.0545  -0.0016 -0.0100 5   DA  A "C5'" 
85  C  "C4'" . DA  A 5  ? 0.2343 0.5450 0.2919 0.0459  -0.0192 0.0478  5   DA  A "C4'" 
86  O  "O4'" . DA  A 5  ? 0.2381 0.5460 0.2907 0.0905  -0.0225 0.0695  5   DA  A "O4'" 
87  C  "C3'" . DA  A 5  ? 0.2381 0.4897 0.3529 0.0348  -0.0054 0.0709  5   DA  A "C3'" 
88  O  "O3'" . DA  A 5  ? 0.2318 0.4753 0.2860 0.0558  -0.0049 0.0662  5   DA  A "O3'" 
89  C  "C2'" . DA  A 5  ? 0.2364 0.4300 0.3617 0.0622  -0.0061 0.0516  5   DA  A "C2'" 
90  C  "C1'" . DA  A 5  ? 0.2431 0.4365 0.3122 0.0880  -0.0227 0.0627  5   DA  A "C1'" 
91  N  N9    . DA  A 5  ? 0.2509 0.3969 0.3097 0.0834  -0.0099 0.0315  5   DA  A N9    
92  C  C8    . DA  A 5  ? 0.2929 0.3642 0.3176 0.1349  0.0050  0.0209  5   DA  A C8    
93  N  N7    . DA  A 5  ? 0.2357 0.3756 0.2989 0.1006  -0.0380 0.0170  5   DA  A N7    
94  C  C5    . DA  A 5  ? 0.1921 0.3472 0.3010 0.0944  -0.0297 0.0200  5   DA  A C5    
95  C  C6    . DA  A 5  ? 0.2031 0.3381 0.3096 0.1188  -0.0176 0.0365  5   DA  A C6    
96  N  N6    . DA  A 5  ? 0.2058 0.3490 0.3083 0.1016  -0.0272 0.0394  5   DA  A N6    
97  N  N1    . DA  A 5  ? 0.2041 0.3293 0.2876 0.1203  -0.0252 0.0473  5   DA  A N1    
98  C  C2    . DA  A 5  ? 0.2446 0.3438 0.2845 0.0989  -0.0449 0.0646  5   DA  A C2    
99  N  N3    . DA  A 5  ? 0.2492 0.3177 0.2940 0.1025  -0.0388 0.0657  5   DA  A N3    
100 C  C4    . DA  A 5  ? 0.2161 0.3379 0.2911 0.1160  -0.0449 0.0536  5   DA  A C4    
101 P  P     . DA  A 6  ? 0.2517 0.3972 0.2884 0.0537  -0.0164 0.0690  6   DA  A P     
102 O  OP1   . DA  A 6  ? 0.2797 0.4148 0.3088 0.0613  0.0169  0.0917  6   DA  A OP1   
103 O  OP2   . DA  A 6  ? 0.2671 0.4205 0.3125 0.0707  -0.0147 0.0098  6   DA  A OP2   
104 O  "O5'" . DA  A 6  ? 0.2357 0.3670 0.2798 0.0730  -0.0110 0.0635  6   DA  A "O5'" 
105 C  "C5'" . DA  A 6  ? 0.2492 0.3213 0.2908 0.0659  -0.0102 0.0897  6   DA  A "C5'" 
106 C  "C4'" . DA  A 6  ? 0.2357 0.2989 0.2833 0.0487  0.0022  0.0799  6   DA  A "C4'" 
107 O  "O4'" . DA  A 6  ? 0.2161 0.3027 0.3034 0.0635  0.0072  0.0843  6   DA  A "O4'" 
108 C  "C3'" . DA  A 6  ? 0.2280 0.3001 0.2560 0.0507  -0.0030 0.0863  6   DA  A "C3'" 
109 O  "O3'" . DA  A 6  ? 0.2428 0.2665 0.3201 0.0435  -0.0065 0.0902  6   DA  A "O3'" 
110 C  "C2'" . DA  A 6  ? 0.2017 0.2731 0.3078 0.0417  -0.0062 0.0527  6   DA  A "C2'" 
111 C  "C1'" . DA  A 6  ? 0.2127 0.2854 0.2773 0.0426  -0.0075 0.0742  6   DA  A "C1'" 
112 N  N9    . DA  A 6  ? 0.2011 0.2965 0.2443 0.0304  -0.0266 0.0694  6   DA  A N9    
113 C  C8    . DA  A 6  ? 0.1964 0.3051 0.2557 0.0559  -0.0031 0.0549  6   DA  A C8    
114 N  N7    . DA  A 6  ? 0.1821 0.2839 0.2676 0.0749  -0.0006 0.0352  6   DA  A N7    
115 C  C5    . DA  A 6  ? 0.1741 0.2423 0.2764 0.0776  0.0032  0.0509  6   DA  A C5    
116 C  C6    . DA  A 6  ? 0.1590 0.2446 0.2828 0.0774  0.0072  0.0436  6   DA  A C6    
117 N  N6    . DA  A 6  ? 0.1827 0.2528 0.3034 0.0613  -0.0045 0.0491  6   DA  A N6    
118 N  N1    . DA  A 6  ? 0.1781 0.2752 0.2692 0.0782  -0.0092 0.0533  6   DA  A N1    
119 C  C2    . DA  A 6  ? 0.2041 0.2707 0.2528 0.0721  0.0071  0.0497  6   DA  A C2    
120 N  N3    . DA  A 6  ? 0.2013 0.2686 0.2515 0.0641  -0.0132 0.0581  6   DA  A N3    
121 C  C4    . DA  A 6  ? 0.1958 0.2494 0.2443 0.0598  -0.0196 0.0637  6   DA  A C4    
122 P  P     . DT  A 7  ? 0.2516 0.2778 0.2728 0.0302  -0.0026 0.0703  7   DT  A P     
123 O  OP1   . DT  A 7  ? 0.3046 0.2898 0.3133 -0.0055 0.0188  0.0620  7   DT  A OP1   
124 O  OP2   . DT  A 7  ? 0.2402 0.3194 0.2510 0.0270  0.0029  0.0587  7   DT  A OP2   
125 O  "O5'" . DT  A 7  ? 0.2468 0.2901 0.2612 0.0439  0.0077  0.0665  7   DT  A "O5'" 
126 C  "C5'" . DT  A 7  ? 0.2512 0.2737 0.2978 0.0450  0.0265  0.0599  7   DT  A "C5'" 
127 C  "C4'" . DT  A 7  ? 0.2717 0.2712 0.2449 0.0366  0.0061  0.0343  7   DT  A "C4'" 
128 O  "O4'" . DT  A 7  ? 0.2358 0.2588 0.2786 0.0486  -0.0049 0.0358  7   DT  A "O4'" 
129 C  "C3'" . DT  A 7  ? 0.2637 0.2674 0.2838 0.0144  -0.0090 0.0444  7   DT  A "C3'" 
130 O  "O3'" . DT  A 7  ? 0.3068 0.2762 0.2906 0.0087  -0.0235 0.0398  7   DT  A "O3'" 
131 C  "C2'" . DT  A 7  ? 0.2383 0.2701 0.2702 0.0215  -0.0222 0.0444  7   DT  A "C2'" 
132 C  "C1'" . DT  A 7  ? 0.2394 0.2728 0.2499 0.0172  -0.0032 0.0575  7   DT  A "C1'" 
133 N  N1    . DT  A 7  ? 0.2062 0.2523 0.2559 0.0285  0.0020  0.0649  7   DT  A N1    
134 C  C2    . DT  A 7  ? 0.1796 0.2464 0.2645 0.0483  0.0146  0.0551  7   DT  A C2    
135 O  O2    . DT  A 7  ? 0.2425 0.2438 0.2616 0.0427  0.0300  0.0555  7   DT  A O2    
136 N  N3    . DT  A 7  ? 0.1829 0.2196 0.2596 0.0657  0.0033  0.0668  7   DT  A N3    
137 C  C4    . DT  A 7  ? 0.1740 0.2230 0.2679 0.0697  0.0037  0.0618  7   DT  A C4    
138 O  O4    . DT  A 7  ? 0.2087 0.2269 0.2860 0.0600  0.0085  0.0518  7   DT  A O4    
139 C  C5    . DT  A 7  ? 0.1969 0.2421 0.2659 0.0503  0.0139  0.0622  7   DT  A C5    
140 C  C7    . DT  A 7  ? 0.2310 0.2859 0.2579 0.0278  0.0113  0.0388  7   DT  A C7    
141 C  C6    . DT  A 7  ? 0.1914 0.2466 0.2591 0.0457  0.0065  0.0585  7   DT  A C6    
142 P  P     . UAR A 8  ? 0.3337 0.3139 0.2955 -0.0196 -0.0308 0.0502  8   UAR A P     
143 O  OP1   . UAR A 8  ? 0.4514 0.3057 0.3348 -0.0564 -0.0689 0.0313  8   UAR A OP1   
144 O  OP2   . UAR A 8  ? 0.2987 0.4320 0.3430 -0.0015 -0.0162 0.1049  8   UAR A OP2   
145 O  "O5'" . UAR A 8  ? 0.3057 0.2874 0.2869 0.0140  -0.0188 0.0432  8   UAR A "O5'" 
146 C  "C5'" . UAR A 8  ? 0.3992 0.2912 0.2801 0.0182  0.0516  0.0201  8   UAR A "C5'" 
147 C  "C4'" . UAR A 8  ? 0.3299 0.2909 0.2837 0.0023  0.0097  0.0160  8   UAR A "C4'" 
148 O  "O4'" . UAR A 8  ? 0.3028 0.2740 0.2677 0.0362  0.0255  0.0344  8   UAR A "O4'" 
149 C  "C3'" . UAR A 8  ? 0.3396 0.3011 0.2983 -0.0208 -0.0043 0.0372  8   UAR A "C3'" 
150 O  "O3'" . UAR A 8  ? 0.4552 0.3193 0.2896 0.0110  0.0169  0.0421  8   UAR A "O3'" 
151 C  "C2'" . UAR A 8  ? 0.2941 0.3240 0.2940 0.0052  -0.0229 0.0269  8   UAR A "C2'" 
152 O  "O2'" . UAR A 8  ? 0.2898 0.4187 0.3179 0.0186  -0.0180 0.0232  8   UAR A "O2'" 
153 C  "C1'" . UAR A 8  ? 0.2852 0.2716 0.2591 0.0146  -0.0052 0.0530  8   UAR A "C1'" 
154 N  N1    . UAR A 8  ? 0.2200 0.2563 0.2608 0.0392  -0.0008 0.0577  8   UAR A N1    
155 C  C2    . UAR A 8  ? 0.1963 0.2670 0.2588 0.0356  0.0233  0.0414  8   UAR A C2    
156 O  O2    . UAR A 8  ? 0.2313 0.2916 0.2543 0.0373  0.0299  0.0530  8   UAR A O2    
157 N  N3    . UAR A 8  ? 0.1958 0.2362 0.2484 0.0590  0.0228  0.0589  8   UAR A N3    
158 C  C4    . UAR A 8  ? 0.1812 0.2469 0.2683 0.0697  0.0337  0.0654  8   UAR A C4    
159 O  O4    . UAR A 8  ? 0.2219 0.2688 0.2572 0.0571  0.0280  0.0554  8   UAR A O4    
160 C  C5    . UAR A 8  ? 0.2155 0.2541 0.2959 0.0468  0.0320  0.0561  8   UAR A C5    
161 C  C6    . UAR A 8  ? 0.2027 0.2686 0.2756 0.0382  0.0080  0.0709  8   UAR A C6    
162 P  P     . DC  A 9  ? 0.4586 0.3815 0.3081 -0.0360 -0.0448 0.0562  9   DC  A P     
163 O  OP1   . DC  A 9  ? 0.6642 0.4182 0.3007 -0.0429 -0.0581 0.0025  9   DC  A OP1   
164 O  OP2   . DC  A 9  ? 0.4295 0.5641 0.4132 -0.1018 -0.0934 0.1133  9   DC  A OP2   
165 O  "O5'" . DC  A 9  ? 0.3501 0.3438 0.2872 0.0248  -0.0453 0.0598  9   DC  A "O5'" 
166 C  "C5'" . DC  A 9  ? 0.3517 0.2935 0.2918 0.0684  0.0742  0.0367  9   DC  A "C5'" 
167 C  "C4'" . DC  A 9  ? 0.3391 0.2927 0.2677 0.0548  0.0703  0.0256  9   DC  A "C4'" 
168 O  "O4'" . DC  A 9  ? 0.2993 0.3246 0.2648 0.0761  0.0422  0.0273  9   DC  A "O4'" 
169 C  "C3'" . DC  A 9  ? 0.4062 0.2802 0.2755 0.0429  0.0129  0.0139  9   DC  A "C3'" 
170 O  "O3'" . DC  A 9  ? 0.4342 0.3508 0.2679 0.1043  0.0830  0.0570  9   DC  A "O3'" 
171 C  "C2'" . DC  A 9  ? 0.2966 0.2943 0.2770 0.0223  0.0144  0.0521  9   DC  A "C2'" 
172 C  "C1'" . DC  A 9  ? 0.2333 0.3065 0.2919 0.0528  0.0347  0.0054  9   DC  A "C1'" 
173 N  N1    . DC  A 9  ? 0.2406 0.2521 0.2775 0.0370  0.0109  0.0220  9   DC  A N1    
174 C  C2    . DC  A 9  ? 0.2139 0.2306 0.2466 0.0545  0.0040  0.0527  9   DC  A C2    
175 O  O2    . DC  A 9  ? 0.2504 0.2304 0.2929 0.0415  0.0435  0.0291  9   DC  A O2    
176 N  N3    . DC  A 9  ? 0.2388 0.2304 0.2618 0.0651  0.0228  0.0572  9   DC  A N3    
177 C  C4    . DC  A 9  ? 0.1916 0.2526 0.2790 0.0628  0.0097  0.0604  9   DC  A C4    
178 N  N4    . DC  A 9  ? 0.2158 0.2730 0.2787 0.0644  0.0260  0.0722  9   DC  A N4    
179 C  C5    . DC  A 9  ? 0.2249 0.2704 0.2983 0.0424  0.0013  0.0426  9   DC  A C5    
180 C  C6    . DC  A 9  ? 0.2083 0.2820 0.3001 0.0254  -0.0019 0.0180  9   DC  A C6    
181 P  P     . DG  A 10 ? 0.6183 0.3281 0.2850 0.1323  0.0575  0.0453  10  DG  A P     
182 O  OP1   . DG  A 10 ? 0.8266 0.3808 0.3390 0.1812  0.2613  0.0911  10  DG  A OP1   
183 O  OP2   . DG  A 10 ? 0.8635 0.3352 0.3205 0.0928  -0.1308 0.0270  10  DG  A OP2   
184 O  "O5'" . DG  A 10 ? 0.5210 0.3006 0.3019 0.0842  0.0516  0.0585  10  DG  A "O5'" 
185 C  "C5'" . DG  A 10 ? 0.4164 0.3066 0.3127 0.0886  0.1112  0.0590  10  DG  A "C5'" 
186 C  "C4'" . DG  A 10 ? 0.4093 0.3200 0.2858 0.0856  0.1110  0.0572  10  DG  A "C4'" 
187 O  "O4'" . DG  A 10 ? 0.3223 0.3171 0.2898 0.0637  0.0722  0.0701  10  DG  A "O4'" 
188 C  "C3'" . DG  A 10 ? 0.4705 0.3163 0.2819 0.1214  0.0937  0.0707  10  DG  A "C3'" 
189 O  "O3'" . DG  A 10 ? 0.5208 0.3105 0.3068 0.1215  0.1253  0.0702  10  DG  A "O3'" 
190 C  "C2'" . DG  A 10 ? 0.4331 0.3442 0.2460 0.0839  0.0203  0.0400  10  DG  A "C2'" 
191 C  "C1'" . DG  A 10 ? 0.3138 0.3376 0.2506 0.0556  0.0124  0.0612  10  DG  A "C1'" 
192 N  N9    . DG  A 10 ? 0.2770 0.3066 0.2584 0.0568  0.0204  0.0332  10  DG  A N9    
193 C  C8    . DG  A 10 ? 0.2831 0.3034 0.2862 0.0692  0.0047  0.0313  10  DG  A C8    
194 N  N7    . DG  A 10 ? 0.3317 0.2715 0.2808 0.0621  -0.0116 0.0571  10  DG  A N7    
195 C  C5    . DG  A 10 ? 0.2482 0.2736 0.2849 0.0582  0.0116  0.0445  10  DG  A C5    
196 C  C6    . DG  A 10 ? 0.2160 0.2634 0.2855 0.0629  0.0051  0.0593  10  DG  A C6    
197 O  O6    . DG  A 10 ? 0.2682 0.2656 0.2991 0.0463  0.0333  0.0394  10  DG  A O6    
198 N  N1    . DG  A 10 ? 0.2175 0.2526 0.2777 0.0751  0.0239  0.0496  10  DG  A N1    
199 C  C2    . DG  A 10 ? 0.2376 0.2618 0.2538 0.0596  -0.0012 0.0645  10  DG  A C2    
200 N  N2    . DG  A 10 ? 0.2393 0.2576 0.2619 0.0670  0.0069  0.0564  10  DG  A N2    
201 N  N3    . DG  A 10 ? 0.2377 0.2510 0.2573 0.0814  0.0037  0.0594  10  DG  A N3    
202 C  C4    . DG  A 10 ? 0.2618 0.2707 0.2531 0.0739  0.0051  0.0570  10  DG  A C4    
203 P  P     . DC  A 11 ? 0.6315 0.3306 0.3555 0.1306  0.2001  0.0827  11  DC  A P     
204 O  OP1   . DC  A 11 ? 0.7285 0.3509 0.4762 0.1626  0.3246  0.1016  11  DC  A OP1   
205 O  OP2   . DC  A 11 ? 0.8207 0.3589 0.3200 0.1863  0.1320  0.0884  11  DC  A OP2   
206 O  "O5'" . DC  A 11 ? 0.5421 0.3078 0.3948 0.1102  0.1989  0.0882  11  DC  A "O5'" 
207 C  "C5'" . DC  A 11 ? 0.5133 0.3022 0.4448 0.1105  0.1871  0.1001  11  DC  A "C5'" 
208 C  "C4'" . DC  A 11 ? 0.3641 0.2910 0.4135 0.1200  0.1551  0.1313  11  DC  A "C4'" 
209 O  "O4'" . DC  A 11 ? 0.3136 0.3034 0.4266 0.0982  0.1084  0.1273  11  DC  A "O4'" 
210 C  "C3'" . DC  A 11 ? 0.3457 0.2756 0.5053 0.0890  0.1352  0.0967  11  DC  A "C3'" 
211 O  "O3'" . DC  A 11 ? 0.3192 0.3063 0.5010 0.0921  0.1180  0.1001  11  DC  A "O3'" 
212 C  "C2'" . DC  A 11 ? 0.3400 0.2977 0.3590 0.1119  0.1034  0.0919  11  DC  A "C2'" 
213 C  "C1'" . DC  A 11 ? 0.2996 0.3056 0.3224 0.0856  0.0648  0.0750  11  DC  A "C1'" 
214 N  N1    . DC  A 11 ? 0.2998 0.2933 0.2648 0.0990  0.0484  0.0762  11  DC  A N1    
215 C  C2    . DC  A 11 ? 0.2789 0.2660 0.2692 0.1036  0.0390  0.0839  11  DC  A C2    
216 O  O2    . DC  A 11 ? 0.2941 0.2829 0.2732 0.0718  0.0624  0.0554  11  DC  A O2    
217 N  N3    . DC  A 11 ? 0.2779 0.2604 0.2714 0.1016  0.0417  0.0554  11  DC  A N3    
218 C  C4    . DC  A 11 ? 0.2373 0.3725 0.2816 0.1247  0.0193  0.0314  11  DC  A C4    
219 N  N4    . DC  A 11 ? 0.3189 0.4074 0.2599 0.0570  0.0195  0.0121  11  DC  A N4    
220 C  C5    . DC  A 11 ? 0.3163 0.3674 0.2680 0.0985  0.0195  0.0444  11  DC  A C5    
221 C  C6    . DC  A 11 ? 0.3257 0.3277 0.2780 0.1115  0.0259  0.0555  11  DC  A C6    
222 P  P     . DG  A 12 ? 0.4419 0.2985 0.5178 0.0775  0.1655  0.0649  12  DG  A P     
223 O  OP1   . DG  A 12 ? 0.4100 0.3967 0.8178 0.0368  0.1257  -0.0384 12  DG  A OP1   
224 O  OP2   . DG  A 12 ? 0.8545 0.2902 0.5122 0.0744  0.2912  0.0976  12  DG  A OP2   
225 O  "O5'" . DG  A 12 ? 0.4206 0.3621 0.3810 0.1521  0.0629  0.0557  12  DG  A "O5'" 
226 C  "C5'" . DG  A 12 ? 0.2890 0.3664 0.3605 0.0604  -0.0027 0.0511  12  DG  A "C5'" 
227 C  "C4'" . DG  A 12 ? 0.3006 0.2578 0.3620 0.0424  0.0189  0.0496  12  DG  A "C4'" 
228 O  "O4'" . DG  A 12 ? 0.3002 0.2567 0.3938 0.0579  -0.0209 0.0395  12  DG  A "O4'" 
229 C  "C3'" . DG  A 12 ? 0.3066 0.2519 0.3123 0.0691  0.0627  0.0249  12  DG  A "C3'" 
230 O  "O3'" . DG  A 12 ? 0.3106 0.2662 0.3571 0.0491  0.0651  0.0026  12  DG  A "O3'" 
231 C  "C2'" . DG  A 12 ? 0.3120 0.2401 0.3326 0.0792  0.0346  0.0166  12  DG  A "C2'" 
232 C  "C1'" . DG  A 12 ? 0.2927 0.2435 0.3294 0.0683  0.0214  0.0009  12  DG  A "C1'" 
233 N  N9    . DG  A 12 ? 0.3159 0.2432 0.2818 0.0757  -0.0210 0.0294  12  DG  A N9    
234 C  C8    . DG  A 12 ? 0.2820 0.3419 0.2975 0.0794  -0.0022 -0.0101 12  DG  A C8    
235 N  N7    . DG  A 12 ? 0.2941 0.3511 0.2969 0.0795  -0.0112 -0.0251 12  DG  A N7    
236 C  C5    . DG  A 12 ? 0.2849 0.2574 0.3012 0.0951  -0.0210 -0.0299 12  DG  A C5    
237 C  C6    . DG  A 12 ? 0.3065 0.2567 0.3490 0.0764  -0.0241 -0.0366 12  DG  A C6    
238 O  O6    . DG  A 12 ? 0.3123 0.3055 0.3641 0.0468  -0.0083 -0.0580 12  DG  A O6    
239 N  N1    . DG  A 12 ? 0.2897 0.2387 0.3409 0.0762  -0.0363 -0.0194 12  DG  A N1    
240 C  C2    . DG  A 12 ? 0.2693 0.2293 0.3053 0.0820  -0.0430 0.0113  12  DG  A C2    
241 N  N2    . DG  A 12 ? 0.3379 0.2324 0.3024 0.0425  -0.0458 0.0471  12  DG  A N2    
242 N  N3    . DG  A 12 ? 0.2974 0.2314 0.2654 0.0679  -0.0390 0.0233  12  DG  A N3    
243 C  C4    . DG  A 12 ? 0.2428 0.2629 0.2864 0.0782  -0.0303 -0.0134 12  DG  A C4    
244 O  "O5'" . DC  B 1  ? 0.3908 0.6398 0.5482 -0.0483 -0.0591 -0.0763 113 DC  B "O5'" 
245 C  "C5'" . DC  B 1  ? 0.3578 0.6082 0.4800 -0.0553 -0.0233 -0.0052 113 DC  B "C5'" 
246 C  "C4'" . DC  B 1  ? 0.3306 0.5327 0.4066 -0.0043 -0.0116 0.0182  113 DC  B "C4'" 
247 O  "O4'" . DC  B 1  ? 0.3171 0.3879 0.4142 0.0424  0.0118  -0.0180 113 DC  B "O4'" 
248 C  "C3'" . DC  B 1  ? 0.4008 0.4055 0.5511 -0.0910 -0.0724 0.0633  113 DC  B "C3'" 
249 O  "O3'" . DC  B 1  ? 0.6864 0.5546 0.4742 -0.1694 -0.1423 0.1509  113 DC  B "O3'" 
250 C  "C2'" . DC  B 1  ? 0.3356 0.3314 0.7779 -0.0602 -0.0834 0.0966  113 DC  B "C2'" 
251 C  "C1'" . DC  B 1  ? 0.3147 0.2701 0.5219 -0.0013 -0.0313 -0.0248 113 DC  B "C1'" 
252 N  N1    . DC  B 1  ? 0.2885 0.2869 0.5714 0.0246  0.0046  -0.1002 113 DC  B N1    
253 C  C2    . DC  B 1  ? 0.2631 0.2552 0.4631 0.0685  -0.0443 -0.0167 113 DC  B C2    
254 O  O2    . DC  B 1  ? 0.3276 0.2725 0.3739 -0.0005 -0.0481 0.0404  113 DC  B O2    
255 N  N3    . DC  B 1  ? 0.2710 0.2930 0.4345 0.0894  -0.0670 -0.0332 113 DC  B N3    
256 C  C4    . DC  B 1  ? 0.2645 0.3727 0.5780 0.0828  -0.0223 -0.1540 113 DC  B C4    
257 N  N4    . DC  B 1  ? 0.2768 0.4241 0.6045 0.0601  0.0022  -0.2337 113 DC  B N4    
258 C  C5    . DC  B 1  ? 0.3571 0.3868 0.6524 0.0273  0.0220  -0.2037 113 DC  B C5    
259 C  C6    . DC  B 1  ? 0.2806 0.4337 0.6497 -0.0061 -0.0014 -0.2040 113 DC  B C6    
260 P  P     . DG  B 2  ? 0.7310 0.5506 0.6295 -0.2536 -0.1977 0.2855  114 DG  B P     
261 O  OP1   . DG  B 2  ? 0.5903 1.1837 0.6086 -0.1780 -0.1819 0.5312  114 DG  B OP1   
262 O  OP2   . DG  B 2  ? 1.1443 0.4346 0.9694 -0.3589 -0.4298 0.2587  114 DG  B OP2   
263 O  "O5'" . DG  B 2  ? 0.6339 0.4091 0.3604 -0.1242 -0.0601 0.0923  114 DG  B "O5'" 
264 C  "C5'" . DG  B 2  ? 0.3182 0.4322 0.3604 0.0318  0.0656  0.0487  114 DG  B "C5'" 
265 C  "C4'" . DG  B 2  ? 0.3049 0.3022 0.2803 0.0670  0.0372  0.0124  114 DG  B "C4'" 
266 O  "O4'" . DG  B 2  ? 0.3278 0.3270 0.2737 0.0748  0.0404  0.0445  114 DG  B "O4'" 
267 C  "C3'" . DG  B 2  ? 0.3525 0.3322 0.2778 0.1021  0.0506  0.0402  114 DG  B "C3'" 
268 O  "O3'" . DG  B 2  ? 0.3391 0.3727 0.2746 0.1221  0.0330  0.0332  114 DG  B "O3'" 
269 C  "C2'" . DG  B 2  ? 0.3827 0.2997 0.2896 0.1207  0.0606  0.0487  114 DG  B "C2'" 
270 C  "C1'" . DG  B 2  ? 0.3315 0.2962 0.2747 0.0862  0.0510  0.0416  114 DG  B "C1'" 
271 N  N9    . DG  B 2  ? 0.2647 0.3275 0.2803 0.0187  0.0523  0.0334  114 DG  B N9    
272 C  C8    . DG  B 2  ? 0.2717 0.3436 0.2960 0.0108  0.0503  0.0244  114 DG  B C8    
273 N  N7    . DG  B 2  ? 0.2477 0.3132 0.2813 0.0394  0.0332  0.0375  114 DG  B N7    
274 C  C5    . DG  B 2  ? 0.2331 0.2936 0.2713 0.0548  0.0165  0.0473  114 DG  B C5    
275 C  C6    . DG  B 2  ? 0.2651 0.2614 0.2638 0.0648  0.0235  0.0436  114 DG  B C6    
276 O  O6    . DG  B 2  ? 0.2668 0.2855 0.2969 0.0627  0.0198  0.0106  114 DG  B O6    
277 N  N1    . DG  B 2  ? 0.2510 0.2419 0.2598 0.0862  0.0335  0.0461  114 DG  B N1    
278 C  C2    . DG  B 2  ? 0.2497 0.2450 0.2577 0.0716  0.0437  0.0448  114 DG  B C2    
279 N  N2    . DG  B 2  ? 0.2654 0.2306 0.2915 0.0761  0.0542  0.0650  114 DG  B N2    
280 N  N3    . DG  B 2  ? 0.2178 0.2827 0.2568 0.0616  0.0359  0.0404  114 DG  B N3    
281 C  C4    . DG  B 2  ? 0.2053 0.2981 0.2593 0.0656  0.0202  0.0543  114 DG  B C4    
282 P  P     . DC  B 3  ? 0.3383 0.3313 0.2831 0.0906  0.0463  0.0630  115 DC  B P     
283 O  OP1   . DC  B 3  ? 0.3957 0.4093 0.2700 0.1226  0.0495  0.0359  115 DC  B OP1   
284 O  OP2   . DC  B 3  ? 0.4296 0.3276 0.3673 0.0948  0.1095  0.1103  115 DC  B OP2   
285 O  "O5'" . DC  B 3  ? 0.3308 0.2806 0.2852 0.0968  0.0399  0.0602  115 DC  B "O5'" 
286 C  "C5'" . DC  B 3  ? 0.3452 0.2766 0.3180 0.0898  0.0584  0.0322  115 DC  B "C5'" 
287 C  "C4'" . DC  B 3  ? 0.2981 0.2475 0.3074 0.0808  0.0322  0.0311  115 DC  B "C4'" 
288 O  "O4'" . DC  B 3  ? 0.2840 0.3000 0.2729 0.0731  0.0238  0.0655  115 DC  B "O4'" 
289 C  "C3'" . DC  B 3  ? 0.3277 0.2488 0.2606 0.0870  0.0063  0.0310  115 DC  B "C3'" 
290 O  "O3'" . DC  B 3  ? 0.3396 0.2723 0.2930 0.0845  -0.0059 0.0075  115 DC  B "O3'" 
291 C  "C2'" . DC  B 3  ? 0.2736 0.3687 0.2947 0.0623  0.0178  -0.0207 115 DC  B "C2'" 
292 C  "C1'" . DC  B 3  ? 0.2836 0.3243 0.2695 0.0394  0.0282  0.0202  115 DC  B "C1'" 
293 N  N1    . DC  B 3  ? 0.2628 0.2837 0.2372 0.0525  0.0114  0.0737  115 DC  B N1    
294 C  C2    . DC  B 3  ? 0.2260 0.2403 0.2509 0.0847  0.0136  0.0713  115 DC  B C2    
295 O  O2    . DC  B 3  ? 0.2656 0.2477 0.2631 0.0586  0.0400  0.0571  115 DC  B O2    
296 N  N3    . DC  B 3  ? 0.2490 0.2258 0.2846 0.0851  0.0446  0.0735  115 DC  B N3    
297 C  C4    . DC  B 3  ? 0.2504 0.2388 0.3163 0.0870  0.0467  0.0947  115 DC  B C4    
298 N  N4    . DC  B 3  ? 0.3099 0.2427 0.3371 0.0540  0.0345  0.1017  115 DC  B N4    
299 C  C5    . DC  B 3  ? 0.3223 0.2977 0.2941 0.0429  0.0481  0.1079  115 DC  B C5    
300 C  C6    . DC  B 3  ? 0.3691 0.3051 0.2701 0.0464  0.0515  0.0959  115 DC  B C6    
301 P  P     . DG  B 4  ? 0.3610 0.3281 0.2890 0.0871  -0.0223 0.0219  116 DG  B P     
302 O  OP1   . DG  B 4  ? 0.3403 0.4380 0.3338 0.0802  -0.0212 -0.0449 116 DG  B OP1   
303 O  OP2   . DG  B 4  ? 0.3890 0.3512 0.3228 0.0944  -0.0255 0.0882  116 DG  B OP2   
304 O  "O5'" . DG  B 4  ? 0.3241 0.2864 0.3096 0.0832  -0.0272 0.0170  116 DG  B "O5'" 
305 C  "C5'" . DG  B 4  ? 0.3131 0.2710 0.3099 0.0846  -0.0507 0.0109  116 DG  B "C5'" 
306 C  "C4'" . DG  B 4  ? 0.3132 0.2365 0.3700 0.0567  -0.0133 -0.0001 116 DG  B "C4'" 
307 O  "O4'" . DG  B 4  ? 0.2829 0.2228 0.3390 0.0598  -0.0028 0.0132  116 DG  B "O4'" 
308 C  "C3'" . DG  B 4  ? 0.3091 0.2727 0.4058 0.0659  -0.0429 -0.0154 116 DG  B "C3'" 
309 O  "O3'" . DG  B 4  ? 0.2996 0.2729 0.5328 0.0321  -0.0284 -0.0025 116 DG  B "O3'" 
310 C  "C2'" . DG  B 4  ? 0.2839 0.2586 0.3516 0.0734  0.0001  0.0051  116 DG  B "C2'" 
311 C  "C1'" . DG  B 4  ? 0.2789 0.2522 0.2995 0.0614  0.0303  0.0025  116 DG  B "C1'" 
312 N  N9    . DG  B 4  ? 0.2883 0.2103 0.2686 0.0934  0.0133  0.0302  116 DG  B N9    
313 C  C8    . DG  B 4  ? 0.2630 0.2732 0.2632 0.0691  -0.0185 0.0508  116 DG  B C8    
314 N  N7    . DG  B 4  ? 0.2880 0.2735 0.2543 0.0625  -0.0029 0.0441  116 DG  B N7    
315 C  C5    . DG  B 4  ? 0.2406 0.2562 0.2627 0.0708  0.0139  0.0411  116 DG  B C5    
316 C  C6    . DG  B 4  ? 0.1899 0.2576 0.2515 0.0751  0.0283  0.0406  116 DG  B C6    
317 O  O6    . DG  B 4  ? 0.2218 0.2527 0.2591 0.0612  0.0245  0.0577  116 DG  B O6    
318 N  N1    . DG  B 4  ? 0.2051 0.2436 0.2467 0.0743  0.0140  0.0590  116 DG  B N1    
319 C  C2    . DG  B 4  ? 0.2324 0.2227 0.2653 0.0709  0.0202  0.0487  116 DG  B C2    
320 N  N2    . DG  B 4  ? 0.2368 0.2386 0.2659 0.0595  0.0249  0.0495  116 DG  B N2    
321 N  N3    . DG  B 4  ? 0.2605 0.2348 0.2739 0.0664  0.0277  0.0337  116 DG  B N3    
322 C  C4    . DG  B 4  ? 0.2334 0.2444 0.2699 0.0758  0.0075  0.0328  116 DG  B C4    
323 P  P     . DA  B 5  ? 0.2873 0.3096 0.4789 0.0345  -0.0410 0.0257  117 DA  B P     
324 O  OP1   . DA  B 5  ? 0.3040 0.3224 0.5013 0.0247  -0.0420 0.0109  117 DA  B OP1   
325 O  OP2   . DA  B 5  ? 0.3284 0.3546 0.4458 0.0749  -0.0014 0.0309  117 DA  B OP2   
326 O  "O5'" . DA  B 5  ? 0.2609 0.2963 0.4686 0.0404  -0.0324 0.0380  117 DA  B "O5'" 
327 C  "C5'" . DA  B 5  ? 0.3108 0.2595 0.4401 0.0353  0.0046  0.0368  117 DA  B "C5'" 
328 C  "C4'" . DA  B 5  ? 0.2837 0.2427 0.4510 0.0045  0.0502  0.0345  117 DA  B "C4'" 
329 O  "O4'" . DA  B 5  ? 0.2413 0.2480 0.4123 0.0241  0.0222  0.0608  117 DA  B "O4'" 
330 C  "C3'" . DA  B 5  ? 0.2651 0.2858 0.4630 -0.0173 0.0676  0.0522  117 DA  B "C3'" 
331 O  "O3'" . DA  B 5  ? 0.4620 0.2995 0.5065 -0.0599 0.1932  0.0413  117 DA  B "O3'" 
332 C  "C2'" . DA  B 5  ? 0.2275 0.2953 0.4754 0.0181  0.0502  0.0652  117 DA  B "C2'" 
333 C  "C1'" . DA  B 5  ? 0.2456 0.2372 0.3786 0.0249  0.0502  0.0389  117 DA  B "C1'" 
334 N  N9    . DA  B 5  ? 0.2215 0.2498 0.3464 0.0374  0.0291  0.0447  117 DA  B N9    
335 C  C8    . DA  B 5  ? 0.2433 0.2153 0.3495 0.0519  0.0166  0.0325  117 DA  B C8    
336 N  N7    . DA  B 5  ? 0.2236 0.2360 0.3239 0.0436  0.0166  0.0285  117 DA  B N7    
337 C  C5    . DA  B 5  ? 0.1958 0.2162 0.2956 0.0670  0.0128  0.0424  117 DA  B C5    
338 C  C6    . DA  B 5  ? 0.2035 0.2152 0.2813 0.0679  0.0100  0.0507  117 DA  B C6    
339 N  N6    . DA  B 5  ? 0.2152 0.2365 0.2807 0.0704  0.0174  0.0626  117 DA  B N6    
340 N  N1    . DA  B 5  ? 0.1864 0.2064 0.2846 0.0602  0.0295  0.0483  117 DA  B N1    
341 C  C2    . DA  B 5  ? 0.1904 0.2193 0.2814 0.0728  0.0186  0.0587  117 DA  B C2    
342 N  N3    . DA  B 5  ? 0.2032 0.2240 0.2962 0.0617  0.0312  0.0681  117 DA  B N3    
343 C  C4    . DA  B 5  ? 0.2153 0.2195 0.3098 0.0571  0.0039  0.0669  117 DA  B C4    
344 P  P     . DA  B 6  ? 0.4319 0.4093 0.6462 -0.1196 0.2450  -0.0462 118 DA  B P     
345 O  OP1   . DA  B 6  ? 0.6981 0.4142 0.7207 -0.1671 0.4178  -0.0177 118 DA  B OP1   
346 O  OP2   . DA  B 6  ? 0.3637 0.7425 0.7793 -0.2021 0.2317  -0.2120 118 DA  B OP2   
347 O  "O5'" . DA  B 6  ? 0.3022 0.3804 0.5599 -0.0140 0.1371  0.0083  118 DA  B "O5'" 
348 C  "C5'" . DA  B 6  ? 0.3625 0.3046 0.4390 0.0185  0.1273  0.0799  118 DA  B "C5'" 
349 C  "C4'" . DA  B 6  ? 0.2708 0.2964 0.3927 0.0469  0.0780  0.1174  118 DA  B "C4'" 
350 O  "O4'" . DA  B 6  ? 0.2501 0.3051 0.3637 0.0618  0.0664  0.1032  118 DA  B "O4'" 
351 C  "C3'" . DA  B 6  ? 0.2671 0.3577 0.3665 0.0550  0.0803  0.1080  118 DA  B "C3'" 
352 O  "O3'" . DA  B 6  ? 0.3509 0.3455 0.3885 0.0669  0.0926  0.0926  118 DA  B "O3'" 
353 C  "C2'" . DA  B 6  ? 0.2754 0.2815 0.3925 0.0763  0.1122  0.0925  118 DA  B "C2'" 
354 C  "C1'" . DA  B 6  ? 0.2429 0.2803 0.3408 0.0326  0.0360  0.0956  118 DA  B "C1'" 
355 N  N9    . DA  B 6  ? 0.1948 0.2647 0.3392 0.0470  0.0463  0.0650  118 DA  B N9    
356 C  C8    . DA  B 6  ? 0.2019 0.2591 0.3602 0.0287  0.0161  0.0735  118 DA  B C8    
357 N  N7    . DA  B 6  ? 0.1961 0.2177 0.3435 0.0479  0.0070  0.0627  118 DA  B N7    
358 C  C5    . DA  B 6  ? 0.1806 0.2101 0.3097 0.0593  0.0156  0.0546  118 DA  B C5    
359 C  C6    . DA  B 6  ? 0.1789 0.2117 0.2906 0.0674  0.0095  0.0623  118 DA  B C6    
360 N  N6    . DA  B 6  ? 0.2058 0.2395 0.2890 0.0537  0.0054  0.0538  118 DA  B N6    
361 N  N1    . DA  B 6  ? 0.1957 0.2173 0.2754 0.0493  0.0300  0.0598  118 DA  B N1    
362 C  C2    . DA  B 6  ? 0.2074 0.2175 0.2778 0.0653  0.0413  0.0498  118 DA  B C2    
363 N  N3    . DA  B 6  ? 0.1976 0.2344 0.2807 0.0617  0.0470  0.0491  118 DA  B N3    
364 C  C4    . DA  B 6  ? 0.1927 0.2238 0.3083 0.0650  0.0345  0.0583  118 DA  B C4    
365 P  P     . DT  B 7  ? 0.3703 0.3834 0.3832 0.0801  0.1091  0.0983  119 DT  B P     
366 O  OP1   . DT  B 7  ? 0.5555 0.4779 0.3847 0.0528  0.1901  0.1013  119 DT  B OP1   
367 O  OP2   . DT  B 7  ? 0.3291 0.4372 0.5872 0.0578  0.1017  0.0921  119 DT  B OP2   
368 O  "O5'" . DT  B 7  ? 0.2867 0.3671 0.3864 0.1100  0.0472  0.1157  119 DT  B "O5'" 
369 C  "C5'" . DT  B 7  ? 0.3122 0.3794 0.2748 0.1130  0.0069  0.1023  119 DT  B "C5'" 
370 C  "C4'" . DT  B 7  ? 0.2897 0.3733 0.2725 0.1006  0.0281  0.0842  119 DT  B "C4'" 
371 O  "O4'" . DT  B 7  ? 0.2691 0.3330 0.2743 0.0950  0.0470  0.0629  119 DT  B "O4'" 
372 C  "C3'" . DT  B 7  ? 0.3178 0.3625 0.2733 0.1238  0.0713  0.0898  119 DT  B "C3'" 
373 O  "O3'" . DT  B 7  ? 0.3859 0.4340 0.3120 0.1524  0.0026  0.0405  119 DT  B "O3'" 
374 C  "C2'" . DT  B 7  ? 0.2984 0.3719 0.2782 0.1350  0.0459  0.0646  119 DT  B "C2'" 
375 C  "C1'" . DT  B 7  ? 0.2553 0.3130 0.2640 0.0713  0.0303  0.0582  119 DT  B "C1'" 
376 N  N1    . DT  B 7  ? 0.2084 0.2849 0.2835 0.0690  0.0375  0.0501  119 DT  B N1    
377 C  C2    . DT  B 7  ? 0.1902 0.2943 0.2744 0.0704  0.0366  0.0490  119 DT  B C2    
378 O  O2    . DT  B 7  ? 0.2526 0.2735 0.2727 0.0561  0.0222  0.0553  119 DT  B O2    
379 N  N3    . DT  B 7  ? 0.2033 0.2542 0.2775 0.0783  0.0277  0.0609  119 DT  B N3    
380 C  C4    . DT  B 7  ? 0.2023 0.2586 0.3142 0.0775  0.0136  0.0564  119 DT  B C4    
381 O  O4    . DT  B 7  ? 0.1875 0.2763 0.3136 0.0818  0.0019  0.0492  119 DT  B O4    
382 C  C5    . DT  B 7  ? 0.2039 0.3099 0.3278 0.0408  0.0310  0.0454  119 DT  B C5    
383 C  C7    . DT  B 7  ? 0.2395 0.3228 0.3626 0.0212  0.0030  0.0698  119 DT  B C7    
384 C  C6    . DT  B 7  ? 0.1912 0.3336 0.3229 0.0418  0.0259  0.0581  119 DT  B C6    
385 P  P     . UAR B 8  ? 0.3974 0.4175 0.2923 0.1403  0.0184  0.0252  120 UAR B P     
386 O  OP1   . UAR B 8  ? 0.4962 0.5648 0.2686 0.1834  0.0052  -0.0008 120 UAR B OP1   
387 O  OP2   . UAR B 8  ? 0.3862 0.4638 0.3658 0.1444  0.0704  0.0323  120 UAR B OP2   
388 O  "O5'" . UAR B 8  ? 0.3635 0.4120 0.2806 0.1053  -0.0223 0.0153  120 UAR B "O5'" 
389 C  "C5'" . UAR B 8  ? 0.3502 0.3522 0.3054 0.1027  -0.0666 0.0401  120 UAR B "C5'" 
390 C  "C4'" . UAR B 8  ? 0.3598 0.3291 0.2897 0.1155  -0.0381 0.0212  120 UAR B "C4'" 
391 O  "O4'" . UAR B 8  ? 0.2850 0.3384 0.2853 0.1045  -0.0158 0.0240  120 UAR B "O4'" 
392 C  "C3'" . UAR B 8  ? 0.3177 0.3192 0.2799 0.0900  -0.0255 0.0303  120 UAR B "C3'" 
393 O  "O3'" . UAR B 8  ? 0.3174 0.3402 0.3220 0.0692  -0.0654 0.0291  120 UAR B "O3'" 
394 C  "C2'" . UAR B 8  ? 0.2942 0.2805 0.3044 0.0717  -0.0199 0.0295  120 UAR B "C2'" 
395 O  "O2'" . UAR B 8  ? 0.2894 0.3479 0.3152 0.0809  0.0186  0.0049  120 UAR B "O2'" 
396 C  "C1'" . UAR B 8  ? 0.2794 0.3193 0.2574 0.0582  0.0103  0.0432  120 UAR B "C1'" 
397 N  N1    . UAR B 8  ? 0.2531 0.2829 0.2779 0.0942  -0.0045 0.0406  120 UAR B N1    
398 C  C2    . UAR B 8  ? 0.1627 0.3301 0.2797 0.0906  0.0059  0.0182  120 UAR B C2    
399 O  O2    . UAR B 8  ? 0.1950 0.3475 0.3110 0.0573  0.0254  0.0105  120 UAR B O2    
400 N  N3    . UAR B 8  ? 0.2069 0.2962 0.2857 0.0894  -0.0172 0.0407  120 UAR B N3    
401 C  C4    . UAR B 8  ? 0.2155 0.2712 0.3183 0.1041  -0.0120 0.0548  120 UAR B C4    
402 O  O4    . UAR B 8  ? 0.2178 0.3087 0.3726 0.0858  0.0141  0.0001  120 UAR B O4    
403 C  C5    . UAR B 8  ? 0.2297 0.2990 0.3278 0.0913  0.0220  0.0531  120 UAR B C5    
404 C  C6    . UAR B 8  ? 0.2609 0.2858 0.2998 0.0939  -0.0187 0.0808  120 UAR B C6    
405 P  P     . DC  B 9  ? 0.4130 0.3274 0.3105 0.0442  -0.0569 0.0073  121 DC  B P     
406 O  OP1   . DC  B 9  ? 0.4805 0.4004 0.3890 -0.0228 -0.1015 -0.0088 121 DC  B OP1   
407 O  OP2   . DC  B 9  ? 0.4941 0.3583 0.3420 0.1181  -0.0034 0.0156  121 DC  B OP2   
408 O  "O5'" . DC  B 9  ? 0.3434 0.3133 0.3296 0.0802  -0.0394 0.0295  121 DC  B "O5'" 
409 C  "C5'" . DC  B 9  ? 0.2942 0.3555 0.3219 0.0166  -0.0748 0.0522  121 DC  B "C5'" 
410 C  "C4'" . DC  B 9  ? 0.2985 0.3127 0.3160 0.0433  -0.0736 0.0018  121 DC  B "C4'" 
411 O  "O4'" . DC  B 9  ? 0.2755 0.2971 0.3060 0.0515  -0.0538 0.0207  121 DC  B "O4'" 
412 C  "C3'" . DC  B 9  ? 0.3684 0.2934 0.3321 0.0554  -0.1031 0.0217  121 DC  B "C3'" 
413 O  "O3'" . DC  B 9  ? 0.3523 0.3527 0.4668 -0.0046 -0.1573 0.0990  121 DC  B "O3'" 
414 C  "C2'" . DC  B 9  ? 0.3072 0.2882 0.3119 0.0591  -0.0527 0.0506  121 DC  B "C2'" 
415 C  "C1'" . DC  B 9  ? 0.2631 0.3291 0.3008 0.0398  -0.0449 0.0127  121 DC  B "C1'" 
416 N  N1    . DC  B 9  ? 0.2446 0.3089 0.3012 0.0532  -0.0290 0.0203  121 DC  B N1    
417 C  C2    . DC  B 9  ? 0.2615 0.2482 0.2958 0.0770  -0.0189 0.0283  121 DC  B C2    
418 O  O2    . DC  B 9  ? 0.2420 0.3399 0.2965 0.0312  -0.0447 0.0629  121 DC  B O2    
419 N  N3    . DC  B 9  ? 0.2377 0.2524 0.2986 0.0805  -0.0148 0.0381  121 DC  B N3    
420 C  C4    . DC  B 9  ? 0.1895 0.3073 0.2983 0.0913  -0.0275 0.0547  121 DC  B C4    
421 N  N4    . DC  B 9  ? 0.1917 0.3419 0.3070 0.0600  0.0003  0.0492  121 DC  B N4    
422 C  C5    . DC  B 9  ? 0.2128 0.3361 0.3042 0.0827  0.0069  0.0273  121 DC  B C5    
423 C  C6    . DC  B 9  ? 0.2739 0.3087 0.2941 0.0810  -0.0441 0.0512  121 DC  B C6    
424 P  P     . DG  B 10 ? 0.4358 0.3204 0.4478 -0.0094 -0.1859 0.0726  122 DG  B P     
425 O  OP1   . DG  B 10 ? 0.4917 0.3855 0.6382 -0.1020 -0.2509 0.1108  122 DG  B OP1   
426 O  OP2   . DG  B 10 ? 0.5334 0.4563 0.4244 0.0473  -0.1924 -0.0184 122 DG  B OP2   
427 O  "O5'" . DG  B 10 ? 0.3556 0.2953 0.3929 0.0145  -0.1255 0.0632  122 DG  B "O5'" 
428 C  "C5'" . DG  B 10 ? 0.3104 0.3243 0.4059 -0.0323 -0.1030 0.0861  122 DG  B "C5'" 
429 C  "C4'" . DG  B 10 ? 0.2886 0.3131 0.3704 -0.0139 -0.0761 0.0463  122 DG  B "C4'" 
430 O  "O4'" . DG  B 10 ? 0.2635 0.3227 0.3105 -0.0071 -0.0500 0.0511  122 DG  B "O4'" 
431 C  "C3'" . DG  B 10 ? 0.3138 0.3256 0.3035 -0.0024 -0.0772 0.0508  122 DG  B "C3'" 
432 O  "O3'" . DG  B 10 ? 0.3334 0.3009 0.3005 0.0013  -0.0776 0.0555  122 DG  B "O3'" 
433 C  "C2'" . DG  B 10 ? 0.3208 0.2884 0.3064 0.0157  -0.0624 0.0521  122 DG  B "C2'" 
434 C  "C1'" . DG  B 10 ? 0.2792 0.3182 0.2689 0.0051  -0.0224 0.0316  122 DG  B "C1'" 
435 N  N9    . DG  B 10 ? 0.2503 0.2790 0.2644 0.0480  -0.0046 0.0127  122 DG  B N9    
436 C  C8    . DG  B 10 ? 0.2834 0.3018 0.2715 0.0278  -0.0014 0.0296  122 DG  B C8    
437 N  N7    . DG  B 10 ? 0.2560 0.2865 0.2847 0.0457  -0.0115 0.0217  122 DG  B N7    
438 C  C5    . DG  B 10 ? 0.1994 0.2774 0.2739 0.0718  0.0014  0.0249  122 DG  B C5    
439 C  C6    . DG  B 10 ? 0.2195 0.2730 0.2782 0.0599  -0.0197 0.0391  122 DG  B C6    
440 O  O6    . DG  B 10 ? 0.2136 0.2892 0.2761 0.0593  -0.0133 0.0504  122 DG  B O6    
441 N  N1    . DG  B 10 ? 0.1905 0.2602 0.2766 0.0628  -0.0158 0.0395  122 DG  B N1    
442 C  C2    . DG  B 10 ? 0.2117 0.2494 0.2752 0.0619  -0.0370 0.0407  122 DG  B C2    
443 N  N2    . DG  B 10 ? 0.2128 0.2848 0.2761 0.0502  -0.0205 0.0246  122 DG  B N2    
444 N  N3    . DG  B 10 ? 0.2241 0.2566 0.2693 0.0467  -0.0277 0.0357  122 DG  B N3    
445 C  C4    . DG  B 10 ? 0.2181 0.2665 0.2729 0.0611  -0.0458 0.0385  122 DG  B C4    
446 P  P     . DC  B 11 ? 0.3764 0.2955 0.3362 0.0015  -0.0616 0.0634  123 DC  B P     
447 O  OP1   . DC  B 11 ? 0.4524 0.3289 0.4010 -0.0685 -0.1117 0.0983  123 DC  B OP1   
448 O  OP2   . DC  B 11 ? 0.4445 0.3410 0.3374 0.0675  -0.0470 0.0337  123 DC  B OP2   
449 O  "O5'" . DC  B 11 ? 0.2966 0.3329 0.3179 0.0103  -0.0372 0.0810  123 DC  B "O5'" 
450 C  "C5'" . DC  B 11 ? 0.2955 0.3603 0.3089 -0.0454 -0.0245 0.0861  123 DC  B "C5'" 
451 C  "C4'" . DC  B 11 ? 0.2665 0.3079 0.3417 0.0222  -0.0465 0.0820  123 DC  B "C4'" 
452 O  "O4'" . DC  B 11 ? 0.2638 0.3181 0.3229 0.0330  -0.0162 0.0816  123 DC  B "O4'" 
453 C  "C3'" . DC  B 11 ? 0.2588 0.3320 0.2783 0.0162  -0.0367 0.0663  123 DC  B "C3'" 
454 O  "O3'" . DC  B 11 ? 0.2703 0.3634 0.3036 0.0263  -0.0206 0.1016  123 DC  B "O3'" 
455 C  "C2'" . DC  B 11 ? 0.3230 0.3371 0.2657 -0.0056 -0.0439 0.0468  123 DC  B "C2'" 
456 C  "C1'" . DC  B 11 ? 0.3886 0.3118 0.2699 -0.0346 -0.0358 0.0506  123 DC  B "C1'" 
457 N  N1    . DC  B 11 ? 0.2383 0.2997 0.2651 0.0178  -0.0612 0.0434  123 DC  B N1    
458 C  C2    . DC  B 11 ? 0.2024 0.2669 0.2719 0.0583  -0.0117 0.0208  123 DC  B C2    
459 O  O2    . DC  B 11 ? 0.2437 0.2871 0.2521 0.0328  -0.0172 0.0301  123 DC  B O2    
460 N  N3    . DC  B 11 ? 0.2061 0.2793 0.2608 0.0566  -0.0195 0.0149  123 DC  B N3    
461 C  C4    . DC  B 11 ? 0.1977 0.2518 0.2754 0.0469  0.0038  0.0093  123 DC  B C4    
462 N  N4    . DC  B 11 ? 0.2276 0.2773 0.2640 0.0255  -0.0017 0.0205  123 DC  B N4    
463 C  C5    . DC  B 11 ? 0.3055 0.2598 0.2756 0.0106  -0.0213 0.0429  123 DC  B C5    
464 C  C6    . DC  B 11 ? 0.2544 0.2904 0.2653 0.0062  -0.0485 0.0463  123 DC  B C6    
465 P  P     . DG  B 12 ? 0.2814 0.3331 0.3237 0.0305  -0.0443 0.0823  124 DG  B P     
466 O  OP1   . DG  B 12 ? 0.3146 0.3711 0.3587 -0.0224 -0.0577 0.1329  124 DG  B OP1   
467 O  OP2   . DG  B 12 ? 0.3599 0.3176 0.3596 0.0707  -0.0284 0.0667  124 DG  B OP2   
468 O  "O5'" . DG  B 12 ? 0.2668 0.3351 0.2985 0.0150  0.0065  0.0782  124 DG  B "O5'" 
469 C  "C5'" . DG  B 12 ? 0.2254 0.3303 0.2942 0.0499  -0.0220 0.0823  124 DG  B "C5'" 
470 C  "C4'" . DG  B 12 ? 0.2284 0.3271 0.2462 0.0575  0.0149  0.0678  124 DG  B "C4'" 
471 O  "O4'" . DG  B 12 ? 0.2306 0.3224 0.2358 0.0570  -0.0118 0.0526  124 DG  B "O4'" 
472 C  "C3'" . DG  B 12 ? 0.2197 0.3383 0.2311 0.0536  -0.0012 0.0575  124 DG  B "C3'" 
473 O  "O3'" . DG  B 12 ? 0.2513 0.3595 0.2454 0.0482  -0.0025 0.0954  124 DG  B "O3'" 
474 C  "C2'" . DG  B 12 ? 0.2511 0.4115 0.2148 0.0065  -0.0135 0.0898  124 DG  B "C2'" 
475 C  "C1'" . DG  B 12 ? 0.2503 0.3251 0.2226 0.0248  -0.0043 0.0566  124 DG  B "C1'" 
476 N  N9    . DG  B 12 ? 0.2258 0.3033 0.2208 0.0528  -0.0161 0.0634  124 DG  B N9    
477 C  C8    . DG  B 12 ? 0.2282 0.3182 0.2492 0.0403  -0.0039 0.0456  124 DG  B C8    
478 N  N7    . DG  B 12 ? 0.2512 0.3273 0.2433 0.0546  -0.0195 0.0424  124 DG  B N7    
479 C  C5    . DG  B 12 ? 0.2070 0.3519 0.2405 0.0641  0.0054  0.0458  124 DG  B C5    
480 C  C6    . DG  B 12 ? 0.1969 0.3271 0.2338 0.0641  -0.0145 0.0318  124 DG  B C6    
481 O  O6    . DG  B 12 ? 0.2572 0.3209 0.2361 0.0479  -0.0049 0.0350  124 DG  B O6    
482 N  N1    . DG  B 12 ? 0.2102 0.3143 0.2376 0.0780  -0.0214 0.0395  124 DG  B N1    
483 C  C2    . DG  B 12 ? 0.2015 0.2936 0.2208 0.0711  -0.0038 0.0565  124 DG  B C2    
484 N  N2    . DG  B 12 ? 0.2464 0.2914 0.2268 0.0592  0.0181  0.0581  124 DG  B N2    
485 N  N3    . DG  B 12 ? 0.2268 0.3048 0.2426 0.0784  0.0224  0.0755  124 DG  B N3    
486 C  C4    . DG  B 12 ? 0.2276 0.2878 0.2246 0.0897  -0.0120 0.0774  124 DG  B C4    
487 MG MG    . MG  C .  ? 0.2373 0.3022 0.2498 0.0605  0.0075  0.0398  310 MG  A MG    
488 O  O     . HOH D .  ? 0.5148 0.4655 0.3144 0.1379  -0.0638 0.0094  201 HOH A O     
489 O  O     . HOH D .  ? 0.3041 0.3793 0.5774 0.0869  0.0518  -0.0162 202 HOH A O     
490 O  O     . HOH D .  ? 0.4258 0.3772 0.3597 0.0092  -0.0231 0.0115  203 HOH A O     
491 O  O     . HOH D .  ? 0.3089 0.3106 0.2615 0.0382  -0.0156 0.0370  204 HOH A O     
492 O  O     . HOH D .  ? 0.2219 0.3399 0.2495 0.0459  0.0094  0.0481  205 HOH A O     
493 O  O     . HOH D .  ? 0.5044 0.6559 0.5837 -0.1246 0.0222  0.3144  207 HOH A O     
494 O  O     . HOH D .  ? 0.5085 0.5099 0.5199 0.0917  -0.0993 0.0608  209 HOH A O     
495 O  O     . HOH D .  ? 0.9850 1.2861 0.8094 0.5879  -0.4640 -0.2330 212 HOH A O     
496 O  O     . HOH D .  ? 0.9280 0.3900 0.5872 -0.0836 0.1434  -0.0775 213 HOH A O     
497 O  O     . HOH D .  ? 0.4567 0.3833 0.6702 0.0774  -0.1336 0.0848  214 HOH A O     
498 O  O     . HOH D .  ? 1.0887 0.4821 1.2373 0.0442  -0.8577 -0.0467 215 HOH A O     
499 O  O     . HOH D .  ? 0.3829 0.6048 0.7225 -0.0987 0.0091  -0.0868 217 HOH A O     
500 O  O     . HOH D .  ? 0.4335 2.0293 0.8042 0.1269  0.2234  0.6260  218 HOH A O     
501 O  O     . HOH D .  ? 0.3189 0.4118 0.3402 0.0727  0.0340  0.0802  219 HOH A O     
502 O  O     . HOH D .  ? 0.2429 0.3495 0.2868 0.0405  -0.0258 0.0423  220 HOH A O     
503 O  O     . HOH D .  ? 0.3839 0.3574 0.6065 0.0768  -0.0167 0.1043  221 HOH A O     
504 O  O     . HOH D .  ? 0.3917 0.9474 0.9003 0.2448  -0.1038 -0.4617 222 HOH A O     
505 O  O     . HOH D .  ? 1.3983 0.7092 0.4727 0.6825  0.3882  0.2466  223 HOH A O     
506 O  O     . HOH D .  ? 0.4253 0.3865 0.4558 0.0542  0.0563  -0.0655 224 HOH A O     
507 O  O     . HOH D .  ? 0.4050 0.3552 0.3783 0.0219  0.0597  0.0355  225 HOH A O     
508 O  O     . HOH D .  ? 0.2371 0.3163 0.2484 0.0126  -0.0078 0.0571  229 HOH A O     
509 O  O     . HOH D .  ? 0.2659 0.3366 0.3059 0.0698  0.0286  0.0604  230 HOH A O     
510 O  O     . HOH D .  ? 0.2578 0.3379 0.4239 0.0154  0.0539  -0.0084 231 HOH A O     
511 O  O     . HOH D .  ? 0.3830 0.3733 0.3516 0.1186  0.1220  0.1224  232 HOH A O     
512 O  O     . HOH D .  ? 0.3925 0.3215 0.4744 0.0181  -0.0372 -0.0011 233 HOH A O     
513 O  O     . HOH D .  ? 0.2721 0.2868 0.2760 0.0428  0.0437  0.0415  234 HOH A O     
514 O  O     . HOH D .  ? 0.3652 0.3635 0.5654 -0.0426 0.1208  0.0858  235 HOH A O     
515 O  O     . HOH D .  ? 0.3276 0.3000 0.3846 0.0438  0.1020  0.0165  236 HOH A O     
516 O  O     . HOH D .  ? 0.3217 0.3074 0.3517 0.0218  0.0600  0.0627  238 HOH A O     
517 O  O     . HOH D .  ? 0.4669 0.2903 0.7503 0.0244  -0.2039 0.0225  239 HOH A O     
518 O  O     . HOH D .  ? 0.2935 0.2704 0.3044 0.0545  0.0448  0.0697  240 HOH A O     
519 O  O     . HOH D .  ? 0.4725 1.2336 0.3942 0.2141  0.2013  0.1454  241 HOH A O     
520 O  O     . HOH D .  ? 0.4225 0.6897 0.3104 0.0917  -0.0340 -0.0264 242 HOH A O     
521 O  O     . HOH D .  ? 0.2964 0.2897 0.3345 0.0350  0.0314  0.0668  243 HOH A O     
522 O  O     . HOH D .  ? 0.3600 0.4148 0.6586 0.0819  0.1354  0.2380  244 HOH A O     
523 O  O     . HOH D .  ? 0.4385 0.5334 0.4774 0.1046  0.1135  0.0685  245 HOH A O     
524 O  O     . HOH D .  ? 1.8140 0.4991 0.4302 0.1896  -0.4311 -0.0261 246 HOH A O     
525 O  O     . HOH D .  ? 0.7774 0.6549 0.6021 0.1075  -0.1826 0.2541  247 HOH A O     
526 O  O     . HOH D .  ? 0.7408 1.0702 0.4780 0.4801  0.0659  0.0667  248 HOH A O     
527 O  O     . HOH D .  ? 0.5339 0.4597 0.3899 0.2193  0.1708  0.1617  249 HOH A O     
528 O  O     . HOH D .  ? 0.6335 0.5884 0.5875 -0.0934 0.1744  -0.1386 251 HOH A O     
529 O  O     . HOH D .  ? 0.9391 0.5935 0.3847 -0.3669 -0.0807 0.0787  252 HOH A O     
530 O  O     . HOH D .  ? 0.3658 1.1918 0.6937 -0.1182 0.0595  -0.4895 255 HOH A O     
531 O  O     . HOH D .  ? 0.4820 0.5462 0.6569 0.0753  -0.2357 0.0954  271 HOH A O     
532 O  O     . HOH D .  ? 0.7517 0.6789 0.5974 0.1713  0.2883  0.0858  273 HOH A O     
533 O  O     . HOH D .  ? 2.1638 0.6843 0.6595 0.6255  0.7352  0.1351  274 HOH A O     
534 O  O     . HOH D .  ? 1.0639 0.5264 2.1478 -0.1697 1.0016  -0.3290 276 HOH A O     
535 O  O     . HOH D .  ? 0.6692 0.5781 1.0518 0.2273  -0.2873 -0.4253 280 HOH A O     
536 O  O     . HOH D .  ? 0.5359 0.7738 1.5933 0.0860  0.1481  0.8016  287 HOH A O     
537 O  O     . HOH D .  ? 0.9964 2.3068 0.2820 0.9561  -0.0469 -0.0586 294 HOH A O     
538 O  O     . HOH D .  ? 0.7799 0.4279 0.4232 -0.0856 0.2250  0.0045  295 HOH A O     
539 O  O     . HOH D .  ? 0.6337 1.3849 0.7848 0.5708  -0.1344 -0.4650 297 HOH A O     
540 O  O     . HOH D .  ? 1.0031 0.3573 0.5970 0.0066  -0.0401 0.0812  313 HOH A O     
541 O  O     . HOH D .  ? 1.1040 0.5662 1.5066 0.3815  0.8833  0.4559  314 HOH A O     
542 O  O     . HOH D .  ? 0.3405 0.6543 1.3723 0.1507  0.3521  0.3782  315 HOH A O     
543 O  O     . HOH D .  ? 0.3335 0.4503 0.5191 0.1033  0.0260  0.0309  316 HOH A O     
544 O  O     . HOH D .  ? 0.4437 0.4239 0.4531 0.0138  0.0284  0.1025  317 HOH A O     
545 O  O     . HOH D .  ? 1.1221 1.0426 1.4202 -0.5663 -0.5356 0.8125  318 HOH A O     
546 O  O     . HOH D .  ? 0.4755 0.9142 1.9279 0.2023  -0.4736 -0.6854 319 HOH A O     
547 O  O     . HOH D .  ? 0.3250 0.3085 0.5049 0.0259  -0.0504 0.0815  321 HOH A O     
548 O  O     . HOH D .  ? 0.6826 2.0726 0.6867 0.8431  -0.0160 -0.2300 323 HOH A O     
549 O  O     . HOH D .  ? 1.7373 0.3693 1.0229 0.2268  0.8036  0.0657  324 HOH A O     
550 O  O     . HOH D .  ? 1.1012 0.3789 0.4204 -0.0836 0.3232  -0.0244 325 HOH A O     
551 O  O     . HOH D .  ? 0.3408 1.9143 0.6812 0.2242  -0.0523 -0.7263 332 HOH A O     
552 O  O     . HOH D .  ? 0.8534 0.8450 0.5801 0.2072  -0.1113 -0.2565 335 HOH A O     
553 O  O     . HOH D .  ? 0.4731 0.3321 0.4096 0.0939  -0.0499 -0.0053 336 HOH A O     
554 O  O     . HOH D .  ? 1.0167 0.4957 1.3542 0.2543  -0.7209 -0.1050 337 HOH A O     
555 O  O     . HOH D .  ? 1.8164 0.3991 0.8459 0.3812  -0.7147 -0.0906 338 HOH A O     
556 O  O     . HOH D .  ? 0.9453 0.9188 0.5791 -0.5763 0.3902  -0.2530 340 HOH A O     
557 O  O     . HOH D .  ? 0.8790 0.8625 0.5363 -0.1871 0.2111  -0.1980 352 HOH A O     
558 O  O     . HOH D .  ? 1.7309 1.3195 0.6361 0.4990  0.0563  0.5698  353 HOH A O     
559 O  O     . HOH D .  ? 1.7241 0.4042 0.9256 -0.0090 -0.8391 0.1155  356 HOH A O     
560 O  O     . HOH D .  ? 1.0968 0.3685 1.0354 -0.0866 -0.2415 -0.0344 362 HOH A O     
561 O  O     . HOH D .  ? 0.5857 0.3785 0.4141 0.0195  0.0946  -0.0191 366 HOH A O     
562 O  O     . HOH D .  ? 0.5691 0.4693 0.4701 0.2540  -0.0874 -0.0651 368 HOH A O     
563 O  O     . HOH D .  ? 0.2990 0.4280 0.9538 0.0963  -0.0555 0.0458  370 HOH A O     
564 O  O     . HOH D .  ? 0.5658 1.2290 0.9417 -0.1526 0.1725  -0.5746 374 HOH A O     
565 O  O     . HOH D .  ? 1.1125 0.7673 0.4244 -0.0770 -0.2457 -0.0031 400 HOH A O     
566 O  O     . HOH E .  ? 0.2625 0.3269 0.2905 0.0711  0.0172  0.0430  206 HOH B O     
567 O  O     . HOH E .  ? 0.3239 0.4511 0.6702 0.0311  0.1084  0.1436  208 HOH B O     
568 O  O     . HOH E .  ? 0.5267 0.4890 0.4088 -0.1740 -0.0659 0.0255  216 HOH B O     
569 O  O     . HOH E .  ? 0.2674 0.2868 0.3341 0.0649  0.0061  0.0104  226 HOH B O     
570 O  O     . HOH E .  ? 0.3690 0.4096 0.2864 0.0577  0.0322  0.0173  227 HOH B O     
571 O  O     . HOH E .  ? 0.2990 0.3295 0.3286 0.0188  0.0534  -0.0170 228 HOH B O     
572 O  O     . HOH E .  ? 0.3916 0.3959 0.4932 -0.0037 0.0758  -0.0233 237 HOH B O     
573 O  O     . HOH E .  ? 0.4335 0.4078 0.3586 0.0564  -0.0452 -0.0837 253 HOH B O     
574 O  O     . HOH E .  ? 1.2726 0.3536 0.4690 0.1170  -0.1377 -0.0542 254 HOH B O     
575 O  O     . HOH E .  ? 0.6550 0.5406 0.3605 -0.1973 0.0925  0.0537  256 HOH B O     
576 O  O     . HOH E .  ? 0.4823 0.3188 0.3788 0.0384  -0.0386 0.0205  257 HOH B O     
577 O  O     . HOH E .  ? 0.5288 0.3429 0.4177 -0.0630 -0.1418 0.0732  258 HOH B O     
578 O  O     . HOH E .  ? 0.3727 0.4092 0.4158 0.0553  -0.0684 -0.0194 259 HOH B O     
579 O  O     . HOH E .  ? 0.3519 0.3648 0.7289 0.0597  -0.1292 0.0397  260 HOH B O     
580 O  O     . HOH E .  ? 0.4115 1.1886 0.8804 -0.1529 0.0433  0.0022  261 HOH B O     
581 O  O     . HOH E .  ? 0.2825 0.4265 0.8074 -0.0570 -0.0164 0.1431  262 HOH B O     
582 O  O     . HOH E .  ? 1.1474 0.4621 0.6029 0.1124  -0.4065 -0.1017 264 HOH B O     
583 O  O     . HOH E .  ? 0.4136 0.4340 1.3090 0.0009  -0.0137 0.3897  265 HOH B O     
584 O  O     . HOH E .  ? 0.6464 0.3769 1.1192 0.0180  -0.4294 0.0989  266 HOH B O     
585 O  O     . HOH E .  ? 1.1159 0.5056 0.3090 -0.1371 0.0347  0.0536  267 HOH B O     
586 O  O     . HOH E .  ? 0.3656 1.2463 0.3316 0.3549  0.0659  0.0898  270 HOH B O     
587 O  O     . HOH E .  ? 0.5719 0.6582 0.5211 0.2093  -0.0899 -0.1176 277 HOH B O     
588 O  O     . HOH E .  ? 1.4057 1.6610 0.3945 -0.1338 0.2123  0.2897  278 HOH B O     
589 O  O     . HOH E .  ? 1.3114 0.5410 1.8771 0.3878  0.9102  0.2180  279 HOH B O     
590 O  O     . HOH E .  ? 0.4734 1.0105 1.5480 0.0931  0.3010  -0.6260 281 HOH B O     
591 O  O     . HOH E .  ? 0.4597 0.4284 0.4190 0.0415  -0.0021 -0.0416 282 HOH B O     
592 O  O     . HOH E .  ? 0.4321 0.3843 0.4958 -0.0002 -0.0527 0.0377  283 HOH B O     
593 O  O     . HOH E .  ? 0.3361 0.7855 0.3848 -0.0893 -0.0018 0.0250  285 HOH B O     
594 O  O     . HOH E .  ? 0.9782 0.3878 0.3561 0.1584  0.2282  0.0993  286 HOH B O     
595 O  O     . HOH E .  ? 0.9101 0.5109 0.6601 0.1679  -0.1631 -0.2380 288 HOH B O     
596 O  O     . HOH E .  ? 0.5330 1.2796 0.5898 0.2863  -0.1359 -0.4456 289 HOH B O     
597 O  O     . HOH E .  ? 0.5802 0.4215 1.7170 0.0466  0.3442  0.4226  290 HOH B O     
598 O  O     . HOH E .  ? 0.6163 0.4271 0.4084 0.1584  0.1570  0.1118  298 HOH B O     
599 O  O     . HOH E .  ? 0.9863 2.1531 0.4344 0.6867  -0.2019 0.2959  301 HOH B O     
600 O  O     . HOH E .  ? 0.5330 2.0927 0.7100 -0.3552 -0.0447 0.6327  302 HOH B O     
601 O  O     . HOH E .  ? 0.4637 0.6900 0.4123 -0.0790 0.1245  -0.0210 303 HOH B O     
602 O  O     . HOH E .  ? 0.5465 1.9211 0.7893 0.1507  -0.1266 -0.7797 304 HOH B O     
603 O  O     . HOH E .  ? 0.4804 0.4614 0.6736 0.1096  0.1823  -0.0174 311 HOH B O     
604 O  O     . HOH E .  ? 0.6260 0.3410 0.3905 -0.0703 0.0396  0.0592  327 HOH B O     
605 O  O     . HOH E .  ? 0.4854 0.3703 0.3570 0.1606  0.1476  0.1645  328 HOH B O     
606 O  O     . HOH E .  ? 0.4145 0.5242 0.4147 0.1178  -0.0256 -0.0208 329 HOH B O     
607 O  O     . HOH E .  ? 0.2649 0.3668 0.3664 0.1024  0.0528  0.1271  330 HOH B O     
608 O  O     . HOH E .  ? 0.2930 0.8565 0.4462 0.1534  0.0574  0.2502  331 HOH B O     
609 O  O     . HOH E .  ? 0.4403 0.6753 0.6122 0.0989  -0.0731 -0.3042 333 HOH B O     
610 O  O     . HOH E .  ? 2.0866 0.3975 0.3925 0.1443  -0.0006 0.0281  341 HOH B O     
611 O  O     . HOH E .  ? 0.2821 0.3262 0.3005 0.0146  -0.0265 0.0429  349 HOH B O     
612 O  O     . HOH E .  ? 0.6494 0.6450 1.3752 0.2825  -0.1994 -0.4164 354 HOH B O     
613 O  O     . HOH E .  ? 0.8854 0.2883 1.1574 -0.1465 -0.2654 0.1266  369 HOH B O     
614 O  O     . HOH E .  ? 0.5607 0.5797 2.1747 0.2920  0.6088  0.4173  375 HOH B O     
615 O  O     . HOH E .  ? 0.5121 1.2387 0.7023 -0.1866 0.0650  -0.1348 377 HOH B O     
616 O  O     . HOH E .  ? 0.9611 0.5825 0.8434 -0.1660 -0.4742 0.2492  379 HOH B O     
617 O  O     . HOH E .  ? 0.8500 1.1997 0.7542 0.5870  0.4271  0.5362  387 HOH B O     
618 O  O     . HOH E .  ? 0.3532 0.9488 1.9643 -0.1032 0.2388  -0.2603 393 HOH B O     
# 
_database_PDB_caveat.id     1 
_database_PDB_caveat.text   
;chirality error at C2' center of UAR
;
# 
loop_
_pdbx_poly_seq_scheme.asym_id 
_pdbx_poly_seq_scheme.entity_id 
_pdbx_poly_seq_scheme.seq_id 
_pdbx_poly_seq_scheme.mon_id 
_pdbx_poly_seq_scheme.ndb_seq_num 
_pdbx_poly_seq_scheme.pdb_seq_num 
_pdbx_poly_seq_scheme.auth_seq_num 
_pdbx_poly_seq_scheme.pdb_mon_id 
_pdbx_poly_seq_scheme.auth_mon_id 
_pdbx_poly_seq_scheme.pdb_strand_id 
_pdbx_poly_seq_scheme.pdb_ins_code 
_pdbx_poly_seq_scheme.hetero 
A 1 1  DC  1  1   1   DC  CYT A . n 
A 1 2  DG  2  2   2   DG  GUA A . n 
A 1 3  DC  3  3   3   DC  CYT A . n 
A 1 4  DG  4  4   4   DG  GUA A . n 
A 1 5  DA  5  5   5   DA  ADE A . n 
A 1 6  DA  6  6   6   DA  ADE A . n 
A 1 7  DT  7  7   7   DT  THY A . n 
A 1 8  UAR 8  8   8   UAR X   A . n 
A 1 9  DC  9  9   9   DC  CYT A . n 
A 1 10 DG  10 10  10  DG  GUA A . n 
A 1 11 DC  11 11  11  DC  CYT A . n 
A 1 12 DG  12 12  12  DG  GUA A . n 
B 1 1  DC  1  113 113 DC  CYT B . n 
B 1 2  DG  2  114 114 DG  GUA B . n 
B 1 3  DC  3  115 115 DC  CYT B . n 
B 1 4  DG  4  116 116 DG  GUA B . n 
B 1 5  DA  5  117 117 DA  ADE B . n 
B 1 6  DA  6  118 118 DA  ADE B . n 
B 1 7  DT  7  119 119 DT  THY B . n 
B 1 8  UAR 8  120 120 UAR X   B . n 
B 1 9  DC  9  121 121 DC  CYT B . n 
B 1 10 DG  10 122 122 DG  GUA B . n 
B 1 11 DC  11 123 123 DC  CYT B . n 
B 1 12 DG  12 124 124 DG  GUA B . n 
# 
loop_
_pdbx_nonpoly_scheme.asym_id 
_pdbx_nonpoly_scheme.entity_id 
_pdbx_nonpoly_scheme.mon_id 
_pdbx_nonpoly_scheme.ndb_seq_num 
_pdbx_nonpoly_scheme.pdb_seq_num 
_pdbx_nonpoly_scheme.auth_seq_num 
_pdbx_nonpoly_scheme.pdb_mon_id 
_pdbx_nonpoly_scheme.auth_mon_id 
_pdbx_nonpoly_scheme.pdb_strand_id 
_pdbx_nonpoly_scheme.pdb_ins_code 
C 2 MG  1  310 310 MG  MG  A . 
D 3 HOH 1  201 201 HOH HOH A . 
D 3 HOH 2  202 202 HOH HOH A . 
D 3 HOH 3  203 203 HOH HOH A . 
D 3 HOH 4  204 204 HOH HOH A . 
D 3 HOH 5  205 205 HOH HOH A . 
D 3 HOH 6  207 207 HOH HOH A . 
D 3 HOH 7  209 209 HOH HOH A . 
D 3 HOH 8  212 212 HOH HOH A . 
D 3 HOH 9  213 213 HOH HOH A . 
D 3 HOH 10 214 214 HOH HOH A . 
D 3 HOH 11 215 215 HOH HOH A . 
D 3 HOH 12 217 217 HOH HOH A . 
D 3 HOH 13 218 218 HOH HOH A . 
D 3 HOH 14 219 219 HOH HOH A . 
D 3 HOH 15 220 220 HOH HOH A . 
D 3 HOH 16 221 221 HOH HOH A . 
D 3 HOH 17 222 222 HOH HOH A . 
D 3 HOH 18 223 223 HOH HOH A . 
D 3 HOH 19 224 224 HOH HOH A . 
D 3 HOH 20 225 225 HOH HOH A . 
D 3 HOH 21 229 229 HOH HOH A . 
D 3 HOH 22 230 230 HOH HOH A . 
D 3 HOH 23 231 231 HOH HOH A . 
D 3 HOH 24 232 232 HOH HOH A . 
D 3 HOH 25 233 233 HOH HOH A . 
D 3 HOH 26 234 234 HOH HOH A . 
D 3 HOH 27 235 235 HOH HOH A . 
D 3 HOH 28 236 236 HOH HOH A . 
D 3 HOH 29 238 238 HOH HOH A . 
D 3 HOH 30 239 239 HOH HOH A . 
D 3 HOH 31 240 240 HOH HOH A . 
D 3 HOH 32 241 241 HOH HOH A . 
D 3 HOH 33 242 242 HOH HOH A . 
D 3 HOH 34 243 243 HOH HOH A . 
D 3 HOH 35 244 244 HOH HOH A . 
D 3 HOH 36 245 245 HOH HOH A . 
D 3 HOH 37 246 246 HOH HOH A . 
D 3 HOH 38 247 247 HOH HOH A . 
D 3 HOH 39 248 248 HOH HOH A . 
D 3 HOH 40 249 249 HOH HOH A . 
D 3 HOH 41 251 251 HOH HOH A . 
D 3 HOH 42 252 252 HOH HOH A . 
D 3 HOH 43 255 255 HOH HOH A . 
D 3 HOH 44 271 271 HOH HOH A . 
D 3 HOH 45 273 273 HOH HOH A . 
D 3 HOH 46 274 274 HOH HOH A . 
D 3 HOH 47 276 276 HOH HOH A . 
D 3 HOH 48 280 280 HOH HOH A . 
D 3 HOH 49 287 287 HOH HOH A . 
D 3 HOH 50 294 294 HOH HOH A . 
D 3 HOH 51 295 295 HOH HOH A . 
D 3 HOH 52 297 297 HOH HOH A . 
D 3 HOH 53 313 313 HOH HOH A . 
D 3 HOH 54 314 314 HOH HOH A . 
D 3 HOH 55 315 315 HOH HOH A . 
D 3 HOH 56 316 316 HOH HOH A . 
D 3 HOH 57 317 317 HOH HOH A . 
D 3 HOH 58 318 318 HOH HOH A . 
D 3 HOH 59 319 319 HOH HOH A . 
D 3 HOH 60 321 321 HOH HOH A . 
D 3 HOH 61 323 323 HOH HOH A . 
D 3 HOH 62 324 324 HOH HOH A . 
D 3 HOH 63 325 325 HOH HOH A . 
D 3 HOH 64 332 332 HOH HOH A . 
D 3 HOH 65 335 335 HOH HOH A . 
D 3 HOH 66 336 336 HOH HOH A . 
D 3 HOH 67 337 337 HOH HOH A . 
D 3 HOH 68 338 338 HOH HOH A . 
D 3 HOH 69 340 340 HOH HOH A . 
D 3 HOH 70 352 352 HOH HOH A . 
D 3 HOH 71 353 353 HOH HOH A . 
D 3 HOH 72 356 356 HOH HOH A . 
D 3 HOH 73 362 362 HOH HOH A . 
D 3 HOH 74 366 366 HOH HOH A . 
D 3 HOH 75 368 368 HOH HOH A . 
D 3 HOH 76 370 370 HOH HOH A . 
D 3 HOH 77 374 374 HOH HOH A . 
D 3 HOH 78 400 400 HOH HOH A . 
E 3 HOH 1  206 206 HOH HOH B . 
E 3 HOH 2  208 208 HOH HOH B . 
E 3 HOH 3  216 216 HOH HOH B . 
E 3 HOH 4  226 226 HOH HOH B . 
E 3 HOH 5  227 227 HOH HOH B . 
E 3 HOH 6  228 228 HOH HOH B . 
E 3 HOH 7  237 237 HOH HOH B . 
E 3 HOH 8  253 253 HOH HOH B . 
E 3 HOH 9  254 254 HOH HOH B . 
E 3 HOH 10 256 256 HOH HOH B . 
E 3 HOH 11 257 257 HOH HOH B . 
E 3 HOH 12 258 258 HOH HOH B . 
E 3 HOH 13 259 259 HOH HOH B . 
E 3 HOH 14 260 260 HOH HOH B . 
E 3 HOH 15 261 261 HOH HOH B . 
E 3 HOH 16 262 262 HOH HOH B . 
E 3 HOH 17 264 264 HOH HOH B . 
E 3 HOH 18 265 265 HOH HOH B . 
E 3 HOH 19 266 266 HOH HOH B . 
E 3 HOH 20 267 267 HOH HOH B . 
E 3 HOH 21 270 270 HOH HOH B . 
E 3 HOH 22 277 277 HOH HOH B . 
E 3 HOH 23 278 278 HOH HOH B . 
E 3 HOH 24 279 279 HOH HOH B . 
E 3 HOH 25 281 281 HOH HOH B . 
E 3 HOH 26 282 282 HOH HOH B . 
E 3 HOH 27 283 283 HOH HOH B . 
E 3 HOH 28 285 285 HOH HOH B . 
E 3 HOH 29 286 286 HOH HOH B . 
E 3 HOH 30 288 288 HOH HOH B . 
E 3 HOH 31 289 289 HOH HOH B . 
E 3 HOH 32 290 290 HOH HOH B . 
E 3 HOH 33 298 298 HOH HOH B . 
E 3 HOH 34 301 301 HOH HOH B . 
E 3 HOH 35 302 302 HOH HOH B . 
E 3 HOH 36 303 303 HOH HOH B . 
E 3 HOH 37 304 304 HOH HOH B . 
E 3 HOH 38 311 311 HOH HOH B . 
E 3 HOH 39 327 327 HOH HOH B . 
E 3 HOH 40 328 328 HOH HOH B . 
E 3 HOH 41 329 329 HOH HOH B . 
E 3 HOH 42 330 330 HOH HOH B . 
E 3 HOH 43 331 331 HOH HOH B . 
E 3 HOH 44 333 333 HOH HOH B . 
E 3 HOH 45 341 341 HOH HOH B . 
E 3 HOH 46 349 349 HOH HOH B . 
E 3 HOH 47 354 354 HOH HOH B . 
E 3 HOH 48 369 369 HOH HOH B . 
E 3 HOH 49 375 375 HOH HOH B . 
E 3 HOH 50 377 377 HOH HOH B . 
E 3 HOH 51 379 379 HOH HOH B . 
E 3 HOH 52 387 387 HOH HOH B . 
E 3 HOH 53 393 393 HOH HOH B . 
# 
loop_
_pdbx_struct_mod_residue.id 
_pdbx_struct_mod_residue.label_asym_id 
_pdbx_struct_mod_residue.label_comp_id 
_pdbx_struct_mod_residue.label_seq_id 
_pdbx_struct_mod_residue.auth_asym_id 
_pdbx_struct_mod_residue.auth_comp_id 
_pdbx_struct_mod_residue.auth_seq_id 
_pdbx_struct_mod_residue.PDB_ins_code 
_pdbx_struct_mod_residue.parent_comp_id 
_pdbx_struct_mod_residue.details 
1 A UAR 8 A UAR 8   ? U 
;URACIL ARABINOSE-5'-PHOSPHATE
;
2 B UAR 8 B UAR 120 ? U 
;URACIL ARABINOSE-5'-PHOSPHATE
;
# 
_pdbx_struct_assembly.id                   1 
_pdbx_struct_assembly.details              author_defined_assembly 
_pdbx_struct_assembly.method_details       ? 
_pdbx_struct_assembly.oligomeric_details   dimeric 
_pdbx_struct_assembly.oligomeric_count     2 
# 
_pdbx_struct_assembly_gen.assembly_id       1 
_pdbx_struct_assembly_gen.oper_expression   1 
_pdbx_struct_assembly_gen.asym_id_list      A,B,C,D,E 
# 
_pdbx_struct_oper_list.id                   1 
_pdbx_struct_oper_list.type                 'identity operation' 
_pdbx_struct_oper_list.name                 1_555 
_pdbx_struct_oper_list.symmetry_operation   x,y,z 
_pdbx_struct_oper_list.matrix[1][1]         1.0000000000 
_pdbx_struct_oper_list.matrix[1][2]         0.0000000000 
_pdbx_struct_oper_list.matrix[1][3]         0.0000000000 
_pdbx_struct_oper_list.vector[1]            0.0000000000 
_pdbx_struct_oper_list.matrix[2][1]         0.0000000000 
_pdbx_struct_oper_list.matrix[2][2]         1.0000000000 
_pdbx_struct_oper_list.matrix[2][3]         0.0000000000 
_pdbx_struct_oper_list.vector[2]            0.0000000000 
_pdbx_struct_oper_list.matrix[3][1]         0.0000000000 
_pdbx_struct_oper_list.matrix[3][2]         0.0000000000 
_pdbx_struct_oper_list.matrix[3][3]         1.0000000000 
_pdbx_struct_oper_list.vector[3]            0.0000000000 
# 
loop_
_pdbx_struct_conn_angle.id 
_pdbx_struct_conn_angle.ptnr1_label_atom_id 
_pdbx_struct_conn_angle.ptnr1_label_alt_id 
_pdbx_struct_conn_angle.ptnr1_label_asym_id 
_pdbx_struct_conn_angle.ptnr1_label_comp_id 
_pdbx_struct_conn_angle.ptnr1_label_seq_id 
_pdbx_struct_conn_angle.ptnr1_auth_atom_id 
_pdbx_struct_conn_angle.ptnr1_auth_asym_id 
_pdbx_struct_conn_angle.ptnr1_auth_comp_id 
_pdbx_struct_conn_angle.ptnr1_auth_seq_id 
_pdbx_struct_conn_angle.ptnr1_PDB_ins_code 
_pdbx_struct_conn_angle.ptnr1_symmetry 
_pdbx_struct_conn_angle.ptnr2_label_atom_id 
_pdbx_struct_conn_angle.ptnr2_label_alt_id 
_pdbx_struct_conn_angle.ptnr2_label_asym_id 
_pdbx_struct_conn_angle.ptnr2_label_comp_id 
_pdbx_struct_conn_angle.ptnr2_label_seq_id 
_pdbx_struct_conn_angle.ptnr2_auth_atom_id 
_pdbx_struct_conn_angle.ptnr2_auth_asym_id 
_pdbx_struct_conn_angle.ptnr2_auth_comp_id 
_pdbx_struct_conn_angle.ptnr2_auth_seq_id 
_pdbx_struct_conn_angle.ptnr2_PDB_ins_code 
_pdbx_struct_conn_angle.ptnr2_symmetry 
_pdbx_struct_conn_angle.ptnr3_label_atom_id 
_pdbx_struct_conn_angle.ptnr3_label_alt_id 
_pdbx_struct_conn_angle.ptnr3_label_asym_id 
_pdbx_struct_conn_angle.ptnr3_label_comp_id 
_pdbx_struct_conn_angle.ptnr3_label_seq_id 
_pdbx_struct_conn_angle.ptnr3_auth_atom_id 
_pdbx_struct_conn_angle.ptnr3_auth_asym_id 
_pdbx_struct_conn_angle.ptnr3_auth_comp_id 
_pdbx_struct_conn_angle.ptnr3_auth_seq_id 
_pdbx_struct_conn_angle.ptnr3_PDB_ins_code 
_pdbx_struct_conn_angle.ptnr3_symmetry 
_pdbx_struct_conn_angle.value 
_pdbx_struct_conn_angle.value_esd 
1  O ? D HOH . ? A HOH 204 ? 1_555 MG ? C MG . ? A MG 310 ? 1_555 O ? D HOH . ? A HOH 205 ? 1_555 93.7  ? 
2  O ? D HOH . ? A HOH 204 ? 1_555 MG ? C MG . ? A MG 310 ? 1_555 O ? D HOH . ? A HOH 220 ? 3_546 174.1 ? 
3  O ? D HOH . ? A HOH 205 ? 1_555 MG ? C MG . ? A MG 310 ? 1_555 O ? D HOH . ? A HOH 220 ? 3_546 84.7  ? 
4  O ? D HOH . ? A HOH 204 ? 1_555 MG ? C MG . ? A MG 310 ? 1_555 O ? D HOH . ? A HOH 229 ? 3_546 89.0  ? 
5  O ? D HOH . ? A HOH 205 ? 1_555 MG ? C MG . ? A MG 310 ? 1_555 O ? D HOH . ? A HOH 229 ? 3_546 92.8  ? 
6  O ? D HOH . ? A HOH 220 ? 3_546 MG ? C MG . ? A MG 310 ? 1_555 O ? D HOH . ? A HOH 229 ? 3_546 85.4  ? 
7  O ? D HOH . ? A HOH 204 ? 1_555 MG ? C MG . ? A MG 310 ? 1_555 O ? D HOH . ? A HOH 230 ? 3_546 89.0  ? 
8  O ? D HOH . ? A HOH 205 ? 1_555 MG ? C MG . ? A MG 310 ? 1_555 O ? D HOH . ? A HOH 230 ? 3_546 174.1 ? 
9  O ? D HOH . ? A HOH 220 ? 3_546 MG ? C MG . ? A MG 310 ? 1_555 O ? D HOH . ? A HOH 230 ? 3_546 93.0  ? 
10 O ? D HOH . ? A HOH 229 ? 3_546 MG ? C MG . ? A MG 310 ? 1_555 O ? D HOH . ? A HOH 230 ? 3_546 92.6  ? 
11 O ? D HOH . ? A HOH 204 ? 1_555 MG ? C MG . ? A MG 310 ? 1_555 O ? E HOH . ? B HOH 206 ? 1_555 93.4  ? 
12 O ? D HOH . ? A HOH 205 ? 1_555 MG ? C MG . ? A MG 310 ? 1_555 O ? E HOH . ? B HOH 206 ? 1_555 87.3  ? 
13 O ? D HOH . ? A HOH 220 ? 3_546 MG ? C MG . ? A MG 310 ? 1_555 O ? E HOH . ? B HOH 206 ? 1_555 92.3  ? 
14 O ? D HOH . ? A HOH 229 ? 3_546 MG ? C MG . ? A MG 310 ? 1_555 O ? E HOH . ? B HOH 206 ? 1_555 177.6 ? 
15 O ? D HOH . ? A HOH 230 ? 3_546 MG ? C MG . ? A MG 310 ? 1_555 O ? E HOH . ? B HOH 206 ? 1_555 87.3  ? 
# 
loop_
_pdbx_audit_revision_history.ordinal 
_pdbx_audit_revision_history.data_content_type 
_pdbx_audit_revision_history.major_revision 
_pdbx_audit_revision_history.minor_revision 
_pdbx_audit_revision_history.revision_date 
1 'Structure model' 1 0 2006-05-23 
2 'Structure model' 1 1 2008-05-01 
3 'Structure model' 1 2 2011-07-13 
4 'Structure model' 1 3 2011-12-28 
5 'Structure model' 1 4 2023-08-30 
# 
_pdbx_audit_revision_details.ordinal             1 
_pdbx_audit_revision_details.revision_ordinal    1 
_pdbx_audit_revision_details.data_content_type   'Structure model' 
_pdbx_audit_revision_details.provider            repository 
_pdbx_audit_revision_details.type                'Initial release' 
_pdbx_audit_revision_details.description         ? 
_pdbx_audit_revision_details.details             ? 
# 
loop_
_pdbx_audit_revision_group.ordinal 
_pdbx_audit_revision_group.revision_ordinal 
_pdbx_audit_revision_group.data_content_type 
_pdbx_audit_revision_group.group 
1 2 'Structure model' 'Version format compliance' 
2 3 'Structure model' 'Version format compliance' 
3 4 'Structure model' Advisory                    
4 5 'Structure model' 'Data collection'           
5 5 'Structure model' 'Database references'       
6 5 'Structure model' 'Derived calculations'      
7 5 'Structure model' 'Refinement description'    
# 
loop_
_pdbx_audit_revision_category.ordinal 
_pdbx_audit_revision_category.revision_ordinal 
_pdbx_audit_revision_category.data_content_type 
_pdbx_audit_revision_category.category 
1 5 'Structure model' chem_comp_atom                
2 5 'Structure model' chem_comp_bond                
3 5 'Structure model' database_2                    
4 5 'Structure model' pdbx_initial_refinement_model 
5 5 'Structure model' pdbx_struct_conn_angle        
6 5 'Structure model' struct_conn                   
7 5 'Structure model' struct_site                   
# 
loop_
_pdbx_audit_revision_item.ordinal 
_pdbx_audit_revision_item.revision_ordinal 
_pdbx_audit_revision_item.data_content_type 
_pdbx_audit_revision_item.item 
1  5 'Structure model' '_database_2.pdbx_DOI'                        
2  5 'Structure model' '_database_2.pdbx_database_accession'         
3  5 'Structure model' '_pdbx_struct_conn_angle.ptnr1_auth_asym_id'  
4  5 'Structure model' '_pdbx_struct_conn_angle.ptnr1_auth_seq_id'   
5  5 'Structure model' '_pdbx_struct_conn_angle.ptnr1_label_asym_id' 
6  5 'Structure model' '_pdbx_struct_conn_angle.ptnr1_symmetry'      
7  5 'Structure model' '_pdbx_struct_conn_angle.ptnr3_auth_asym_id'  
8  5 'Structure model' '_pdbx_struct_conn_angle.ptnr3_auth_seq_id'   
9  5 'Structure model' '_pdbx_struct_conn_angle.ptnr3_label_asym_id' 
10 5 'Structure model' '_pdbx_struct_conn_angle.ptnr3_symmetry'      
11 5 'Structure model' '_pdbx_struct_conn_angle.value'               
12 5 'Structure model' '_struct_conn.conn_type_id'                   
13 5 'Structure model' '_struct_conn.id'                             
14 5 'Structure model' '_struct_conn.pdbx_dist_value'                
15 5 'Structure model' '_struct_conn.pdbx_leaving_atom_flag'         
16 5 'Structure model' '_struct_conn.ptnr1_auth_asym_id'             
17 5 'Structure model' '_struct_conn.ptnr1_auth_comp_id'             
18 5 'Structure model' '_struct_conn.ptnr1_auth_seq_id'              
19 5 'Structure model' '_struct_conn.ptnr1_label_asym_id'            
20 5 'Structure model' '_struct_conn.ptnr1_label_atom_id'            
21 5 'Structure model' '_struct_conn.ptnr1_label_comp_id'            
22 5 'Structure model' '_struct_conn.ptnr1_label_seq_id'             
23 5 'Structure model' '_struct_conn.ptnr1_symmetry'                 
24 5 'Structure model' '_struct_conn.ptnr2_auth_asym_id'             
25 5 'Structure model' '_struct_conn.ptnr2_auth_comp_id'             
26 5 'Structure model' '_struct_conn.ptnr2_auth_seq_id'              
27 5 'Structure model' '_struct_conn.ptnr2_label_asym_id'            
28 5 'Structure model' '_struct_conn.ptnr2_label_atom_id'            
29 5 'Structure model' '_struct_conn.ptnr2_label_comp_id'            
30 5 'Structure model' '_struct_conn.ptnr2_label_seq_id'             
31 5 'Structure model' '_struct_conn.ptnr2_symmetry'                 
32 5 'Structure model' '_struct_site.pdbx_auth_asym_id'              
33 5 'Structure model' '_struct_site.pdbx_auth_comp_id'              
34 5 'Structure model' '_struct_site.pdbx_auth_seq_id'               
# 
loop_
_software.name 
_software.classification 
_software.version 
_software.citation_id 
_software.pdbx_ordinal 
DENZO     'data reduction' . ? 1 
SCALEPACK 'data scaling'   . ? 2 
CNS       refinement       . ? 3 
SHELXL-97 refinement       . ? 4 
CNS       phasing          . ? 5 
# 
loop_
_pdbx_validate_rmsd_bond.id 
_pdbx_validate_rmsd_bond.PDB_model_num 
_pdbx_validate_rmsd_bond.auth_atom_id_1 
_pdbx_validate_rmsd_bond.auth_asym_id_1 
_pdbx_validate_rmsd_bond.auth_comp_id_1 
_pdbx_validate_rmsd_bond.auth_seq_id_1 
_pdbx_validate_rmsd_bond.PDB_ins_code_1 
_pdbx_validate_rmsd_bond.label_alt_id_1 
_pdbx_validate_rmsd_bond.auth_atom_id_2 
_pdbx_validate_rmsd_bond.auth_asym_id_2 
_pdbx_validate_rmsd_bond.auth_comp_id_2 
_pdbx_validate_rmsd_bond.auth_seq_id_2 
_pdbx_validate_rmsd_bond.PDB_ins_code_2 
_pdbx_validate_rmsd_bond.label_alt_id_2 
_pdbx_validate_rmsd_bond.bond_value 
_pdbx_validate_rmsd_bond.bond_target_value 
_pdbx_validate_rmsd_bond.bond_deviation 
_pdbx_validate_rmsd_bond.bond_standard_deviation 
_pdbx_validate_rmsd_bond.linker_flag 
1  1 "C3'" A DC 1   ? ? "C2'" A DC 1   ? ? 1.467 1.516 -0.049 0.008 N 
2  1 "O4'" A DC 1   ? ? "C1'" A DC 1   ? ? 1.506 1.420 0.086  0.011 N 
3  1 "C3'" A DG 2   ? ? "C2'" A DG 2   ? ? 1.453 1.516 -0.063 0.008 N 
4  1 "C2'" A DG 2   ? ? "C1'" A DG 2   ? ? 1.439 1.518 -0.079 0.010 N 
5  1 "O4'" A DG 2   ? ? "C1'" A DG 2   ? ? 1.522 1.420 0.102  0.011 N 
6  1 "C3'" A DC 3   ? ? "C2'" A DC 3   ? ? 1.465 1.516 -0.051 0.008 N 
7  1 "C2'" A DC 3   ? ? "C1'" A DC 3   ? ? 1.439 1.518 -0.079 0.010 N 
8  1 "O4'" A DC 3   ? ? "C1'" A DC 3   ? ? 1.543 1.420 0.123  0.011 N 
9  1 "C3'" A DA 5   ? ? "C2'" A DA 5   ? ? 1.468 1.516 -0.048 0.008 N 
10 1 "C2'" A DA 5   ? ? "C1'" A DA 5   ? ? 1.448 1.518 -0.070 0.010 N 
11 1 "O4'" A DA 5   ? ? "C1'" A DA 5   ? ? 1.525 1.420 0.105  0.011 N 
12 1 "C2'" A DA 6   ? ? "C1'" A DA 6   ? ? 1.442 1.518 -0.076 0.010 N 
13 1 "O4'" A DA 6   ? ? "C1'" A DA 6   ? ? 1.501 1.420 0.081  0.011 N 
14 1 "C2'" A DT 7   ? ? "C1'" A DT 7   ? ? 1.428 1.518 -0.090 0.010 N 
15 1 "O4'" A DT 7   ? ? "C1'" A DT 7   ? ? 1.533 1.420 0.113  0.011 N 
16 1 "C2'" A DC 9   ? ? "C1'" A DC 9   ? ? 1.419 1.518 -0.099 0.010 N 
17 1 "O4'" A DC 9   ? ? "C1'" A DC 9   ? ? 1.584 1.420 0.164  0.011 N 
18 1 "O4'" A DG 10  ? ? "C1'" A DG 10  ? ? 1.493 1.420 0.073  0.011 N 
19 1 "C2'" A DC 11  ? ? "C1'" A DC 11  ? ? 1.412 1.518 -0.106 0.010 N 
20 1 "O4'" A DC 11  ? ? "C1'" A DC 11  ? ? 1.551 1.420 0.131  0.011 N 
21 1 "C2'" A DG 12  ? ? "C1'" A DG 12  ? ? 1.442 1.518 -0.076 0.010 N 
22 1 "O4'" A DG 12  ? ? "C1'" A DG 12  ? ? 1.525 1.420 0.105  0.011 N 
23 1 "C3'" B DC 113 ? ? "C2'" B DC 113 ? ? 1.457 1.516 -0.059 0.008 N 
24 1 "C2'" B DC 113 ? ? "C1'" B DC 113 ? ? 1.454 1.518 -0.064 0.010 N 
25 1 "O4'" B DC 113 ? ? "C1'" B DC 113 ? ? 1.518 1.420 0.098  0.011 N 
26 1 "C3'" B DG 114 ? ? "C2'" B DG 114 ? ? 1.467 1.516 -0.049 0.008 N 
27 1 "C2'" B DG 114 ? ? "C1'" B DG 114 ? ? 1.438 1.518 -0.080 0.010 N 
28 1 "O4'" B DG 114 ? ? "C1'" B DG 114 ? ? 1.514 1.420 0.094  0.011 N 
29 1 "C2'" B DC 115 ? ? "C1'" B DC 115 ? ? 1.431 1.518 -0.087 0.010 N 
30 1 "O4'" B DC 115 ? ? "C1'" B DC 115 ? ? 1.549 1.420 0.129  0.011 N 
31 1 "C3'" B DA 117 ? ? "C2'" B DA 117 ? ? 1.466 1.516 -0.050 0.008 N 
32 1 "C2'" B DA 117 ? ? "C1'" B DA 117 ? ? 1.447 1.518 -0.071 0.010 N 
33 1 "O4'" B DA 117 ? ? "C1'" B DA 117 ? ? 1.535 1.420 0.115  0.011 N 
34 1 "C2'" B DA 118 ? ? "C1'" B DA 118 ? ? 1.431 1.518 -0.087 0.010 N 
35 1 "O4'" B DA 118 ? ? "C1'" B DA 118 ? ? 1.515 1.420 0.095  0.011 N 
36 1 "C2'" B DT 119 ? ? "C1'" B DT 119 ? ? 1.433 1.518 -0.085 0.010 N 
37 1 "O4'" B DT 119 ? ? "C1'" B DT 119 ? ? 1.531 1.420 0.111  0.011 N 
38 1 "C2'" B DC 121 ? ? "C1'" B DC 121 ? ? 1.428 1.518 -0.090 0.010 N 
39 1 "O4'" B DC 121 ? ? "C1'" B DC 121 ? ? 1.561 1.420 0.141  0.011 N 
40 1 "C3'" B DC 123 ? ? "C2'" B DC 123 ? ? 1.449 1.516 -0.067 0.008 N 
41 1 "C2'" B DC 123 ? ? "C1'" B DC 123 ? ? 1.387 1.518 -0.131 0.010 N 
42 1 "O4'" B DC 123 ? ? "C1'" B DC 123 ? ? 1.587 1.420 0.167  0.011 N 
43 1 "C2'" B DG 124 ? ? "C1'" B DG 124 ? ? 1.440 1.518 -0.078 0.010 N 
44 1 "O4'" B DG 124 ? ? "C1'" B DG 124 ? ? 1.546 1.420 0.126  0.011 N 
# 
loop_
_pdbx_validate_rmsd_angle.id 
_pdbx_validate_rmsd_angle.PDB_model_num 
_pdbx_validate_rmsd_angle.auth_atom_id_1 
_pdbx_validate_rmsd_angle.auth_asym_id_1 
_pdbx_validate_rmsd_angle.auth_comp_id_1 
_pdbx_validate_rmsd_angle.auth_seq_id_1 
_pdbx_validate_rmsd_angle.PDB_ins_code_1 
_pdbx_validate_rmsd_angle.label_alt_id_1 
_pdbx_validate_rmsd_angle.auth_atom_id_2 
_pdbx_validate_rmsd_angle.auth_asym_id_2 
_pdbx_validate_rmsd_angle.auth_comp_id_2 
_pdbx_validate_rmsd_angle.auth_seq_id_2 
_pdbx_validate_rmsd_angle.PDB_ins_code_2 
_pdbx_validate_rmsd_angle.label_alt_id_2 
_pdbx_validate_rmsd_angle.auth_atom_id_3 
_pdbx_validate_rmsd_angle.auth_asym_id_3 
_pdbx_validate_rmsd_angle.auth_comp_id_3 
_pdbx_validate_rmsd_angle.auth_seq_id_3 
_pdbx_validate_rmsd_angle.PDB_ins_code_3 
_pdbx_validate_rmsd_angle.label_alt_id_3 
_pdbx_validate_rmsd_angle.angle_value 
_pdbx_validate_rmsd_angle.angle_target_value 
_pdbx_validate_rmsd_angle.angle_deviation 
_pdbx_validate_rmsd_angle.angle_standard_deviation 
_pdbx_validate_rmsd_angle.linker_flag 
1  1 "O4'" A DC 1   ? ? "C1'" A DC 1   ? ? N1    A DC 1   ? ? 102.64 108.00 -5.36  0.70 N 
2  1 "O4'" A DG 2   ? ? "C1'" A DG 2   ? ? N9    A DG 2   ? ? 100.69 108.00 -7.31  0.70 N 
3  1 "O4'" A DC 3   ? ? "C1'" A DC 3   ? ? N1    A DC 3   ? ? 100.54 108.00 -7.46  0.70 N 
4  1 "O5'" A DG 4   ? ? "C5'" A DG 4   ? ? "C4'" A DG 4   ? ? 104.28 109.40 -5.12  0.80 N 
5  1 "C3'" A DG 4   ? ? "O3'" A DG 4   ? ? P     A DA 5   ? ? 127.51 119.70 7.81   1.20 Y 
6  1 "O4'" A DA 5   ? ? "C1'" A DA 5   ? ? N9    A DA 5   ? ? 103.71 108.00 -4.29  0.70 N 
7  1 N1    A DA 5   ? ? C6    A DA 5   ? ? N6    A DA 5   ? ? 114.40 118.60 -4.20  0.60 N 
8  1 "C3'" A DA 5   ? ? "O3'" A DA 5   ? ? P     A DA 6   ? ? 130.52 119.70 10.82  1.20 Y 
9  1 "O4'" A DA 6   ? ? "C1'" A DA 6   ? ? N9    A DA 6   ? ? 102.61 108.00 -5.39  0.70 N 
10 1 "O4'" A DT 7   ? ? "C1'" A DT 7   ? ? N1    A DT 7   ? ? 102.13 108.00 -5.87  0.70 N 
11 1 N1    A DC 9   ? ? "C1'" A DC 9   ? ? "C2'" A DC 9   ? ? 127.74 114.30 13.44  1.40 N 
12 1 "O4'" A DC 9   ? ? "C1'" A DC 9   ? ? N1    A DC 9   ? ? 96.81  108.00 -11.19 0.70 N 
13 1 "C3'" A DG 10  ? ? "C2'" A DG 10  ? ? "C1'" A DG 10  ? ? 97.24  102.40 -5.16  0.80 N 
14 1 N1    A DC 11  ? ? "C1'" A DC 11  ? ? "C2'" A DC 11  ? ? 125.70 114.30 11.40  1.40 N 
15 1 "O4'" A DC 11  ? ? "C1'" A DC 11  ? ? N1    A DC 11  ? ? 95.59  108.00 -12.41 0.70 N 
16 1 "O4'" A DG 12  ? ? "C1'" A DG 12  ? ? N9    A DG 12  ? ? 99.69  108.00 -8.31  0.70 N 
17 1 "O5'" B DC 113 ? ? "C5'" B DC 113 ? ? "C4'" B DC 113 ? ? 103.30 109.40 -6.10  0.80 N 
18 1 "O4'" B DC 113 ? ? "C1'" B DC 113 ? ? N1    B DC 113 ? ? 103.21 108.00 -4.79  0.70 N 
19 1 "O4'" B DG 114 ? ? "C1'" B DG 114 ? ? N9    B DG 114 ? ? 103.25 108.00 -4.75  0.70 N 
20 1 N7    B DG 114 ? ? C8    B DG 114 ? ? N9    B DG 114 ? ? 109.34 113.10 -3.76  0.50 N 
21 1 "O4'" B DC 115 ? ? "C1'" B DC 115 ? ? N1    B DC 115 ? ? 100.57 108.00 -7.43  0.70 N 
22 1 C2    B DC 115 ? ? N3    B DC 115 ? ? C4    B DC 115 ? ? 124.18 119.90 4.28   0.50 N 
23 1 N3    B DC 115 ? ? C4    B DC 115 ? ? C5    B DC 115 ? ? 119.48 121.90 -2.42  0.40 N 
24 1 "O4'" B DG 116 ? ? "C1'" B DG 116 ? ? N9    B DG 116 ? ? 112.70 108.30 4.40   0.30 N 
25 1 "C3'" B DG 116 ? ? "O3'" B DG 116 ? ? P     B DA 117 ? ? 128.56 119.70 8.86   1.20 Y 
26 1 "O4'" B DA 117 ? ? "C1'" B DA 117 ? ? N9    B DA 117 ? ? 100.62 108.00 -7.38  0.70 N 
27 1 "O4'" B DA 118 ? ? "C1'" B DA 118 ? ? N9    B DA 118 ? ? 100.75 108.00 -7.25  0.70 N 
28 1 "O4'" B DT 119 ? ? "C1'" B DT 119 ? ? N1    B DT 119 ? ? 101.70 108.00 -6.30  0.70 N 
29 1 "C1'" B DC 121 ? ? "O4'" B DC 121 ? ? "C4'" B DC 121 ? ? 102.45 110.10 -7.65  1.00 N 
30 1 N1    B DC 121 ? ? "C1'" B DC 121 ? ? "C2'" B DC 121 ? ? 124.22 114.30 9.92   1.40 N 
31 1 "O4'" B DC 121 ? ? "C1'" B DC 121 ? ? N1    B DC 121 ? ? 99.95  108.00 -8.05  0.70 N 
32 1 C6    B DC 121 ? ? N1    B DC 121 ? ? C2    B DC 121 ? ? 117.70 120.30 -2.60  0.40 N 
33 1 C5    B DC 121 ? ? C6    B DC 121 ? ? N1    B DC 121 ? ? 124.06 121.00 3.06   0.50 N 
34 1 "O4'" B DC 123 ? ? "C4'" B DC 123 ? ? "C3'" B DC 123 ? ? 101.12 104.50 -3.38  0.40 N 
35 1 N1    B DC 123 ? ? "C1'" B DC 123 ? ? "C2'" B DC 123 ? ? 126.05 114.30 11.75  1.40 N 
36 1 "O4'" B DC 123 ? ? "C1'" B DC 123 ? ? N1    B DC 123 ? ? 97.13  108.00 -10.87 0.70 N 
37 1 C2    B DC 123 ? ? N1    B DC 123 ? ? "C1'" B DC 123 ? ? 111.65 118.80 -7.15  1.10 N 
38 1 "O4'" B DG 124 ? ? "C1'" B DG 124 ? ? N9    B DG 124 ? ? 101.18 108.00 -6.82  0.70 N 
# 
loop_
_chem_comp_atom.comp_id 
_chem_comp_atom.atom_id 
_chem_comp_atom.type_symbol 
_chem_comp_atom.pdbx_aromatic_flag 
_chem_comp_atom.pdbx_stereo_config 
_chem_comp_atom.pdbx_ordinal 
DA  OP3    O  N N 1   
DA  P      P  N N 2   
DA  OP1    O  N N 3   
DA  OP2    O  N N 4   
DA  "O5'"  O  N N 5   
DA  "C5'"  C  N N 6   
DA  "C4'"  C  N R 7   
DA  "O4'"  O  N N 8   
DA  "C3'"  C  N S 9   
DA  "O3'"  O  N N 10  
DA  "C2'"  C  N N 11  
DA  "C1'"  C  N R 12  
DA  N9     N  Y N 13  
DA  C8     C  Y N 14  
DA  N7     N  Y N 15  
DA  C5     C  Y N 16  
DA  C6     C  Y N 17  
DA  N6     N  N N 18  
DA  N1     N  Y N 19  
DA  C2     C  Y N 20  
DA  N3     N  Y N 21  
DA  C4     C  Y N 22  
DA  HOP3   H  N N 23  
DA  HOP2   H  N N 24  
DA  "H5'"  H  N N 25  
DA  "H5''" H  N N 26  
DA  "H4'"  H  N N 27  
DA  "H3'"  H  N N 28  
DA  "HO3'" H  N N 29  
DA  "H2'"  H  N N 30  
DA  "H2''" H  N N 31  
DA  "H1'"  H  N N 32  
DA  H8     H  N N 33  
DA  H61    H  N N 34  
DA  H62    H  N N 35  
DA  H2     H  N N 36  
DC  OP3    O  N N 37  
DC  P      P  N N 38  
DC  OP1    O  N N 39  
DC  OP2    O  N N 40  
DC  "O5'"  O  N N 41  
DC  "C5'"  C  N N 42  
DC  "C4'"  C  N R 43  
DC  "O4'"  O  N N 44  
DC  "C3'"  C  N S 45  
DC  "O3'"  O  N N 46  
DC  "C2'"  C  N N 47  
DC  "C1'"  C  N R 48  
DC  N1     N  N N 49  
DC  C2     C  N N 50  
DC  O2     O  N N 51  
DC  N3     N  N N 52  
DC  C4     C  N N 53  
DC  N4     N  N N 54  
DC  C5     C  N N 55  
DC  C6     C  N N 56  
DC  HOP3   H  N N 57  
DC  HOP2   H  N N 58  
DC  "H5'"  H  N N 59  
DC  "H5''" H  N N 60  
DC  "H4'"  H  N N 61  
DC  "H3'"  H  N N 62  
DC  "HO3'" H  N N 63  
DC  "H2'"  H  N N 64  
DC  "H2''" H  N N 65  
DC  "H1'"  H  N N 66  
DC  H41    H  N N 67  
DC  H42    H  N N 68  
DC  H5     H  N N 69  
DC  H6     H  N N 70  
DG  OP3    O  N N 71  
DG  P      P  N N 72  
DG  OP1    O  N N 73  
DG  OP2    O  N N 74  
DG  "O5'"  O  N N 75  
DG  "C5'"  C  N N 76  
DG  "C4'"  C  N R 77  
DG  "O4'"  O  N N 78  
DG  "C3'"  C  N S 79  
DG  "O3'"  O  N N 80  
DG  "C2'"  C  N N 81  
DG  "C1'"  C  N R 82  
DG  N9     N  Y N 83  
DG  C8     C  Y N 84  
DG  N7     N  Y N 85  
DG  C5     C  Y N 86  
DG  C6     C  N N 87  
DG  O6     O  N N 88  
DG  N1     N  N N 89  
DG  C2     C  N N 90  
DG  N2     N  N N 91  
DG  N3     N  N N 92  
DG  C4     C  Y N 93  
DG  HOP3   H  N N 94  
DG  HOP2   H  N N 95  
DG  "H5'"  H  N N 96  
DG  "H5''" H  N N 97  
DG  "H4'"  H  N N 98  
DG  "H3'"  H  N N 99  
DG  "HO3'" H  N N 100 
DG  "H2'"  H  N N 101 
DG  "H2''" H  N N 102 
DG  "H1'"  H  N N 103 
DG  H8     H  N N 104 
DG  H1     H  N N 105 
DG  H21    H  N N 106 
DG  H22    H  N N 107 
DT  OP3    O  N N 108 
DT  P      P  N N 109 
DT  OP1    O  N N 110 
DT  OP2    O  N N 111 
DT  "O5'"  O  N N 112 
DT  "C5'"  C  N N 113 
DT  "C4'"  C  N R 114 
DT  "O4'"  O  N N 115 
DT  "C3'"  C  N S 116 
DT  "O3'"  O  N N 117 
DT  "C2'"  C  N N 118 
DT  "C1'"  C  N R 119 
DT  N1     N  N N 120 
DT  C2     C  N N 121 
DT  O2     O  N N 122 
DT  N3     N  N N 123 
DT  C4     C  N N 124 
DT  O4     O  N N 125 
DT  C5     C  N N 126 
DT  C7     C  N N 127 
DT  C6     C  N N 128 
DT  HOP3   H  N N 129 
DT  HOP2   H  N N 130 
DT  "H5'"  H  N N 131 
DT  "H5''" H  N N 132 
DT  "H4'"  H  N N 133 
DT  "H3'"  H  N N 134 
DT  "HO3'" H  N N 135 
DT  "H2'"  H  N N 136 
DT  "H2''" H  N N 137 
DT  "H1'"  H  N N 138 
DT  H3     H  N N 139 
DT  H71    H  N N 140 
DT  H72    H  N N 141 
DT  H73    H  N N 142 
DT  H6     H  N N 143 
HOH O      O  N N 144 
HOH H1     H  N N 145 
HOH H2     H  N N 146 
MG  MG     MG N N 147 
UAR OP3    O  N N 148 
UAR P      P  N N 149 
UAR OP1    O  N N 150 
UAR OP2    O  N N 151 
UAR "O5'"  O  N N 152 
UAR "C5'"  C  N N 153 
UAR "C4'"  C  N R 154 
UAR "O4'"  O  N N 155 
UAR "C3'"  C  N S 156 
UAR "O3'"  O  N N 157 
UAR "C2'"  C  N S 158 
UAR "O2'"  O  N N 159 
UAR "C1'"  C  N R 160 
UAR N1     N  N N 161 
UAR C2     C  N N 162 
UAR O2     O  N N 163 
UAR N3     N  N N 164 
UAR C4     C  N N 165 
UAR O4     O  N N 166 
UAR C5     C  N N 167 
UAR C6     C  N N 168 
UAR HOP3   H  N N 169 
UAR HOP2   H  N N 170 
UAR "H5'"  H  N N 171 
UAR "H5''" H  N N 172 
UAR "H4'"  H  N N 173 
UAR "H3'"  H  N N 174 
UAR "HO3'" H  N N 175 
UAR "H2'"  H  N N 176 
UAR "HO2'" H  N N 177 
UAR "H1'"  H  N N 178 
UAR H3     H  N N 179 
UAR H5     H  N N 180 
UAR H6     H  N N 181 
# 
loop_
_chem_comp_bond.comp_id 
_chem_comp_bond.atom_id_1 
_chem_comp_bond.atom_id_2 
_chem_comp_bond.value_order 
_chem_comp_bond.pdbx_aromatic_flag 
_chem_comp_bond.pdbx_stereo_config 
_chem_comp_bond.pdbx_ordinal 
DA  OP3   P      sing N N 1   
DA  OP3   HOP3   sing N N 2   
DA  P     OP1    doub N N 3   
DA  P     OP2    sing N N 4   
DA  P     "O5'"  sing N N 5   
DA  OP2   HOP2   sing N N 6   
DA  "O5'" "C5'"  sing N N 7   
DA  "C5'" "C4'"  sing N N 8   
DA  "C5'" "H5'"  sing N N 9   
DA  "C5'" "H5''" sing N N 10  
DA  "C4'" "O4'"  sing N N 11  
DA  "C4'" "C3'"  sing N N 12  
DA  "C4'" "H4'"  sing N N 13  
DA  "O4'" "C1'"  sing N N 14  
DA  "C3'" "O3'"  sing N N 15  
DA  "C3'" "C2'"  sing N N 16  
DA  "C3'" "H3'"  sing N N 17  
DA  "O3'" "HO3'" sing N N 18  
DA  "C2'" "C1'"  sing N N 19  
DA  "C2'" "H2'"  sing N N 20  
DA  "C2'" "H2''" sing N N 21  
DA  "C1'" N9     sing N N 22  
DA  "C1'" "H1'"  sing N N 23  
DA  N9    C8     sing Y N 24  
DA  N9    C4     sing Y N 25  
DA  C8    N7     doub Y N 26  
DA  C8    H8     sing N N 27  
DA  N7    C5     sing Y N 28  
DA  C5    C6     sing Y N 29  
DA  C5    C4     doub Y N 30  
DA  C6    N6     sing N N 31  
DA  C6    N1     doub Y N 32  
DA  N6    H61    sing N N 33  
DA  N6    H62    sing N N 34  
DA  N1    C2     sing Y N 35  
DA  C2    N3     doub Y N 36  
DA  C2    H2     sing N N 37  
DA  N3    C4     sing Y N 38  
DC  OP3   P      sing N N 39  
DC  OP3   HOP3   sing N N 40  
DC  P     OP1    doub N N 41  
DC  P     OP2    sing N N 42  
DC  P     "O5'"  sing N N 43  
DC  OP2   HOP2   sing N N 44  
DC  "O5'" "C5'"  sing N N 45  
DC  "C5'" "C4'"  sing N N 46  
DC  "C5'" "H5'"  sing N N 47  
DC  "C5'" "H5''" sing N N 48  
DC  "C4'" "O4'"  sing N N 49  
DC  "C4'" "C3'"  sing N N 50  
DC  "C4'" "H4'"  sing N N 51  
DC  "O4'" "C1'"  sing N N 52  
DC  "C3'" "O3'"  sing N N 53  
DC  "C3'" "C2'"  sing N N 54  
DC  "C3'" "H3'"  sing N N 55  
DC  "O3'" "HO3'" sing N N 56  
DC  "C2'" "C1'"  sing N N 57  
DC  "C2'" "H2'"  sing N N 58  
DC  "C2'" "H2''" sing N N 59  
DC  "C1'" N1     sing N N 60  
DC  "C1'" "H1'"  sing N N 61  
DC  N1    C2     sing N N 62  
DC  N1    C6     sing N N 63  
DC  C2    O2     doub N N 64  
DC  C2    N3     sing N N 65  
DC  N3    C4     doub N N 66  
DC  C4    N4     sing N N 67  
DC  C4    C5     sing N N 68  
DC  N4    H41    sing N N 69  
DC  N4    H42    sing N N 70  
DC  C5    C6     doub N N 71  
DC  C5    H5     sing N N 72  
DC  C6    H6     sing N N 73  
DG  OP3   P      sing N N 74  
DG  OP3   HOP3   sing N N 75  
DG  P     OP1    doub N N 76  
DG  P     OP2    sing N N 77  
DG  P     "O5'"  sing N N 78  
DG  OP2   HOP2   sing N N 79  
DG  "O5'" "C5'"  sing N N 80  
DG  "C5'" "C4'"  sing N N 81  
DG  "C5'" "H5'"  sing N N 82  
DG  "C5'" "H5''" sing N N 83  
DG  "C4'" "O4'"  sing N N 84  
DG  "C4'" "C3'"  sing N N 85  
DG  "C4'" "H4'"  sing N N 86  
DG  "O4'" "C1'"  sing N N 87  
DG  "C3'" "O3'"  sing N N 88  
DG  "C3'" "C2'"  sing N N 89  
DG  "C3'" "H3'"  sing N N 90  
DG  "O3'" "HO3'" sing N N 91  
DG  "C2'" "C1'"  sing N N 92  
DG  "C2'" "H2'"  sing N N 93  
DG  "C2'" "H2''" sing N N 94  
DG  "C1'" N9     sing N N 95  
DG  "C1'" "H1'"  sing N N 96  
DG  N9    C8     sing Y N 97  
DG  N9    C4     sing Y N 98  
DG  C8    N7     doub Y N 99  
DG  C8    H8     sing N N 100 
DG  N7    C5     sing Y N 101 
DG  C5    C6     sing N N 102 
DG  C5    C4     doub Y N 103 
DG  C6    O6     doub N N 104 
DG  C6    N1     sing N N 105 
DG  N1    C2     sing N N 106 
DG  N1    H1     sing N N 107 
DG  C2    N2     sing N N 108 
DG  C2    N3     doub N N 109 
DG  N2    H21    sing N N 110 
DG  N2    H22    sing N N 111 
DG  N3    C4     sing N N 112 
DT  OP3   P      sing N N 113 
DT  OP3   HOP3   sing N N 114 
DT  P     OP1    doub N N 115 
DT  P     OP2    sing N N 116 
DT  P     "O5'"  sing N N 117 
DT  OP2   HOP2   sing N N 118 
DT  "O5'" "C5'"  sing N N 119 
DT  "C5'" "C4'"  sing N N 120 
DT  "C5'" "H5'"  sing N N 121 
DT  "C5'" "H5''" sing N N 122 
DT  "C4'" "O4'"  sing N N 123 
DT  "C4'" "C3'"  sing N N 124 
DT  "C4'" "H4'"  sing N N 125 
DT  "O4'" "C1'"  sing N N 126 
DT  "C3'" "O3'"  sing N N 127 
DT  "C3'" "C2'"  sing N N 128 
DT  "C3'" "H3'"  sing N N 129 
DT  "O3'" "HO3'" sing N N 130 
DT  "C2'" "C1'"  sing N N 131 
DT  "C2'" "H2'"  sing N N 132 
DT  "C2'" "H2''" sing N N 133 
DT  "C1'" N1     sing N N 134 
DT  "C1'" "H1'"  sing N N 135 
DT  N1    C2     sing N N 136 
DT  N1    C6     sing N N 137 
DT  C2    O2     doub N N 138 
DT  C2    N3     sing N N 139 
DT  N3    C4     sing N N 140 
DT  N3    H3     sing N N 141 
DT  C4    O4     doub N N 142 
DT  C4    C5     sing N N 143 
DT  C5    C7     sing N N 144 
DT  C5    C6     doub N N 145 
DT  C7    H71    sing N N 146 
DT  C7    H72    sing N N 147 
DT  C7    H73    sing N N 148 
DT  C6    H6     sing N N 149 
HOH O     H1     sing N N 150 
HOH O     H2     sing N N 151 
UAR OP3   P      sing N N 152 
UAR OP3   HOP3   sing N N 153 
UAR P     OP1    doub N N 154 
UAR P     OP2    sing N N 155 
UAR P     "O5'"  sing N N 156 
UAR OP2   HOP2   sing N N 157 
UAR "O5'" "C5'"  sing N N 158 
UAR "C5'" "C4'"  sing N N 159 
UAR "C5'" "H5'"  sing N N 160 
UAR "C5'" "H5''" sing N N 161 
UAR "C4'" "O4'"  sing N N 162 
UAR "C4'" "C3'"  sing N N 163 
UAR "C4'" "H4'"  sing N N 164 
UAR "O4'" "C1'"  sing N N 165 
UAR "C3'" "O3'"  sing N N 166 
UAR "C3'" "C2'"  sing N N 167 
UAR "C3'" "H3'"  sing N N 168 
UAR "O3'" "HO3'" sing N N 169 
UAR "C2'" "O2'"  sing N N 170 
UAR "C2'" "C1'"  sing N N 171 
UAR "C2'" "H2'"  sing N N 172 
UAR "O2'" "HO2'" sing N N 173 
UAR "C1'" N1     sing N N 174 
UAR "C1'" "H1'"  sing N N 175 
UAR N1    C2     sing N N 176 
UAR N1    C6     sing N N 177 
UAR C2    O2     doub N N 178 
UAR C2    N3     sing N N 179 
UAR N3    C4     sing N N 180 
UAR N3    H3     sing N N 181 
UAR C4    O4     doub N N 182 
UAR C4    C5     sing N N 183 
UAR C5    C6     doub N N 184 
UAR C5    H5     sing N N 185 
UAR C6    H6     sing N N 186 
# 
_ndb_struct_conf_na.entry_id   2FII 
_ndb_struct_conf_na.feature    'b-form double helix' 
# 
loop_
_ndb_struct_na_base_pair.model_number 
_ndb_struct_na_base_pair.i_label_asym_id 
_ndb_struct_na_base_pair.i_label_comp_id 
_ndb_struct_na_base_pair.i_label_seq_id 
_ndb_struct_na_base_pair.i_symmetry 
_ndb_struct_na_base_pair.j_label_asym_id 
_ndb_struct_na_base_pair.j_label_comp_id 
_ndb_struct_na_base_pair.j_label_seq_id 
_ndb_struct_na_base_pair.j_symmetry 
_ndb_struct_na_base_pair.shear 
_ndb_struct_na_base_pair.stretch 
_ndb_struct_na_base_pair.stagger 
_ndb_struct_na_base_pair.buckle 
_ndb_struct_na_base_pair.propeller 
_ndb_struct_na_base_pair.opening 
_ndb_struct_na_base_pair.pair_number 
_ndb_struct_na_base_pair.pair_name 
_ndb_struct_na_base_pair.i_auth_asym_id 
_ndb_struct_na_base_pair.i_auth_seq_id 
_ndb_struct_na_base_pair.i_PDB_ins_code 
_ndb_struct_na_base_pair.j_auth_asym_id 
_ndb_struct_na_base_pair.j_auth_seq_id 
_ndb_struct_na_base_pair.j_PDB_ins_code 
_ndb_struct_na_base_pair.hbond_type_28 
_ndb_struct_na_base_pair.hbond_type_12 
1 A DC  1  1_555 B DG  12 1_555 0.261  -0.149 0.105  5.894   -16.951 0.100  1  A_DC1:DG124_B  A 1  ? B 124 ? 19 1 
1 A DG  2  1_555 B DC  11 1_555 -0.213 -0.186 0.456  7.948   -11.085 -2.077 2  A_DG2:DC123_B  A 2  ? B 123 ? 19 1 
1 A DC  3  1_555 B DG  10 1_555 0.142  -0.144 0.141  -3.181  -5.060  -1.403 3  A_DC3:DG122_B  A 3  ? B 122 ? 19 1 
1 A DG  4  1_555 B DC  9  1_555 -0.204 -0.113 0.073  14.016  -7.266  0.153  4  A_DG4:DC121_B  A 4  ? B 121 ? 19 1 
1 A DA  5  1_555 B UAR 8  1_555 0.071  -0.093 0.092  9.824   -14.676 3.831  5  A_DA5:UAR120_B A 5  ? B 120 ? 20 1 
1 A DA  6  1_555 B DT  7  1_555 0.048  -0.060 -0.009 -0.436  -16.611 6.246  6  A_DA6:DT119_B  A 6  ? B 119 ? 20 1 
1 A DT  7  1_555 B DA  6  1_555 -0.020 -0.087 0.017  -0.760  -16.282 4.977  7  A_DT7:DA118_B  A 7  ? B 118 ? 20 1 
1 A UAR 8  1_555 B DA  5  1_555 -0.018 -0.104 0.012  -5.279  -11.808 3.274  8  A_UAR8:DA117_B A 8  ? B 117 ? 20 1 
1 A DC  9  1_555 B DG  4  1_555 0.166  -0.080 0.089  -12.912 -7.331  -1.866 9  A_DC9:DG116_B  A 9  ? B 116 ? 19 1 
1 A DG  10 1_555 B DC  3  1_555 -0.132 -0.078 0.340  8.251   -5.879  2.651  10 A_DG10:DC115_B A 10 ? B 115 ? 19 1 
1 A DC  11 1_555 B DG  2  1_555 0.112  -0.189 0.209  3.318   -19.138 -2.177 11 A_DC11:DG114_B A 11 ? B 114 ? 19 1 
1 A DG  12 1_555 B DC  1  1_555 -0.208 -0.171 0.301  3.803   -6.008  -1.852 12 A_DG12:DC113_B A 12 ? B 113 ? 19 1 
# 
loop_
_ndb_struct_na_base_pair_step.model_number 
_ndb_struct_na_base_pair_step.i_label_asym_id_1 
_ndb_struct_na_base_pair_step.i_label_comp_id_1 
_ndb_struct_na_base_pair_step.i_label_seq_id_1 
_ndb_struct_na_base_pair_step.i_symmetry_1 
_ndb_struct_na_base_pair_step.j_label_asym_id_1 
_ndb_struct_na_base_pair_step.j_label_comp_id_1 
_ndb_struct_na_base_pair_step.j_label_seq_id_1 
_ndb_struct_na_base_pair_step.j_symmetry_1 
_ndb_struct_na_base_pair_step.i_label_asym_id_2 
_ndb_struct_na_base_pair_step.i_label_comp_id_2 
_ndb_struct_na_base_pair_step.i_label_seq_id_2 
_ndb_struct_na_base_pair_step.i_symmetry_2 
_ndb_struct_na_base_pair_step.j_label_asym_id_2 
_ndb_struct_na_base_pair_step.j_label_comp_id_2 
_ndb_struct_na_base_pair_step.j_label_seq_id_2 
_ndb_struct_na_base_pair_step.j_symmetry_2 
_ndb_struct_na_base_pair_step.shift 
_ndb_struct_na_base_pair_step.slide 
_ndb_struct_na_base_pair_step.rise 
_ndb_struct_na_base_pair_step.tilt 
_ndb_struct_na_base_pair_step.roll 
_ndb_struct_na_base_pair_step.twist 
_ndb_struct_na_base_pair_step.x_displacement 
_ndb_struct_na_base_pair_step.y_displacement 
_ndb_struct_na_base_pair_step.helical_rise 
_ndb_struct_na_base_pair_step.inclination 
_ndb_struct_na_base_pair_step.tip 
_ndb_struct_na_base_pair_step.helical_twist 
_ndb_struct_na_base_pair_step.step_number 
_ndb_struct_na_base_pair_step.step_name 
_ndb_struct_na_base_pair_step.i_auth_asym_id_1 
_ndb_struct_na_base_pair_step.i_auth_seq_id_1 
_ndb_struct_na_base_pair_step.i_PDB_ins_code_1 
_ndb_struct_na_base_pair_step.j_auth_asym_id_1 
_ndb_struct_na_base_pair_step.j_auth_seq_id_1 
_ndb_struct_na_base_pair_step.j_PDB_ins_code_1 
_ndb_struct_na_base_pair_step.i_auth_asym_id_2 
_ndb_struct_na_base_pair_step.i_auth_seq_id_2 
_ndb_struct_na_base_pair_step.i_PDB_ins_code_2 
_ndb_struct_na_base_pair_step.j_auth_asym_id_2 
_ndb_struct_na_base_pair_step.j_auth_seq_id_2 
_ndb_struct_na_base_pair_step.j_PDB_ins_code_2 
1 A DC  1  1_555 B DG  12 1_555 A DG  2  1_555 B DC  11 1_555 -0.106 0.071  3.220 -2.683 7.173   35.070 -0.901 -0.207 3.172 11.731 
4.388  35.870 1  AA_DC1DG2:DC123DG124_BB   A 1  ? B 124 ? A 2  ? B 123 ? 
1 A DG  2  1_555 B DC  11 1_555 A DC  3  1_555 B DG  10 1_555 0.565  0.432  3.596 2.769  -6.277  41.927 1.294  -0.471 3.527 -8.702 
-3.839 42.459 2  AA_DG2DC3:DG122DC123_BB   A 2  ? B 123 ? A 3  ? B 122 ? 
1 A DC  3  1_555 B DG  10 1_555 A DG  4  1_555 B DC  9  1_555 -0.289 0.629  3.008 1.341  9.339   26.569 -0.786 0.892  3.032 19.554 
-2.807 28.166 3  AA_DC3DG4:DC121DG122_BB   A 3  ? B 122 ? A 4  ? B 121 ? 
1 A DG  4  1_555 B DC  9  1_555 A DA  5  1_555 B UAR 8  1_555 0.127  -0.394 3.305 -0.299 2.847   37.152 -0.997 -0.239 3.266 4.460 
0.469  37.259 4  AA_DG4DA5:UAR120DC121_BB  A 4  ? B 121 ? A 5  ? B 120 ? 
1 A DA  5  1_555 B UAR 8  1_555 A DA  6  1_555 B DT  7  1_555 0.052  -0.423 3.408 1.346  1.942   35.533 -0.985 0.119  3.380 3.177 
-2.202 35.609 5  AA_DA5DA6:DT119UAR120_BB  A 5  ? B 120 ? A 6  ? B 119 ? 
1 A DA  6  1_555 B DT  7  1_555 A DT  7  1_555 B DA  6  1_555 -0.036 -0.563 3.191 -0.239 -0.975  31.685 -0.855 0.023  3.206 -1.785 
0.437  31.701 6  AA_DA6DT7:DA118DT119_BB   A 6  ? B 119 ? A 7  ? B 118 ? 
1 A DT  7  1_555 B DA  6  1_555 A UAR 8  1_555 B DA  5  1_555 -0.037 -0.403 3.278 0.264  -0.529  34.917 -0.591 0.102  3.283 -0.882 
-0.439 34.921 7  AA_DT7UAR8:DA117DA118_BB  A 7  ? B 118 ? A 8  ? B 117 ? 
1 A UAR 8  1_555 B DA  5  1_555 A DC  9  1_555 B DG  4  1_555 -0.275 -0.384 3.422 0.493  -2.851  41.335 -0.224 0.444  3.437 -4.032 
-0.698 41.432 8  AA_UAR8DC9:DG116DA117_BB  A 8  ? B 117 ? A 9  ? B 116 ? 
1 A DC  9  1_555 B DG  4  1_555 A DG  10 1_555 B DC  3  1_555 0.572  0.725  2.898 -3.547 3.624   26.203 0.730  -2.062 2.869 7.899 
7.732  26.681 9  AA_DC9DG10:DC115DG116_BB  A 9  ? B 116 ? A 10 ? B 115 ? 
1 A DG  10 1_555 B DC  3  1_555 A DC  11 1_555 B DG  2  1_555 -1.230 0.619  3.456 -0.829 -11.175 43.330 1.876  1.539  3.231 
-14.841 1.101  44.688 10 AA_DG10DC11:DG114DC115_BB A 10 ? B 115 ? A 11 ? B 114 ? 
1 A DC  11 1_555 B DG  2  1_555 A DG  12 1_555 B DC  1  1_555 0.265  0.430  3.254 -0.585 5.220   33.376 -0.109 -0.550 3.276 9.019 
1.011  33.775 11 AA_DC11DG12:DC113DG114_BB A 11 ? B 114 ? A 12 ? B 113 ? 
# 
loop_
_pdbx_entity_nonpoly.entity_id 
_pdbx_entity_nonpoly.name 
_pdbx_entity_nonpoly.comp_id 
2 'MAGNESIUM ION' MG  
3 water           HOH 
# 
_pdbx_initial_refinement_model.id               1 
_pdbx_initial_refinement_model.entity_id_list   ? 
_pdbx_initial_refinement_model.type             'experimental model' 
_pdbx_initial_refinement_model.source_name      PDB 
_pdbx_initial_refinement_model.accession_code   355D 
_pdbx_initial_refinement_model.details          'NDB entry BDL084/PDB entry 355D' 
# 
